data_8H25
#
_entry.id   8H25
#
_cell.length_a   92.384
_cell.length_b   110.998
_cell.length_c   120.337
_cell.angle_alpha   90.000
_cell.angle_beta   90.015
_cell.angle_gamma   90.000
#
_symmetry.space_group_name_H-M   'P 1 21 1'
#
loop_
_entity.id
_entity.type
_entity.pdbx_description
1 polymer Beta-galactosidase
2 non-polymer DI(HYDROXYETHYL)ETHER
3 non-polymer '4-(2-HYDROXYETHYL)-1-PIPERAZINE ETHANESULFONIC ACID'
4 non-polymer GLYCEROL
5 water water
#
_entity_poly.entity_id   1
_entity_poly.type   'polypeptide(L)'
_entity_poly.pdbx_seq_one_letter_code
;MTTFSIEHDFMLDGKPFKILSGAIHYFRVHPDDWYHSLYNLKALGFNTVETYVPWNLHEYREGEFDFSGILDIEHFLDVA
EDLGLYAIVRPSPYICAEWEFGGFPAWLLTKSMRLRTDDPNYLQAIDRYYAALMPHLVNHQVTHGGNVLMMQVENEYGSY
GEDHDYLAALAKLMKKHGVDVPLFTSDGPWPATLNAGSMINDGILATGNFGSAADKNFDRLAAFHQAHGQDWPLMCMEFW
DGWFNRWGEPIIRRDPDETAEDLRAVIERGSVNLYMFHGGTNFGFMNGTSARKDHDLPQVTSYDYDAPLNEQGNPTPKYF
AIQKMLHEVLPDIQQAEPLVKPTLAPAEHPLTAKVSLFAVLDQLAKPVAAAYPQTQEFLGQYTGYTLYRAQPLISGTDKG
TPAKLRVIDARDRIQAYLDQHWLATQYQEAIGDDILLPQVEGHHQLDLLVENMSRVNYGAKIEAITQFKGIRTGVMVDLH
FIKGYQQYPLDLNQAPELDFSKDWQPETPAFYKYTFDLTEPHDTYLDCRGFGKGVMLVNGVNVGRFWEKGPTLSLYVPAG
LLHAGQNEVIVFETEGRYAESLKMADHPIFEEPNNEEEHHHHHH
;
_entity_poly.pdbx_strand_id   A,B,C,D
#
# COMPACT_ATOMS: atom_id res chain seq x y z
N THR A 2 -15.62 -49.41 -35.55
CA THR A 2 -14.46 -48.46 -35.61
C THR A 2 -13.34 -48.97 -34.69
N THR A 3 -12.10 -48.89 -35.20
CA THR A 3 -10.91 -49.21 -34.42
C THR A 3 -10.10 -47.93 -34.24
N PHE A 4 -9.41 -47.83 -33.09
CA PHE A 4 -8.55 -46.68 -32.81
C PHE A 4 -7.34 -47.11 -31.97
N SER A 5 -6.14 -46.73 -32.44
CA SER A 5 -4.90 -46.95 -31.69
C SER A 5 -3.90 -45.83 -32.01
N ILE A 6 -2.78 -45.81 -31.28
CA ILE A 6 -1.80 -44.74 -31.38
C ILE A 6 -0.46 -45.32 -31.81
N GLU A 7 0.02 -44.89 -32.99
CA GLU A 7 1.36 -45.16 -33.47
C GLU A 7 2.02 -43.83 -33.83
N HIS A 8 2.72 -43.76 -34.97
CA HIS A 8 3.29 -42.51 -35.45
C HIS A 8 2.17 -41.50 -35.67
N ASP A 9 1.08 -41.96 -36.29
CA ASP A 9 -0.15 -41.20 -36.37
C ASP A 9 -1.19 -41.90 -35.51
N PHE A 10 -2.30 -41.19 -35.24
CA PHE A 10 -3.53 -41.84 -34.82
C PHE A 10 -3.95 -42.78 -35.94
N MET A 11 -4.30 -44.01 -35.58
CA MET A 11 -4.75 -44.99 -36.56
C MET A 11 -6.24 -45.25 -36.33
N LEU A 12 -7.06 -44.79 -37.28
CA LEU A 12 -8.50 -45.01 -37.26
C LEU A 12 -8.87 -45.95 -38.41
N ASP A 13 -9.33 -47.15 -38.07
CA ASP A 13 -9.65 -48.19 -39.05
C ASP A 13 -8.40 -48.52 -39.88
N GLY A 14 -7.24 -48.55 -39.22
CA GLY A 14 -5.99 -48.96 -39.83
C GLY A 14 -5.29 -47.84 -40.60
N LYS A 15 -5.94 -46.68 -40.73
CA LYS A 15 -5.47 -45.61 -41.60
C LYS A 15 -5.04 -44.41 -40.76
N PRO A 16 -3.93 -43.71 -41.13
CA PRO A 16 -3.56 -42.46 -40.48
C PRO A 16 -4.71 -41.46 -40.39
N PHE A 17 -4.93 -40.92 -39.18
CA PHE A 17 -6.08 -40.05 -38.91
C PHE A 17 -5.62 -38.77 -38.22
N LYS A 18 -6.19 -37.64 -38.65
CA LYS A 18 -5.97 -36.37 -37.97
C LYS A 18 -7.25 -36.03 -37.19
N ILE A 19 -7.11 -35.91 -35.86
CA ILE A 19 -8.22 -35.52 -35.02
C ILE A 19 -8.40 -34.02 -35.13
N LEU A 20 -9.60 -33.60 -35.55
CA LEU A 20 -10.04 -32.22 -35.52
C LEU A 20 -11.21 -32.12 -34.56
N SER A 21 -10.92 -31.70 -33.32
CA SER A 21 -11.89 -31.74 -32.24
C SER A 21 -12.28 -30.33 -31.82
N GLY A 22 -13.45 -30.23 -31.18
CA GLY A 22 -13.96 -29.00 -30.61
C GLY A 22 -14.63 -29.25 -29.26
N ALA A 23 -14.30 -28.41 -28.27
CA ALA A 23 -14.79 -28.58 -26.92
C ALA A 23 -16.20 -28.03 -26.80
N ILE A 24 -17.13 -28.91 -26.41
CA ILE A 24 -18.48 -28.51 -26.04
C ILE A 24 -18.80 -29.20 -24.72
N HIS A 25 -19.08 -28.39 -23.70
CA HIS A 25 -19.40 -28.92 -22.39
C HIS A 25 -20.92 -29.06 -22.33
N TYR A 26 -21.39 -30.32 -22.39
CA TYR A 26 -22.82 -30.62 -22.36
C TYR A 26 -23.49 -29.95 -21.16
N PHE A 27 -22.76 -29.85 -20.05
CA PHE A 27 -23.32 -29.35 -18.80
C PHE A 27 -23.43 -27.83 -18.81
N ARG A 28 -22.90 -27.17 -19.85
CA ARG A 28 -22.95 -25.71 -19.97
C ARG A 28 -23.89 -25.27 -21.10
N VAL A 29 -24.68 -26.21 -21.65
CA VAL A 29 -25.56 -25.94 -22.77
C VAL A 29 -26.87 -26.70 -22.55
N HIS A 30 -28.01 -26.01 -22.76
CA HIS A 30 -29.30 -26.64 -22.61
C HIS A 30 -29.39 -27.82 -23.58
N PRO A 31 -29.87 -29.01 -23.13
CA PRO A 31 -29.89 -30.20 -24.00
C PRO A 31 -30.70 -30.05 -25.29
N ASP A 32 -31.66 -29.12 -25.30
CA ASP A 32 -32.42 -28.82 -26.52
C ASP A 32 -31.50 -28.26 -27.61
N ASP A 33 -30.35 -27.68 -27.23
CA ASP A 33 -29.46 -27.04 -28.19
C ASP A 33 -28.20 -27.86 -28.45
N TRP A 34 -28.14 -29.10 -27.96
CA TRP A 34 -27.00 -29.97 -28.19
C TRP A 34 -26.85 -30.26 -29.69
N TYR A 35 -27.94 -30.69 -30.34
CA TYR A 35 -27.93 -30.98 -31.76
C TYR A 35 -27.38 -29.79 -32.54
N HIS A 36 -27.92 -28.60 -32.24
CA HIS A 36 -27.51 -27.35 -32.86
C HIS A 36 -25.99 -27.21 -32.82
N SER A 37 -25.41 -27.22 -31.61
CA SER A 37 -24.00 -26.97 -31.43
C SER A 37 -23.15 -28.04 -32.12
N LEU A 38 -23.55 -29.30 -31.96
CA LEU A 38 -22.83 -30.42 -32.56
C LEU A 38 -22.89 -30.32 -34.08
N TYR A 39 -24.08 -30.02 -34.63
CA TYR A 39 -24.24 -29.84 -36.07
C TYR A 39 -23.24 -28.81 -36.57
N ASN A 40 -23.14 -27.68 -35.85
CA ASN A 40 -22.27 -26.60 -36.26
C ASN A 40 -20.80 -27.01 -36.17
N LEU A 41 -20.50 -27.97 -35.28
CA LEU A 41 -19.15 -28.52 -35.20
C LEU A 41 -18.86 -29.36 -36.44
N LYS A 42 -19.84 -30.14 -36.88
CA LYS A 42 -19.72 -30.96 -38.09
C LYS A 42 -19.60 -30.04 -39.31
N ALA A 43 -20.37 -28.94 -39.30
CA ALA A 43 -20.44 -28.02 -40.42
C ALA A 43 -19.12 -27.27 -40.60
N LEU A 44 -18.36 -27.12 -39.52
CA LEU A 44 -17.08 -26.45 -39.55
C LEU A 44 -16.09 -27.30 -40.35
N GLY A 45 -16.29 -28.62 -40.33
CA GLY A 45 -15.39 -29.56 -40.98
C GLY A 45 -14.61 -30.42 -40.00
N PHE A 46 -15.06 -30.42 -38.73
CA PHE A 46 -14.38 -31.14 -37.67
C PHE A 46 -15.02 -32.52 -37.53
N ASN A 47 -14.24 -33.47 -37.01
CA ASN A 47 -14.64 -34.86 -36.98
C ASN A 47 -14.91 -35.35 -35.55
N THR A 48 -14.58 -34.54 -34.53
CA THR A 48 -14.62 -34.98 -33.15
C THR A 48 -15.14 -33.88 -32.23
N VAL A 49 -15.81 -34.32 -31.15
CA VAL A 49 -16.24 -33.42 -30.08
C VAL A 49 -15.55 -33.88 -28.79
N GLU A 50 -15.26 -32.92 -27.91
CA GLU A 50 -14.56 -33.20 -26.66
C GLU A 50 -15.31 -32.54 -25.50
N THR A 51 -15.35 -33.23 -24.35
CA THR A 51 -16.01 -32.70 -23.17
C THR A 51 -15.36 -33.24 -21.90
N TYR A 52 -15.35 -32.37 -20.88
CA TYR A 52 -15.10 -32.77 -19.51
C TYR A 52 -16.32 -33.45 -18.92
N VAL A 53 -16.12 -34.09 -17.77
CA VAL A 53 -17.20 -34.63 -16.96
C VAL A 53 -17.08 -34.03 -15.55
N PRO A 54 -18.06 -33.19 -15.10
CA PRO A 54 -17.95 -32.48 -13.83
C PRO A 54 -18.46 -33.29 -12.63
N TRP A 55 -17.51 -33.78 -11.82
CA TRP A 55 -17.81 -34.60 -10.66
C TRP A 55 -18.82 -33.89 -9.76
N ASN A 56 -18.67 -32.56 -9.59
CA ASN A 56 -19.46 -31.83 -8.61
C ASN A 56 -20.88 -31.55 -9.09
N LEU A 57 -21.23 -31.92 -10.33
CA LEU A 57 -22.63 -31.92 -10.75
C LEU A 57 -23.22 -33.33 -10.72
N HIS A 58 -22.44 -34.32 -11.16
CA HIS A 58 -22.89 -35.70 -11.24
C HIS A 58 -23.04 -36.29 -9.83
N GLU A 59 -22.19 -35.87 -8.89
CA GLU A 59 -22.32 -36.25 -7.50
C GLU A 59 -22.27 -34.99 -6.62
N TYR A 60 -23.27 -34.13 -6.80
CA TYR A 60 -23.35 -32.86 -6.11
C TYR A 60 -23.31 -33.10 -4.59
N ARG A 61 -24.12 -34.05 -4.14
CA ARG A 61 -24.13 -34.52 -2.77
C ARG A 61 -23.67 -35.98 -2.78
N GLU A 62 -22.89 -36.37 -1.75
CA GLU A 62 -22.28 -37.69 -1.72
C GLU A 62 -23.36 -38.76 -1.83
N GLY A 63 -23.22 -39.63 -2.85
CA GLY A 63 -24.13 -40.75 -3.02
C GLY A 63 -25.37 -40.42 -3.86
N GLU A 64 -25.56 -39.14 -4.20
CA GLU A 64 -26.69 -38.71 -4.99
C GLU A 64 -26.24 -38.40 -6.42
N PHE A 65 -26.31 -39.43 -7.28
CA PHE A 65 -25.85 -39.33 -8.65
C PHE A 65 -26.98 -38.83 -9.54
N ASP A 66 -26.62 -38.04 -10.56
CA ASP A 66 -27.58 -37.49 -11.50
C ASP A 66 -26.95 -37.53 -12.89
N PHE A 67 -27.64 -38.20 -13.82
CA PHE A 67 -27.22 -38.29 -15.22
C PHE A 67 -28.42 -38.01 -16.12
N SER A 68 -29.33 -37.14 -15.66
CA SER A 68 -30.56 -36.84 -16.39
C SER A 68 -30.52 -35.41 -16.91
N GLY A 69 -31.37 -35.13 -17.92
CA GLY A 69 -31.50 -33.79 -18.46
C GLY A 69 -30.19 -33.26 -19.04
N ILE A 70 -29.70 -32.15 -18.50
CA ILE A 70 -28.50 -31.49 -18.98
C ILE A 70 -27.26 -32.29 -18.59
N LEU A 71 -27.42 -33.27 -17.69
CA LEU A 71 -26.31 -34.12 -17.26
C LEU A 71 -26.35 -35.48 -17.94
N ASP A 72 -27.20 -35.65 -18.97
CA ASP A 72 -27.31 -36.94 -19.65
C ASP A 72 -26.23 -37.05 -20.72
N ILE A 73 -25.04 -37.48 -20.30
CA ILE A 73 -23.87 -37.57 -21.17
C ILE A 73 -24.08 -38.63 -22.24
N GLU A 74 -24.87 -39.68 -21.92
CA GLU A 74 -25.15 -40.73 -22.88
C GLU A 74 -25.88 -40.17 -24.09
N HIS A 75 -26.90 -39.33 -23.83
CA HIS A 75 -27.70 -38.72 -24.89
C HIS A 75 -26.83 -37.74 -25.68
N PHE A 76 -25.94 -37.02 -24.99
CA PHE A 76 -25.03 -36.10 -25.64
C PHE A 76 -24.16 -36.85 -26.66
N LEU A 77 -23.54 -37.94 -26.22
CA LEU A 77 -22.64 -38.73 -27.07
C LEU A 77 -23.42 -39.40 -28.20
N ASP A 78 -24.70 -39.72 -27.97
CA ASP A 78 -25.56 -40.28 -28.99
C ASP A 78 -25.80 -39.27 -30.11
N VAL A 79 -26.17 -38.04 -29.75
CA VAL A 79 -26.44 -37.00 -30.74
C VAL A 79 -25.19 -36.76 -31.58
N ALA A 80 -24.01 -36.82 -30.95
CA ALA A 80 -22.75 -36.63 -31.66
C ALA A 80 -22.53 -37.76 -32.68
N GLU A 81 -22.73 -39.01 -32.23
CA GLU A 81 -22.53 -40.18 -33.07
C GLU A 81 -23.47 -40.11 -34.28
N ASP A 82 -24.74 -39.79 -34.05
CA ASP A 82 -25.75 -39.75 -35.09
C ASP A 82 -25.42 -38.67 -36.13
N LEU A 83 -24.67 -37.63 -35.73
CA LEU A 83 -24.19 -36.60 -36.64
C LEU A 83 -22.86 -37.04 -37.28
N GLY A 84 -22.37 -38.22 -36.93
CA GLY A 84 -21.18 -38.77 -37.53
C GLY A 84 -19.89 -38.21 -36.93
N LEU A 85 -19.96 -37.71 -35.68
CA LEU A 85 -18.79 -37.22 -34.97
C LEU A 85 -18.26 -38.32 -34.04
N TYR A 86 -16.93 -38.41 -33.94
CA TYR A 86 -16.25 -39.17 -32.90
C TYR A 86 -16.23 -38.31 -31.63
N ALA A 87 -15.68 -38.85 -30.53
CA ALA A 87 -15.70 -38.16 -29.24
C ALA A 87 -14.44 -38.44 -28.44
N ILE A 88 -14.04 -37.44 -27.65
CA ILE A 88 -13.00 -37.56 -26.63
C ILE A 88 -13.62 -37.14 -25.31
N VAL A 89 -13.52 -38.00 -24.30
CA VAL A 89 -14.07 -37.72 -22.98
C VAL A 89 -12.91 -37.53 -22.03
N ARG A 90 -13.04 -36.57 -21.11
CA ARG A 90 -12.01 -36.30 -20.13
C ARG A 90 -12.64 -36.36 -18.75
N PRO A 91 -12.78 -37.58 -18.17
CA PRO A 91 -13.54 -37.78 -16.93
C PRO A 91 -12.69 -37.73 -15.68
N SER A 92 -11.79 -36.75 -15.61
CA SER A 92 -10.89 -36.59 -14.48
C SER A 92 -11.70 -36.08 -13.29
N PRO A 93 -11.32 -36.44 -12.04
CA PRO A 93 -11.95 -35.85 -10.85
C PRO A 93 -11.72 -34.34 -10.81
N TYR A 94 -10.55 -33.92 -11.33
CA TYR A 94 -10.21 -32.52 -11.49
C TYR A 94 -10.21 -32.16 -12.97
N ILE A 95 -11.01 -31.15 -13.35
CA ILE A 95 -11.15 -30.77 -14.74
C ILE A 95 -10.73 -29.31 -14.98
N CYS A 96 -10.51 -28.54 -13.90
CA CYS A 96 -10.15 -27.12 -14.00
C CYS A 96 -11.30 -26.35 -14.62
N ALA A 97 -11.25 -26.13 -15.95
CA ALA A 97 -12.40 -25.82 -16.77
C ALA A 97 -13.02 -24.46 -16.43
N GLU A 98 -12.29 -23.60 -15.69
CA GLU A 98 -12.87 -22.36 -15.19
C GLU A 98 -14.20 -22.68 -14.54
N TRP A 99 -14.19 -23.63 -13.60
CA TRP A 99 -15.39 -24.24 -13.06
C TRP A 99 -15.22 -24.38 -11.55
N GLU A 100 -16.32 -24.12 -10.82
CA GLU A 100 -16.36 -24.22 -9.37
C GLU A 100 -15.48 -25.38 -8.90
N PHE A 101 -14.42 -25.02 -8.16
CA PHE A 101 -13.54 -25.94 -7.46
C PHE A 101 -12.83 -26.89 -8.43
N GLY A 102 -12.73 -26.48 -9.71
CA GLY A 102 -12.15 -27.32 -10.73
C GLY A 102 -12.84 -28.67 -10.86
N GLY A 103 -14.11 -28.74 -10.44
CA GLY A 103 -14.93 -29.94 -10.62
C GLY A 103 -15.05 -30.78 -9.36
N PHE A 104 -14.24 -30.49 -8.33
CA PHE A 104 -14.27 -31.25 -7.10
C PHE A 104 -15.55 -30.94 -6.33
N PRO A 105 -16.31 -31.97 -5.87
CA PRO A 105 -17.43 -31.77 -4.95
C PRO A 105 -16.99 -31.13 -3.63
N ALA A 106 -17.79 -30.17 -3.15
CA ALA A 106 -17.41 -29.38 -1.98
C ALA A 106 -17.31 -30.27 -0.73
N TRP A 107 -18.05 -31.40 -0.71
CA TRP A 107 -18.07 -32.25 0.47
C TRP A 107 -16.74 -32.96 0.69
N LEU A 108 -15.86 -32.96 -0.32
CA LEU A 108 -14.49 -33.46 -0.16
C LEU A 108 -13.73 -32.67 0.91
N LEU A 109 -14.09 -31.39 1.09
CA LEU A 109 -13.43 -30.53 2.07
C LEU A 109 -13.71 -31.01 3.50
N THR A 110 -14.83 -31.71 3.71
CA THR A 110 -15.22 -32.17 5.03
C THR A 110 -14.52 -33.50 5.36
N LYS A 111 -13.77 -34.05 4.41
CA LYS A 111 -13.09 -35.33 4.63
C LYS A 111 -11.60 -35.09 4.87
N SER A 112 -10.95 -36.06 5.52
CA SER A 112 -9.51 -36.03 5.74
C SER A 112 -8.83 -36.60 4.50
N MET A 113 -8.19 -35.73 3.70
CA MET A 113 -7.95 -36.05 2.30
C MET A 113 -7.09 -34.96 1.64
N ARG A 114 -6.02 -35.38 0.96
CA ARG A 114 -5.15 -34.45 0.24
C ARG A 114 -5.36 -34.63 -1.27
N LEU A 115 -6.01 -33.63 -1.89
CA LEU A 115 -6.47 -33.74 -3.26
C LEU A 115 -5.30 -33.78 -4.24
N ARG A 116 -5.48 -34.58 -5.30
CA ARG A 116 -4.53 -34.73 -6.41
C ARG A 116 -3.20 -35.27 -5.91
N THR A 117 -3.27 -36.28 -5.03
CA THR A 117 -2.10 -36.99 -4.54
C THR A 117 -2.48 -38.45 -4.34
N ASP A 118 -1.48 -39.30 -4.05
CA ASP A 118 -1.71 -40.72 -3.80
C ASP A 118 -2.27 -40.88 -2.38
N ASP A 119 -3.52 -40.41 -2.19
CA ASP A 119 -4.21 -40.47 -0.92
C ASP A 119 -5.26 -41.56 -1.02
N PRO A 120 -5.27 -42.57 -0.12
CA PRO A 120 -6.20 -43.70 -0.27
C PRO A 120 -7.67 -43.33 -0.18
N ASN A 121 -8.00 -42.33 0.66
CA ASN A 121 -9.38 -41.88 0.80
C ASN A 121 -9.82 -41.13 -0.44
N TYR A 122 -8.89 -40.38 -1.04
CA TYR A 122 -9.15 -39.62 -2.26
C TYR A 122 -9.42 -40.59 -3.41
N LEU A 123 -8.53 -41.57 -3.59
CA LEU A 123 -8.65 -42.53 -4.67
C LEU A 123 -9.91 -43.37 -4.51
N GLN A 124 -10.25 -43.71 -3.25
CA GLN A 124 -11.45 -44.49 -2.98
C GLN A 124 -12.68 -43.70 -3.43
N ALA A 125 -12.74 -42.40 -3.11
CA ALA A 125 -13.89 -41.58 -3.45
C ALA A 125 -14.04 -41.49 -4.97
N ILE A 126 -12.90 -41.46 -5.68
CA ILE A 126 -12.91 -41.48 -7.14
C ILE A 126 -13.44 -42.82 -7.64
N ASP A 127 -12.99 -43.91 -7.01
CA ASP A 127 -13.44 -45.26 -7.34
C ASP A 127 -14.96 -45.34 -7.30
N ARG A 128 -15.54 -44.78 -6.23
CA ARG A 128 -16.98 -44.82 -6.01
C ARG A 128 -17.70 -43.93 -7.01
N TYR A 129 -17.10 -42.78 -7.34
CA TYR A 129 -17.62 -41.89 -8.37
C TYR A 129 -17.64 -42.65 -9.72
N TYR A 130 -16.54 -43.35 -10.03
CA TYR A 130 -16.39 -44.02 -11.31
C TYR A 130 -17.35 -45.20 -11.42
N ALA A 131 -17.74 -45.80 -10.29
CA ALA A 131 -18.71 -46.90 -10.30
C ALA A 131 -20.05 -46.43 -10.86
N ALA A 132 -20.39 -45.15 -10.65
CA ALA A 132 -21.64 -44.58 -11.14
C ALA A 132 -21.46 -44.03 -12.55
N LEU A 133 -20.30 -43.42 -12.83
CA LEU A 133 -20.09 -42.71 -14.07
C LEU A 133 -19.77 -43.67 -15.22
N MET A 134 -18.85 -44.60 -14.99
CA MET A 134 -18.22 -45.31 -16.08
C MET A 134 -19.20 -46.21 -16.82
N PRO A 135 -20.27 -46.76 -16.19
CA PRO A 135 -21.34 -47.42 -16.94
C PRO A 135 -22.01 -46.56 -18.01
N HIS A 136 -22.00 -45.24 -17.83
CA HIS A 136 -22.55 -44.33 -18.82
C HIS A 136 -21.55 -44.03 -19.93
N LEU A 137 -20.31 -44.55 -19.82
CA LEU A 137 -19.27 -44.27 -20.80
C LEU A 137 -18.79 -45.54 -21.50
N VAL A 138 -18.72 -46.66 -20.76
CA VAL A 138 -18.04 -47.86 -21.21
C VAL A 138 -18.51 -48.26 -22.60
N ASN A 139 -19.83 -48.35 -22.79
CA ASN A 139 -20.40 -48.88 -24.01
C ASN A 139 -20.38 -47.84 -25.13
N HIS A 140 -19.98 -46.60 -24.84
CA HIS A 140 -19.86 -45.57 -25.85
C HIS A 140 -18.47 -45.58 -26.47
N GLN A 141 -17.56 -46.40 -25.93
CA GLN A 141 -16.23 -46.57 -26.50
C GLN A 141 -16.33 -47.22 -27.88
N VAL A 142 -15.33 -46.95 -28.74
CA VAL A 142 -15.27 -47.55 -30.06
C VAL A 142 -15.11 -49.07 -29.91
N THR A 143 -14.45 -49.51 -28.83
CA THR A 143 -14.25 -50.91 -28.55
C THR A 143 -15.59 -51.62 -28.28
N HIS A 144 -16.64 -50.86 -27.98
CA HIS A 144 -17.97 -51.42 -27.74
C HIS A 144 -18.97 -50.93 -28.78
N GLY A 145 -18.47 -50.38 -29.90
CA GLY A 145 -19.33 -49.99 -31.01
C GLY A 145 -19.77 -48.53 -30.96
N GLY A 146 -19.32 -47.78 -29.94
CA GLY A 146 -19.66 -46.37 -29.81
C GLY A 146 -18.70 -45.48 -30.59
N ASN A 147 -18.57 -44.20 -30.17
CA ASN A 147 -17.82 -43.22 -30.94
C ASN A 147 -16.69 -42.58 -30.11
N VAL A 148 -16.45 -43.06 -28.88
CA VAL A 148 -15.42 -42.46 -28.02
C VAL A 148 -14.06 -43.06 -28.35
N LEU A 149 -13.12 -42.20 -28.77
CA LEU A 149 -11.80 -42.60 -29.26
C LEU A 149 -10.79 -42.78 -28.12
N MET A 150 -10.83 -41.92 -27.11
CA MET A 150 -9.78 -41.83 -26.10
C MET A 150 -10.31 -41.11 -24.86
N MET A 151 -9.57 -41.24 -23.75
CA MET A 151 -9.95 -40.61 -22.49
C MET A 151 -8.72 -40.11 -21.75
N GLN A 152 -8.87 -38.96 -21.09
CA GLN A 152 -7.75 -38.29 -20.42
C GLN A 152 -7.60 -38.81 -18.99
N VAL A 153 -6.34 -38.88 -18.54
CA VAL A 153 -6.01 -39.15 -17.15
C VAL A 153 -5.66 -37.81 -16.48
N GLU A 154 -6.37 -37.47 -15.39
CA GLU A 154 -6.16 -36.21 -14.69
C GLU A 154 -6.35 -35.06 -15.68
N ASN A 155 -5.83 -33.87 -15.35
CA ASN A 155 -5.88 -32.72 -16.23
C ASN A 155 -4.79 -31.73 -15.82
N GLU A 156 -3.76 -31.59 -16.68
CA GLU A 156 -2.67 -30.66 -16.46
C GLU A 156 -2.09 -30.87 -15.06
N TYR A 157 -1.75 -32.12 -14.75
CA TYR A 157 -1.30 -32.45 -13.40
C TYR A 157 0.08 -31.87 -13.14
N GLY A 158 0.86 -31.73 -14.22
CA GLY A 158 2.16 -31.07 -14.16
C GLY A 158 2.04 -29.59 -13.79
N SER A 159 0.81 -29.06 -13.78
CA SER A 159 0.57 -27.72 -13.26
C SER A 159 -0.03 -27.78 -11.86
N TYR A 160 0.23 -28.87 -11.12
CA TYR A 160 -0.20 -28.96 -9.72
C TYR A 160 0.72 -29.87 -8.89
N GLY A 161 1.11 -31.03 -9.41
CA GLY A 161 1.91 -31.97 -8.64
C GLY A 161 2.84 -32.82 -9.51
N GLU A 162 3.56 -33.75 -8.86
CA GLU A 162 4.45 -34.68 -9.56
C GLU A 162 4.38 -36.07 -8.91
N ASP A 163 3.24 -36.38 -8.29
CA ASP A 163 3.02 -37.67 -7.66
C ASP A 163 2.64 -38.69 -8.73
N HIS A 164 3.62 -39.51 -9.16
CA HIS A 164 3.40 -40.42 -10.27
C HIS A 164 2.58 -41.63 -9.82
N ASP A 165 2.70 -42.02 -8.55
CA ASP A 165 1.90 -43.10 -7.99
C ASP A 165 0.41 -42.75 -8.09
N TYR A 166 0.08 -41.45 -7.98
CA TYR A 166 -1.29 -40.98 -8.16
C TYR A 166 -1.77 -41.23 -9.59
N LEU A 167 -1.00 -40.78 -10.57
CA LEU A 167 -1.39 -40.92 -11.97
C LEU A 167 -1.59 -42.38 -12.33
N ALA A 168 -0.65 -43.24 -11.89
CA ALA A 168 -0.70 -44.66 -12.19
C ALA A 168 -1.95 -45.28 -11.57
N ALA A 169 -2.27 -44.86 -10.34
CA ALA A 169 -3.42 -45.41 -9.62
C ALA A 169 -4.72 -45.00 -10.31
N LEU A 170 -4.77 -43.76 -10.81
CA LEU A 170 -5.97 -43.24 -11.44
C LEU A 170 -6.21 -43.96 -12.77
N ALA A 171 -5.14 -44.15 -13.56
CA ALA A 171 -5.23 -44.89 -14.80
C ALA A 171 -5.77 -46.30 -14.53
N LYS A 172 -5.26 -46.94 -13.47
CA LYS A 172 -5.69 -48.29 -13.11
C LYS A 172 -7.16 -48.31 -12.75
N LEU A 173 -7.64 -47.25 -12.09
CA LEU A 173 -9.05 -47.15 -11.72
C LEU A 173 -9.91 -47.10 -12.98
N MET A 174 -9.49 -46.28 -13.96
CA MET A 174 -10.21 -46.12 -15.20
C MET A 174 -10.33 -47.46 -15.93
N LYS A 175 -9.21 -48.19 -16.01
CA LYS A 175 -9.19 -49.50 -16.66
C LYS A 175 -10.08 -50.49 -15.90
N LYS A 176 -10.03 -50.43 -14.56
CA LYS A 176 -10.83 -51.32 -13.73
C LYS A 176 -12.31 -51.15 -14.01
N HIS A 177 -12.73 -49.91 -14.33
CA HIS A 177 -14.13 -49.62 -14.61
C HIS A 177 -14.45 -49.82 -16.09
N GLY A 178 -13.49 -50.32 -16.87
CA GLY A 178 -13.75 -50.86 -18.20
C GLY A 178 -13.32 -49.92 -19.32
N VAL A 179 -12.54 -48.88 -19.00
CA VAL A 179 -11.97 -48.02 -20.03
C VAL A 179 -10.81 -48.76 -20.69
N ASP A 180 -11.02 -49.21 -21.93
CA ASP A 180 -10.01 -49.96 -22.67
C ASP A 180 -9.56 -49.18 -23.91
N VAL A 181 -10.18 -48.02 -24.16
CA VAL A 181 -9.73 -47.14 -25.22
C VAL A 181 -8.38 -46.53 -24.81
N PRO A 182 -7.53 -46.08 -25.77
CA PRO A 182 -6.28 -45.42 -25.41
C PRO A 182 -6.45 -44.24 -24.45
N LEU A 183 -5.48 -44.07 -23.54
CA LEU A 183 -5.47 -43.01 -22.55
C LEU A 183 -4.47 -41.93 -22.95
N PHE A 184 -4.61 -40.73 -22.39
CA PHE A 184 -3.65 -39.67 -22.63
C PHE A 184 -3.64 -38.69 -21.45
N THR A 185 -2.55 -37.91 -21.38
CA THR A 185 -2.45 -36.76 -20.49
C THR A 185 -2.34 -35.49 -21.33
N SER A 186 -2.66 -34.35 -20.73
CA SER A 186 -2.42 -33.06 -21.36
C SER A 186 -1.75 -32.12 -20.35
N ASP A 187 -0.84 -31.26 -20.84
CA ASP A 187 -0.03 -30.41 -20.00
C ASP A 187 0.45 -29.21 -20.81
N GLY A 188 0.97 -28.20 -20.11
CA GLY A 188 1.77 -27.19 -20.78
C GLY A 188 2.94 -27.85 -21.49
N PRO A 189 3.19 -27.56 -22.79
CA PRO A 189 4.22 -28.26 -23.55
C PRO A 189 5.63 -27.71 -23.27
N TRP A 190 6.14 -28.00 -22.07
CA TRP A 190 7.51 -27.66 -21.70
C TRP A 190 7.97 -28.63 -20.62
N PRO A 191 9.30 -28.87 -20.46
CA PRO A 191 9.79 -29.99 -19.67
C PRO A 191 9.24 -30.12 -18.26
N ALA A 192 9.14 -28.98 -17.53
CA ALA A 192 8.80 -29.01 -16.12
C ALA A 192 7.40 -29.60 -15.90
N THR A 193 6.44 -29.14 -16.71
CA THR A 193 5.07 -29.61 -16.64
C THR A 193 4.95 -31.03 -17.17
N LEU A 194 5.64 -31.33 -18.28
CA LEU A 194 5.57 -32.64 -18.90
C LEU A 194 6.24 -33.70 -18.01
N ASN A 195 7.38 -33.36 -17.41
CA ASN A 195 8.07 -34.29 -16.54
C ASN A 195 7.20 -34.66 -15.34
N ALA A 196 6.53 -33.65 -14.77
CA ALA A 196 5.73 -33.82 -13.57
C ALA A 196 4.39 -34.47 -13.90
N GLY A 197 3.82 -34.11 -15.06
CA GLY A 197 2.42 -34.37 -15.35
C GLY A 197 2.16 -35.60 -16.22
N SER A 198 3.12 -35.99 -17.07
CA SER A 198 2.86 -37.00 -18.08
C SER A 198 3.04 -38.41 -17.52
N MET A 199 2.59 -39.40 -18.31
CA MET A 199 2.74 -40.81 -17.97
C MET A 199 3.51 -41.51 -19.08
N ILE A 200 4.51 -40.82 -19.65
CA ILE A 200 5.17 -41.25 -20.86
C ILE A 200 5.92 -42.56 -20.62
N ASN A 201 6.48 -42.73 -19.41
CA ASN A 201 7.20 -43.94 -19.03
C ASN A 201 6.26 -45.14 -18.89
N ASP A 202 4.95 -44.88 -18.81
CA ASP A 202 3.95 -45.95 -18.77
C ASP A 202 3.40 -46.19 -20.18
N GLY A 203 3.98 -45.53 -21.18
CA GLY A 203 3.62 -45.75 -22.58
C GLY A 203 2.35 -45.00 -22.98
N ILE A 204 1.95 -44.01 -22.19
CA ILE A 204 0.70 -43.31 -22.38
C ILE A 204 0.97 -41.96 -23.05
N LEU A 205 0.18 -41.63 -24.08
CA LEU A 205 0.43 -40.47 -24.92
C LEU A 205 0.35 -39.18 -24.08
N ALA A 206 1.35 -38.32 -24.24
CA ALA A 206 1.31 -36.99 -23.68
C ALA A 206 0.99 -35.98 -24.79
N THR A 207 0.07 -35.06 -24.48
CA THR A 207 -0.35 -34.00 -25.39
C THR A 207 -0.05 -32.64 -24.75
N GLY A 208 -0.26 -31.56 -25.51
CA GLY A 208 0.10 -30.23 -25.06
C GLY A 208 -1.08 -29.26 -25.16
N ASN A 209 -1.13 -28.29 -24.23
CA ASN A 209 -2.14 -27.26 -24.21
C ASN A 209 -1.49 -25.90 -24.42
N PHE A 210 -1.98 -25.14 -25.41
CA PHE A 210 -1.44 -23.83 -25.73
C PHE A 210 -2.39 -23.10 -26.67
N GLY A 211 -2.18 -21.80 -26.84
CA GLY A 211 -3.05 -20.97 -27.67
C GLY A 211 -2.30 -20.22 -28.77
N SER A 212 -0.98 -20.46 -28.90
CA SER A 212 -0.17 -19.78 -29.91
C SER A 212 1.21 -20.43 -29.99
N ALA A 213 2.04 -19.95 -30.93
CA ALA A 213 3.43 -20.37 -31.07
C ALA A 213 3.50 -21.88 -31.24
N ALA A 214 2.71 -22.41 -32.18
CA ALA A 214 2.47 -23.83 -32.33
C ALA A 214 3.76 -24.58 -32.65
N ASP A 215 4.67 -23.93 -33.39
CA ASP A 215 5.93 -24.56 -33.79
C ASP A 215 6.83 -24.68 -32.55
N LYS A 216 6.99 -23.58 -31.81
CA LYS A 216 7.75 -23.57 -30.58
C LYS A 216 7.27 -24.68 -29.65
N ASN A 217 5.95 -24.79 -29.49
CA ASN A 217 5.35 -25.66 -28.48
C ASN A 217 5.38 -27.12 -28.94
N PHE A 218 5.09 -27.36 -30.23
CA PHE A 218 5.14 -28.71 -30.78
C PHE A 218 6.59 -29.21 -30.82
N ASP A 219 7.54 -28.30 -31.08
CA ASP A 219 8.95 -28.64 -31.05
C ASP A 219 9.34 -29.17 -29.67
N ARG A 220 8.86 -28.51 -28.60
CA ARG A 220 9.18 -28.95 -27.25
C ARG A 220 8.47 -30.26 -26.92
N LEU A 221 7.23 -30.39 -27.41
CA LEU A 221 6.44 -31.59 -27.19
C LEU A 221 7.09 -32.78 -27.90
N ALA A 222 7.51 -32.56 -29.16
CA ALA A 222 8.21 -33.58 -29.93
C ALA A 222 9.51 -33.98 -29.24
N ALA A 223 10.28 -32.97 -28.81
CA ALA A 223 11.54 -33.20 -28.10
C ALA A 223 11.33 -34.09 -26.88
N PHE A 224 10.23 -33.86 -26.14
CA PHE A 224 9.91 -34.63 -24.96
C PHE A 224 9.61 -36.08 -25.34
N HIS A 225 8.77 -36.27 -26.36
CA HIS A 225 8.45 -37.60 -26.86
C HIS A 225 9.73 -38.37 -27.21
N GLN A 226 10.59 -37.72 -28.00
CA GLN A 226 11.80 -38.34 -28.54
C GLN A 226 12.77 -38.69 -27.42
N ALA A 227 12.82 -37.86 -26.37
CA ALA A 227 13.72 -38.09 -25.25
C ALA A 227 13.34 -39.38 -24.52
N HIS A 228 12.07 -39.80 -24.62
CA HIS A 228 11.58 -41.03 -24.02
C HIS A 228 11.38 -42.13 -25.08
N GLY A 229 11.98 -41.93 -26.27
CA GLY A 229 12.02 -42.96 -27.29
C GLY A 229 10.64 -43.34 -27.84
N GLN A 230 9.73 -42.37 -27.87
CA GLN A 230 8.37 -42.58 -28.36
C GLN A 230 8.21 -41.90 -29.70
N ASP A 231 7.51 -42.58 -30.62
CA ASP A 231 7.20 -42.05 -31.95
C ASP A 231 5.69 -41.89 -32.01
N TRP A 232 5.23 -40.65 -31.80
CA TRP A 232 3.83 -40.36 -31.50
C TRP A 232 3.32 -39.18 -32.31
N PRO A 233 1.99 -39.05 -32.49
CA PRO A 233 1.42 -37.86 -33.13
C PRO A 233 1.43 -36.68 -32.18
N LEU A 234 1.54 -35.47 -32.74
CA LEU A 234 1.54 -34.23 -31.99
C LEU A 234 0.11 -33.70 -31.95
N MET A 235 -0.45 -33.54 -30.75
CA MET A 235 -1.82 -33.06 -30.63
C MET A 235 -1.90 -31.98 -29.56
N CYS A 236 -2.49 -30.85 -29.97
CA CYS A 236 -2.86 -29.78 -29.07
C CYS A 236 -4.23 -30.07 -28.46
N MET A 237 -4.23 -30.56 -27.21
CA MET A 237 -5.44 -31.10 -26.61
C MET A 237 -6.34 -29.96 -26.13
N GLU A 238 -5.76 -28.78 -25.95
CA GLU A 238 -6.51 -27.55 -25.75
C GLU A 238 -5.86 -26.43 -26.55
N PHE A 239 -6.45 -26.07 -27.69
CA PHE A 239 -6.06 -24.87 -28.39
C PHE A 239 -6.96 -23.73 -27.93
N TRP A 240 -6.43 -22.91 -27.02
CA TRP A 240 -7.17 -21.78 -26.46
C TRP A 240 -7.42 -20.75 -27.58
N ASP A 241 -8.63 -20.79 -28.15
CA ASP A 241 -8.98 -19.94 -29.28
C ASP A 241 -9.80 -18.74 -28.81
N GLY A 242 -9.75 -18.48 -27.50
CA GLY A 242 -10.33 -17.29 -26.89
C GLY A 242 -9.83 -17.16 -25.45
N TRP A 243 -10.62 -16.52 -24.57
CA TRP A 243 -10.28 -16.52 -23.15
C TRP A 243 -11.51 -16.22 -22.29
N PHE A 244 -11.40 -16.56 -21.00
CA PHE A 244 -12.44 -16.35 -20.01
C PHE A 244 -12.34 -14.94 -19.42
N ASN A 245 -13.43 -14.47 -18.80
CA ASN A 245 -13.49 -13.15 -18.21
C ASN A 245 -13.76 -13.26 -16.71
N ARG A 246 -13.38 -12.20 -15.98
CA ARG A 246 -13.59 -12.11 -14.55
C ARG A 246 -14.26 -10.77 -14.21
N TRP A 247 -15.00 -10.75 -13.10
CA TRP A 247 -15.71 -9.57 -12.66
C TRP A 247 -14.73 -8.42 -12.43
N GLY A 248 -15.01 -7.28 -13.06
CA GLY A 248 -14.24 -6.06 -12.82
C GLY A 248 -13.08 -5.90 -13.80
N GLU A 249 -12.89 -6.89 -14.67
CA GLU A 249 -11.83 -6.84 -15.68
C GLU A 249 -12.47 -6.76 -17.06
N PRO A 250 -11.92 -5.97 -18.01
CA PRO A 250 -12.54 -5.81 -19.32
C PRO A 250 -12.50 -7.08 -20.15
N ILE A 251 -13.40 -7.17 -21.14
CA ILE A 251 -13.56 -8.34 -21.98
C ILE A 251 -12.34 -8.46 -22.90
N ILE A 252 -11.85 -9.70 -23.07
CA ILE A 252 -10.69 -9.97 -23.90
C ILE A 252 -11.16 -10.55 -25.23
N ARG A 253 -10.74 -9.90 -26.33
CA ARG A 253 -11.19 -10.24 -27.67
C ARG A 253 -9.98 -10.57 -28.55
N ARG A 254 -10.00 -11.74 -29.20
CA ARG A 254 -8.89 -12.19 -30.03
C ARG A 254 -9.31 -12.13 -31.49
N ASP A 255 -8.49 -11.46 -32.32
CA ASP A 255 -8.80 -11.22 -33.72
C ASP A 255 -9.12 -12.54 -34.43
N PRO A 256 -10.27 -12.63 -35.14
CA PRO A 256 -10.70 -13.87 -35.80
C PRO A 256 -9.68 -14.50 -36.75
N ASP A 257 -9.05 -13.66 -37.59
CA ASP A 257 -8.21 -14.14 -38.67
C ASP A 257 -6.87 -14.64 -38.13
N GLU A 258 -6.28 -13.90 -37.18
CA GLU A 258 -5.04 -14.31 -36.54
C GLU A 258 -5.24 -15.66 -35.84
N THR A 259 -6.41 -15.85 -35.23
CA THR A 259 -6.72 -17.10 -34.54
C THR A 259 -6.63 -18.26 -35.52
N ALA A 260 -7.25 -18.08 -36.69
CA ALA A 260 -7.23 -19.07 -37.76
C ALA A 260 -5.79 -19.38 -38.17
N GLU A 261 -4.96 -18.34 -38.34
CA GLU A 261 -3.57 -18.48 -38.74
C GLU A 261 -2.80 -19.29 -37.71
N ASP A 262 -2.99 -18.98 -36.43
CA ASP A 262 -2.30 -19.69 -35.36
C ASP A 262 -2.75 -21.14 -35.34
N LEU A 263 -4.04 -21.37 -35.62
CA LEU A 263 -4.61 -22.71 -35.65
C LEU A 263 -4.09 -23.49 -36.86
N ARG A 264 -3.83 -22.77 -37.98
CA ARG A 264 -3.31 -23.39 -39.19
C ARG A 264 -2.03 -24.16 -38.87
N ALA A 265 -1.12 -23.51 -38.14
CA ALA A 265 0.21 -24.06 -37.88
C ALA A 265 0.13 -25.32 -37.04
N VAL A 266 -0.93 -25.45 -36.22
CA VAL A 266 -1.17 -26.67 -35.47
C VAL A 266 -1.58 -27.79 -36.43
N ILE A 267 -2.55 -27.49 -37.29
CA ILE A 267 -3.19 -28.48 -38.15
C ILE A 267 -2.19 -29.03 -39.15
N GLU A 268 -1.26 -28.19 -39.61
CA GLU A 268 -0.23 -28.59 -40.55
C GLU A 268 0.61 -29.72 -39.95
N ARG A 269 0.90 -29.63 -38.64
CA ARG A 269 1.85 -30.52 -38.00
C ARG A 269 1.17 -31.62 -37.20
N GLY A 270 -0.15 -31.50 -36.93
CA GLY A 270 -0.84 -32.57 -36.22
C GLY A 270 -2.31 -32.28 -35.90
N SER A 271 -2.80 -32.92 -34.82
CA SER A 271 -4.19 -32.91 -34.42
C SER A 271 -4.46 -31.77 -33.44
N VAL A 272 -5.74 -31.45 -33.23
CA VAL A 272 -6.11 -30.30 -32.41
C VAL A 272 -7.50 -30.49 -31.81
N ASN A 273 -7.69 -29.86 -30.63
CA ASN A 273 -8.99 -29.72 -30.01
C ASN A 273 -9.19 -28.25 -29.61
N LEU A 274 -10.23 -27.62 -30.15
CA LEU A 274 -10.51 -26.22 -29.86
C LEU A 274 -11.07 -26.09 -28.45
N TYR A 275 -10.42 -25.26 -27.62
CA TYR A 275 -10.94 -24.91 -26.30
C TYR A 275 -11.16 -23.40 -26.24
N MET A 276 -12.40 -22.91 -26.36
CA MET A 276 -13.61 -23.71 -26.54
C MET A 276 -14.08 -23.58 -27.98
N PHE A 277 -14.90 -24.54 -28.44
CA PHE A 277 -15.60 -24.38 -29.70
C PHE A 277 -16.92 -23.66 -29.44
N HIS A 278 -17.69 -24.17 -28.47
CA HIS A 278 -18.87 -23.49 -27.95
C HIS A 278 -18.82 -23.57 -26.43
N GLY A 279 -18.75 -22.40 -25.78
CA GLY A 279 -18.47 -22.33 -24.36
C GLY A 279 -19.74 -22.41 -23.50
N GLY A 280 -20.77 -21.66 -23.92
CA GLY A 280 -22.05 -21.67 -23.24
C GLY A 280 -21.99 -20.88 -21.92
N THR A 281 -22.65 -21.42 -20.89
CA THR A 281 -22.99 -20.64 -19.71
C THR A 281 -22.63 -21.43 -18.45
N ASN A 282 -22.11 -20.70 -17.45
CA ASN A 282 -21.93 -21.24 -16.11
C ASN A 282 -23.22 -21.01 -15.32
N PHE A 283 -24.18 -21.93 -15.47
CA PHE A 283 -25.46 -21.81 -14.82
C PHE A 283 -25.27 -21.88 -13.31
N GLY A 284 -26.17 -21.21 -12.58
CA GLY A 284 -26.19 -21.30 -11.12
C GLY A 284 -24.94 -20.67 -10.49
N PHE A 285 -24.24 -21.46 -9.67
CA PHE A 285 -23.11 -20.98 -8.89
C PHE A 285 -21.82 -21.64 -9.36
N MET A 286 -21.78 -22.14 -10.60
CA MET A 286 -20.74 -23.10 -10.97
C MET A 286 -19.55 -22.40 -11.64
N ASN A 287 -19.54 -21.06 -11.69
CA ASN A 287 -18.39 -20.32 -12.14
C ASN A 287 -17.15 -20.74 -11.35
N GLY A 288 -15.97 -20.58 -11.96
CA GLY A 288 -14.71 -20.82 -11.31
C GLY A 288 -14.13 -19.53 -10.73
N THR A 289 -12.92 -19.63 -10.17
CA THR A 289 -12.25 -18.49 -9.55
C THR A 289 -10.74 -18.64 -9.72
N SER A 290 -10.09 -17.54 -10.13
CA SER A 290 -8.64 -17.48 -10.27
C SER A 290 -8.03 -16.96 -8.98
N ALA A 291 -6.73 -17.25 -8.78
CA ALA A 291 -6.01 -16.76 -7.62
C ALA A 291 -4.65 -16.21 -8.06
N ARG A 292 -4.34 -14.98 -7.60
CA ARG A 292 -3.02 -14.39 -7.69
C ARG A 292 -2.45 -14.29 -6.28
N LYS A 293 -1.45 -15.12 -5.98
CA LYS A 293 -0.92 -15.27 -4.63
C LYS A 293 -2.05 -15.73 -3.71
N ASP A 294 -2.53 -14.86 -2.82
CA ASP A 294 -3.57 -15.22 -1.86
C ASP A 294 -4.89 -14.52 -2.21
N HIS A 295 -4.91 -13.74 -3.30
CA HIS A 295 -6.06 -12.95 -3.67
C HIS A 295 -6.87 -13.68 -4.76
N ASP A 296 -8.15 -13.94 -4.48
CA ASP A 296 -9.06 -14.62 -5.38
C ASP A 296 -9.73 -13.62 -6.32
N LEU A 297 -10.02 -14.08 -7.55
CA LEU A 297 -10.64 -13.28 -8.59
C LEU A 297 -11.72 -14.11 -9.29
N PRO A 298 -13.01 -13.97 -8.92
CA PRO A 298 -14.06 -14.82 -9.49
C PRO A 298 -14.32 -14.56 -10.97
N GLN A 299 -14.62 -15.64 -11.70
CA GLN A 299 -14.93 -15.59 -13.12
C GLN A 299 -16.43 -15.33 -13.29
N VAL A 300 -16.83 -14.81 -14.46
CA VAL A 300 -18.19 -14.35 -14.69
C VAL A 300 -19.09 -15.53 -15.06
N THR A 301 -20.39 -15.27 -15.16
CA THR A 301 -21.39 -16.28 -15.46
C THR A 301 -21.24 -16.77 -16.90
N SER A 302 -21.10 -15.83 -17.84
CA SER A 302 -20.94 -16.18 -19.25
C SER A 302 -19.65 -16.95 -19.46
N TYR A 303 -19.74 -18.05 -20.22
CA TYR A 303 -18.56 -18.75 -20.72
C TYR A 303 -18.53 -18.63 -22.24
N ASP A 304 -18.85 -17.42 -22.73
CA ASP A 304 -18.76 -17.12 -24.15
C ASP A 304 -17.36 -17.52 -24.63
N TYR A 305 -16.35 -17.01 -23.92
CA TYR A 305 -14.96 -17.38 -24.13
C TYR A 305 -14.42 -16.80 -25.43
N ASP A 306 -15.17 -15.89 -26.06
CA ASP A 306 -14.85 -15.40 -27.40
C ASP A 306 -14.61 -16.59 -28.33
N ALA A 307 -15.50 -17.58 -28.27
CA ALA A 307 -15.34 -18.82 -29.00
C ALA A 307 -15.97 -18.71 -30.39
N PRO A 308 -15.68 -19.66 -31.32
CA PRO A 308 -16.34 -19.70 -32.64
C PRO A 308 -17.85 -19.59 -32.59
N LEU A 309 -18.48 -20.32 -31.65
CA LEU A 309 -19.87 -20.08 -31.32
C LEU A 309 -19.93 -19.17 -30.09
N ASN A 310 -20.82 -18.18 -30.13
CA ASN A 310 -21.05 -17.31 -28.98
C ASN A 310 -21.82 -18.10 -27.93
N GLU A 311 -22.08 -17.46 -26.77
CA GLU A 311 -22.73 -18.13 -25.65
C GLU A 311 -24.03 -18.77 -26.10
N GLN A 312 -24.79 -18.05 -26.94
CA GLN A 312 -26.06 -18.51 -27.46
C GLN A 312 -25.90 -19.76 -28.32
N GLY A 313 -24.76 -19.86 -29.02
CA GLY A 313 -24.53 -20.98 -29.94
C GLY A 313 -24.49 -20.55 -31.41
N ASN A 314 -24.47 -19.24 -31.66
CA ASN A 314 -24.51 -18.71 -33.01
C ASN A 314 -23.10 -18.47 -33.53
N PRO A 315 -22.88 -18.59 -34.86
CA PRO A 315 -21.54 -18.50 -35.43
C PRO A 315 -21.02 -17.07 -35.47
N THR A 316 -19.74 -16.91 -35.13
CA THR A 316 -19.09 -15.61 -35.12
C THR A 316 -18.12 -15.52 -36.29
N PRO A 317 -17.66 -14.30 -36.66
CA PRO A 317 -16.56 -14.14 -37.62
C PRO A 317 -15.42 -15.16 -37.45
N LYS A 318 -15.10 -15.49 -36.20
CA LYS A 318 -14.05 -16.47 -35.90
C LYS A 318 -14.41 -17.84 -36.46
N TYR A 319 -15.69 -18.22 -36.37
CA TYR A 319 -16.15 -19.49 -36.92
C TYR A 319 -15.86 -19.54 -38.42
N PHE A 320 -16.24 -18.47 -39.13
CA PHE A 320 -16.15 -18.42 -40.58
C PHE A 320 -14.68 -18.40 -41.02
N ALA A 321 -13.83 -17.68 -40.27
CA ALA A 321 -12.42 -17.59 -40.60
C ALA A 321 -11.74 -18.95 -40.45
N ILE A 322 -12.17 -19.72 -39.43
CA ILE A 322 -11.63 -21.06 -39.19
C ILE A 322 -12.17 -22.02 -40.25
N GLN A 323 -13.43 -21.84 -40.65
CA GLN A 323 -14.04 -22.70 -41.65
C GLN A 323 -13.32 -22.53 -42.99
N LYS A 324 -13.06 -21.26 -43.34
CA LYS A 324 -12.32 -20.90 -44.54
C LYS A 324 -10.92 -21.49 -44.50
N MET A 325 -10.22 -21.31 -43.37
CA MET A 325 -8.85 -21.75 -43.22
C MET A 325 -8.76 -23.27 -43.40
N LEU A 326 -9.70 -24.01 -42.81
CA LEU A 326 -9.68 -25.47 -42.84
C LEU A 326 -9.89 -25.98 -44.28
N HIS A 327 -10.70 -25.26 -45.07
CA HIS A 327 -11.00 -25.66 -46.44
C HIS A 327 -9.80 -25.37 -47.34
N GLU A 328 -8.94 -24.43 -46.93
CA GLU A 328 -7.70 -24.16 -47.65
C GLU A 328 -6.71 -25.29 -47.37
N VAL A 329 -6.56 -25.67 -46.10
CA VAL A 329 -5.52 -26.62 -45.72
C VAL A 329 -5.95 -28.04 -46.03
N LEU A 330 -7.24 -28.36 -45.79
CA LEU A 330 -7.76 -29.70 -46.01
C LEU A 330 -9.00 -29.62 -46.90
N PRO A 331 -8.84 -29.48 -48.23
CA PRO A 331 -9.96 -29.21 -49.13
C PRO A 331 -11.00 -30.33 -49.30
N ASP A 332 -10.65 -31.57 -48.94
CA ASP A 332 -11.54 -32.70 -49.14
C ASP A 332 -12.59 -32.82 -48.03
N ILE A 333 -12.36 -32.16 -46.88
CA ILE A 333 -13.28 -32.24 -45.76
C ILE A 333 -14.59 -31.55 -46.14
N GLN A 334 -15.70 -32.28 -45.95
CA GLN A 334 -17.03 -31.77 -46.23
C GLN A 334 -17.42 -30.73 -45.18
N GLN A 335 -18.01 -29.63 -45.66
CA GLN A 335 -18.45 -28.53 -44.80
C GLN A 335 -19.91 -28.22 -45.12
N ALA A 336 -20.53 -27.37 -44.29
CA ALA A 336 -21.89 -26.92 -44.49
C ALA A 336 -22.06 -25.52 -43.88
N GLU A 337 -23.21 -24.91 -44.17
CA GLU A 337 -23.56 -23.63 -43.59
C GLU A 337 -23.98 -23.85 -42.13
N PRO A 338 -23.49 -23.02 -41.18
CA PRO A 338 -23.90 -23.16 -39.77
C PRO A 338 -25.33 -22.67 -39.54
N LEU A 339 -26.02 -23.33 -38.60
CA LEU A 339 -27.35 -22.94 -38.18
C LEU A 339 -27.27 -21.71 -37.28
N VAL A 340 -28.30 -20.86 -37.37
CA VAL A 340 -28.40 -19.64 -36.59
C VAL A 340 -29.76 -19.65 -35.90
N LYS A 341 -29.74 -19.45 -34.57
CA LYS A 341 -30.97 -19.40 -33.78
C LYS A 341 -31.43 -17.96 -33.66
N PRO A 342 -32.75 -17.70 -33.66
CA PRO A 342 -33.29 -16.36 -33.42
C PRO A 342 -33.26 -15.97 -31.94
N THR A 343 -33.61 -14.71 -31.68
CA THR A 343 -33.71 -14.18 -30.33
C THR A 343 -35.08 -13.54 -30.14
N LEU A 344 -35.62 -13.59 -28.93
CA LEU A 344 -36.84 -12.89 -28.59
C LEU A 344 -36.69 -11.41 -28.97
N ALA A 345 -37.77 -10.81 -29.47
CA ALA A 345 -37.84 -9.37 -29.64
C ALA A 345 -37.75 -8.71 -28.26
N PRO A 346 -37.05 -7.57 -28.12
CA PRO A 346 -36.97 -6.87 -26.84
C PRO A 346 -38.34 -6.62 -26.20
N ALA A 347 -38.38 -6.62 -24.87
CA ALA A 347 -39.62 -6.39 -24.13
C ALA A 347 -39.29 -5.97 -22.69
N GLU A 348 -40.28 -5.39 -22.00
CA GLU A 348 -40.14 -5.04 -20.60
C GLU A 348 -41.33 -5.60 -19.82
N HIS A 349 -41.04 -6.21 -18.67
CA HIS A 349 -42.08 -6.83 -17.86
C HIS A 349 -42.14 -6.13 -16.51
N PRO A 350 -43.33 -5.69 -16.05
CA PRO A 350 -43.45 -5.00 -14.77
C PRO A 350 -43.26 -5.93 -13.58
N LEU A 351 -42.85 -5.36 -12.45
CA LEU A 351 -42.67 -6.09 -11.20
C LEU A 351 -44.03 -6.59 -10.73
N THR A 352 -44.13 -7.90 -10.46
CA THR A 352 -45.37 -8.52 -10.01
C THR A 352 -45.48 -8.39 -8.49
N ALA A 353 -44.42 -8.81 -7.78
CA ALA A 353 -44.41 -8.84 -6.33
C ALA A 353 -42.97 -8.87 -5.84
N LYS A 354 -42.79 -8.58 -4.53
CA LYS A 354 -41.47 -8.56 -3.91
C LYS A 354 -41.59 -8.85 -2.42
N VAL A 355 -40.58 -9.55 -1.89
CA VAL A 355 -40.56 -9.99 -0.51
C VAL A 355 -39.12 -10.03 -0.03
N SER A 356 -38.90 -9.64 1.24
CA SER A 356 -37.58 -9.61 1.84
C SER A 356 -37.16 -11.02 2.26
N LEU A 357 -35.84 -11.26 2.16
CA LEU A 357 -35.25 -12.53 2.60
C LEU A 357 -35.62 -12.85 4.05
N PHE A 358 -35.64 -11.83 4.92
CA PHE A 358 -35.85 -12.04 6.35
C PHE A 358 -37.26 -12.54 6.64
N ALA A 359 -38.20 -12.29 5.73
CA ALA A 359 -39.59 -12.62 5.94
C ALA A 359 -39.90 -14.07 5.56
N VAL A 360 -39.04 -14.70 4.75
CA VAL A 360 -39.33 -16.00 4.17
C VAL A 360 -38.23 -17.00 4.47
N LEU A 361 -37.46 -16.74 5.53
CA LEU A 361 -36.25 -17.50 5.83
C LEU A 361 -36.54 -19.00 5.96
N ASP A 362 -37.68 -19.34 6.56
CA ASP A 362 -37.98 -20.72 6.91
C ASP A 362 -38.53 -21.49 5.72
N GLN A 363 -38.85 -20.79 4.62
CA GLN A 363 -39.20 -21.44 3.37
C GLN A 363 -37.94 -21.80 2.57
N LEU A 364 -36.81 -21.18 2.93
CA LEU A 364 -35.57 -21.31 2.16
C LEU A 364 -34.65 -22.36 2.77
N ALA A 365 -34.73 -22.56 4.11
CA ALA A 365 -33.76 -23.41 4.79
C ALA A 365 -34.29 -23.87 6.15
N LYS A 366 -33.90 -25.09 6.51
CA LYS A 366 -34.05 -25.60 7.87
C LYS A 366 -32.81 -25.18 8.67
N PRO A 367 -32.95 -24.30 9.68
CA PRO A 367 -31.81 -23.80 10.44
C PRO A 367 -31.14 -24.88 11.28
N VAL A 368 -29.81 -24.83 11.33
CA VAL A 368 -29.03 -25.70 12.20
C VAL A 368 -28.53 -24.85 13.36
N ALA A 369 -28.93 -25.25 14.58
CA ALA A 369 -28.51 -24.58 15.80
C ALA A 369 -27.12 -25.07 16.18
N ALA A 370 -26.27 -24.15 16.64
CA ALA A 370 -24.95 -24.50 17.13
C ALA A 370 -24.43 -23.39 18.03
N ALA A 371 -23.59 -23.77 18.99
CA ALA A 371 -22.94 -22.83 19.88
C ALA A 371 -21.99 -21.94 19.08
N TYR A 372 -21.29 -22.54 18.10
CA TYR A 372 -20.31 -21.83 17.30
C TYR A 372 -20.49 -22.22 15.83
N PRO A 373 -20.10 -21.34 14.88
CA PRO A 373 -20.47 -21.52 13.48
C PRO A 373 -19.57 -22.49 12.72
N GLN A 374 -20.13 -23.13 11.70
CA GLN A 374 -19.40 -23.97 10.78
C GLN A 374 -19.56 -23.43 9.37
N THR A 375 -18.63 -23.79 8.48
CA THR A 375 -18.73 -23.42 7.08
C THR A 375 -19.79 -24.29 6.40
N GLN A 376 -20.26 -23.84 5.24
CA GLN A 376 -21.48 -24.36 4.64
C GLN A 376 -21.35 -25.84 4.30
N GLU A 377 -20.12 -26.30 4.03
CA GLU A 377 -19.88 -27.69 3.65
C GLU A 377 -20.31 -28.63 4.78
N PHE A 378 -20.08 -28.21 6.02
CA PHE A 378 -20.44 -29.00 7.19
C PHE A 378 -21.94 -28.89 7.50
N LEU A 379 -22.64 -27.97 6.82
CA LEU A 379 -24.09 -27.85 6.93
C LEU A 379 -24.78 -28.57 5.79
N GLY A 380 -24.00 -29.17 4.89
CA GLY A 380 -24.56 -29.92 3.77
C GLY A 380 -24.87 -29.04 2.57
N GLN A 381 -24.30 -27.83 2.55
CA GLN A 381 -24.48 -26.87 1.47
C GLN A 381 -23.17 -26.72 0.73
N TYR A 382 -23.22 -26.83 -0.61
CA TYR A 382 -22.00 -26.93 -1.40
C TYR A 382 -21.89 -25.77 -2.38
N THR A 383 -22.93 -24.93 -2.48
CA THR A 383 -22.89 -23.70 -3.27
C THR A 383 -23.83 -22.67 -2.65
N GLY A 384 -23.60 -21.40 -2.94
CA GLY A 384 -24.61 -20.36 -2.73
C GLY A 384 -24.42 -19.58 -1.43
N TYR A 385 -25.55 -19.19 -0.82
CA TYR A 385 -25.57 -18.23 0.26
C TYR A 385 -25.88 -18.91 1.58
N THR A 386 -25.22 -18.46 2.66
CA THR A 386 -25.45 -18.97 4.00
C THR A 386 -25.67 -17.79 4.95
N LEU A 387 -26.82 -17.80 5.64
CA LEU A 387 -27.13 -16.77 6.63
C LEU A 387 -26.84 -17.31 8.03
N TYR A 388 -26.03 -16.56 8.78
CA TYR A 388 -25.79 -16.85 10.19
C TYR A 388 -26.52 -15.82 11.04
N ARG A 389 -27.27 -16.30 12.03
CA ARG A 389 -28.08 -15.46 12.89
C ARG A 389 -27.66 -15.67 14.34
N ALA A 390 -27.44 -14.56 15.08
CA ALA A 390 -27.14 -14.61 16.49
C ALA A 390 -27.96 -13.55 17.23
N GLN A 391 -27.97 -13.64 18.56
CA GLN A 391 -28.68 -12.69 19.41
C GLN A 391 -27.70 -12.13 20.43
N PRO A 392 -26.62 -11.43 20.00
CA PRO A 392 -25.59 -10.95 20.92
C PRO A 392 -26.03 -9.84 21.85
N LEU A 393 -25.55 -9.92 23.10
CA LEU A 393 -25.68 -8.87 24.10
C LEU A 393 -24.77 -7.71 23.73
N ILE A 394 -25.35 -6.50 23.61
CA ILE A 394 -24.57 -5.29 23.38
C ILE A 394 -24.57 -4.46 24.67
N SER A 395 -23.38 -4.00 25.08
CA SER A 395 -23.20 -3.32 26.36
C SER A 395 -21.96 -2.42 26.29
N GLY A 396 -21.76 -1.61 27.34
CA GLY A 396 -20.80 -0.52 27.34
C GLY A 396 -19.36 -0.98 27.13
N THR A 397 -18.56 -0.10 26.53
CA THR A 397 -17.21 -0.40 26.09
C THR A 397 -16.22 0.36 26.97
N ASP A 398 -14.93 0.02 26.81
CA ASP A 398 -13.87 0.61 27.61
C ASP A 398 -13.91 2.13 27.50
N LYS A 399 -13.92 2.61 26.25
CA LYS A 399 -13.74 4.03 25.96
C LYS A 399 -15.09 4.74 25.85
N GLY A 400 -16.18 3.98 25.94
CA GLY A 400 -17.52 4.54 25.82
C GLY A 400 -18.00 4.66 24.37
N THR A 401 -17.07 4.45 23.42
CA THR A 401 -17.37 4.55 21.99
C THR A 401 -18.21 3.33 21.57
N PRO A 402 -18.78 3.33 20.35
CA PRO A 402 -19.58 2.19 19.88
C PRO A 402 -18.80 0.87 19.88
N ALA A 403 -19.50 -0.21 20.24
CA ALA A 403 -18.92 -1.54 20.28
C ALA A 403 -18.58 -2.00 18.87
N LYS A 404 -17.42 -2.64 18.72
CA LYS A 404 -16.92 -3.04 17.42
C LYS A 404 -17.36 -4.47 17.13
N LEU A 405 -17.88 -4.66 15.91
CA LEU A 405 -18.19 -5.99 15.38
C LEU A 405 -17.08 -6.38 14.42
N ARG A 406 -16.59 -7.63 14.54
CA ARG A 406 -15.57 -8.16 13.66
C ARG A 406 -15.98 -9.57 13.26
N VAL A 407 -15.93 -9.86 11.95
CA VAL A 407 -16.13 -11.21 11.45
C VAL A 407 -14.76 -11.85 11.29
N ILE A 408 -14.55 -12.98 11.98
CA ILE A 408 -13.23 -13.62 11.99
C ILE A 408 -13.26 -14.86 11.09
N ASP A 409 -12.49 -14.81 10.00
CA ASP A 409 -12.21 -15.95 9.14
C ASP A 409 -13.50 -16.36 8.43
N ALA A 410 -13.86 -15.58 7.41
CA ALA A 410 -15.04 -15.86 6.62
C ALA A 410 -14.75 -15.54 5.15
N ARG A 411 -15.48 -16.20 4.27
CA ARG A 411 -15.31 -16.07 2.83
C ARG A 411 -16.63 -16.38 2.16
N ASP A 412 -16.97 -15.69 1.06
CA ASP A 412 -16.10 -14.77 0.35
C ASP A 412 -16.51 -13.32 0.60
N ARG A 413 -17.81 -13.10 0.81
CA ARG A 413 -18.37 -11.77 0.96
C ARG A 413 -19.46 -11.82 2.03
N ILE A 414 -19.40 -10.89 3.00
CA ILE A 414 -20.33 -10.88 4.11
C ILE A 414 -21.10 -9.57 4.11
N GLN A 415 -22.39 -9.66 4.43
CA GLN A 415 -23.24 -8.50 4.69
C GLN A 415 -23.77 -8.60 6.12
N ALA A 416 -23.61 -7.53 6.90
CA ALA A 416 -23.96 -7.53 8.31
C ALA A 416 -25.18 -6.64 8.56
N TYR A 417 -26.14 -7.17 9.34
CA TYR A 417 -27.33 -6.44 9.73
C TYR A 417 -27.54 -6.56 11.24
N LEU A 418 -28.05 -5.48 11.85
CA LEU A 418 -28.51 -5.51 13.23
C LEU A 418 -29.99 -5.12 13.25
N ASP A 419 -30.82 -6.01 13.83
CA ASP A 419 -32.28 -5.86 13.82
C ASP A 419 -32.76 -5.61 12.39
N GLN A 420 -32.17 -6.35 11.43
CA GLN A 420 -32.56 -6.34 10.02
C GLN A 420 -32.32 -4.97 9.39
N HIS A 421 -31.35 -4.21 9.91
CA HIS A 421 -30.89 -2.98 9.29
C HIS A 421 -29.42 -3.10 8.92
N TRP A 422 -29.09 -2.72 7.67
CA TRP A 422 -27.75 -2.88 7.12
C TRP A 422 -26.73 -2.09 7.93
N LEU A 423 -25.58 -2.73 8.20
CA LEU A 423 -24.45 -2.11 8.88
C LEU A 423 -23.27 -1.97 7.92
N ALA A 424 -22.92 -3.06 7.21
CA ALA A 424 -21.69 -3.09 6.43
C ALA A 424 -21.65 -4.30 5.49
N THR A 425 -20.86 -4.14 4.42
CA THR A 425 -20.56 -5.17 3.45
C THR A 425 -19.05 -5.27 3.32
N GLN A 426 -18.51 -6.49 3.45
CA GLN A 426 -17.08 -6.70 3.41
C GLN A 426 -16.75 -7.82 2.42
N TYR A 427 -15.80 -7.54 1.51
CA TYR A 427 -15.37 -8.50 0.50
C TYR A 427 -13.95 -8.97 0.78
N GLN A 428 -13.80 -10.30 0.84
CA GLN A 428 -12.52 -10.99 0.91
C GLN A 428 -11.64 -10.38 2.00
N GLU A 429 -10.58 -9.64 1.62
CA GLU A 429 -9.54 -9.23 2.55
C GLU A 429 -10.07 -8.23 3.58
N ALA A 430 -11.11 -7.48 3.21
CA ALA A 430 -11.70 -6.47 4.08
C ALA A 430 -12.46 -7.11 5.23
N ILE A 431 -12.91 -8.36 5.06
CA ILE A 431 -13.58 -9.11 6.11
C ILE A 431 -12.64 -9.18 7.30
N GLY A 432 -13.12 -8.73 8.47
CA GLY A 432 -12.31 -8.65 9.68
C GLY A 432 -12.07 -7.21 10.13
N ASP A 433 -12.32 -6.24 9.23
CA ASP A 433 -12.27 -4.83 9.58
C ASP A 433 -13.42 -4.50 10.54
N ASP A 434 -13.22 -3.46 11.37
CA ASP A 434 -14.18 -3.12 12.41
C ASP A 434 -15.47 -2.59 11.78
N ILE A 435 -16.60 -3.09 12.31
CA ILE A 435 -17.92 -2.59 11.97
C ILE A 435 -18.53 -2.00 13.25
N LEU A 436 -18.87 -0.71 13.21
CA LEU A 436 -19.37 0.00 14.38
C LEU A 436 -20.84 -0.35 14.59
N LEU A 437 -21.17 -0.92 15.76
CA LEU A 437 -22.54 -1.27 16.10
C LEU A 437 -23.28 -0.02 16.55
N PRO A 438 -24.61 0.06 16.31
CA PRO A 438 -25.44 1.10 16.91
C PRO A 438 -25.28 1.14 18.42
N GLN A 439 -25.31 2.36 18.97
CA GLN A 439 -25.10 2.56 20.40
C GLN A 439 -26.41 2.23 21.11
N VAL A 440 -26.60 0.94 21.42
CA VAL A 440 -27.86 0.44 21.94
C VAL A 440 -27.55 -0.47 23.14
N GLU A 441 -28.59 -1.14 23.67
CA GLU A 441 -28.46 -1.90 24.91
C GLU A 441 -29.29 -3.18 24.80
N GLY A 442 -28.86 -4.23 25.51
CA GLY A 442 -29.58 -5.49 25.57
C GLY A 442 -29.21 -6.41 24.42
N HIS A 443 -30.00 -7.49 24.26
CA HIS A 443 -29.83 -8.44 23.19
C HIS A 443 -30.44 -7.88 21.90
N HIS A 444 -29.79 -8.17 20.77
CA HIS A 444 -30.22 -7.69 19.46
C HIS A 444 -29.96 -8.77 18.42
N GLN A 445 -30.72 -8.75 17.33
CA GLN A 445 -30.60 -9.74 16.26
C GLN A 445 -29.47 -9.34 15.31
N LEU A 446 -28.44 -10.18 15.24
CA LEU A 446 -27.35 -9.99 14.30
C LEU A 446 -27.52 -10.98 13.15
N ASP A 447 -27.54 -10.46 11.92
CA ASP A 447 -27.65 -11.29 10.73
C ASP A 447 -26.42 -11.08 9.86
N LEU A 448 -25.79 -12.19 9.44
CA LEU A 448 -24.65 -12.16 8.54
C LEU A 448 -24.95 -13.05 7.34
N LEU A 449 -25.22 -12.42 6.18
CA LEU A 449 -25.43 -13.15 4.95
C LEU A 449 -24.08 -13.31 4.26
N VAL A 450 -23.64 -14.56 4.09
CA VAL A 450 -22.32 -14.86 3.54
C VAL A 450 -22.50 -15.51 2.18
N GLU A 451 -21.77 -15.00 1.18
CA GLU A 451 -21.86 -15.52 -0.17
C GLU A 451 -20.60 -16.30 -0.51
N ASN A 452 -20.79 -17.54 -0.98
CA ASN A 452 -19.77 -18.31 -1.67
C ASN A 452 -19.75 -17.84 -3.13
N MET A 453 -18.64 -17.22 -3.54
CA MET A 453 -18.52 -16.69 -4.89
C MET A 453 -17.71 -17.65 -5.76
N SER A 454 -17.36 -18.81 -5.18
CA SER A 454 -16.89 -20.02 -5.85
C SER A 454 -15.45 -20.30 -5.46
N ARG A 455 -15.10 -21.59 -5.42
CA ARG A 455 -13.81 -22.04 -4.94
C ARG A 455 -12.81 -22.04 -6.08
N VAL A 456 -11.56 -21.73 -5.74
CA VAL A 456 -10.47 -21.60 -6.71
C VAL A 456 -10.34 -22.93 -7.46
N ASN A 457 -10.13 -22.83 -8.78
CA ASN A 457 -10.20 -24.00 -9.64
C ASN A 457 -8.83 -24.33 -10.25
N TYR A 458 -7.77 -23.59 -9.87
CA TYR A 458 -6.45 -23.82 -10.42
C TYR A 458 -5.38 -23.26 -9.49
N GLY A 459 -4.31 -24.06 -9.30
CA GLY A 459 -3.06 -23.56 -8.75
C GLY A 459 -2.92 -23.86 -7.27
N ALA A 460 -2.13 -23.00 -6.60
CA ALA A 460 -1.66 -23.25 -5.26
C ALA A 460 -2.81 -23.32 -4.26
N LYS A 461 -3.92 -22.64 -4.54
CA LYS A 461 -4.95 -22.41 -3.54
C LYS A 461 -6.09 -23.42 -3.63
N ILE A 462 -5.92 -24.49 -4.43
CA ILE A 462 -6.99 -25.46 -4.59
C ILE A 462 -7.35 -26.05 -3.21
N GLU A 463 -6.37 -26.15 -2.31
CA GLU A 463 -6.61 -26.63 -0.95
C GLU A 463 -6.35 -25.54 0.08
N ALA A 464 -6.53 -24.28 -0.31
CA ALA A 464 -6.34 -23.18 0.63
C ALA A 464 -7.46 -23.21 1.67
N ILE A 465 -7.17 -22.68 2.87
CA ILE A 465 -8.12 -22.65 3.96
C ILE A 465 -9.32 -21.77 3.59
N THR A 466 -9.12 -20.87 2.62
CA THR A 466 -10.18 -20.00 2.12
C THR A 466 -11.15 -20.73 1.18
N GLN A 467 -10.88 -22.01 0.85
CA GLN A 467 -11.79 -22.78 0.03
C GLN A 467 -13.05 -23.14 0.83
N PHE A 468 -12.95 -23.09 2.17
CA PHE A 468 -14.13 -23.22 3.03
C PHE A 468 -14.92 -21.92 3.02
N LYS A 469 -16.23 -22.02 2.74
CA LYS A 469 -17.05 -20.83 2.55
C LYS A 469 -18.11 -20.75 3.64
N GLY A 470 -18.32 -19.53 4.16
CA GLY A 470 -19.08 -19.31 5.36
C GLY A 470 -18.21 -18.69 6.44
N ILE A 471 -18.63 -18.80 7.70
CA ILE A 471 -17.84 -18.33 8.82
C ILE A 471 -17.13 -19.52 9.46
N ARG A 472 -15.79 -19.45 9.52
CA ARG A 472 -14.99 -20.57 9.98
C ARG A 472 -14.66 -20.43 11.48
N THR A 473 -14.28 -19.23 11.91
CA THR A 473 -13.82 -19.06 13.29
C THR A 473 -14.94 -18.49 14.16
N GLY A 474 -15.42 -17.28 13.87
CA GLY A 474 -16.51 -16.71 14.64
C GLY A 474 -16.71 -15.21 14.41
N VAL A 475 -17.54 -14.63 15.27
CA VAL A 475 -17.89 -13.21 15.23
C VAL A 475 -17.64 -12.62 16.61
N MET A 476 -16.98 -11.45 16.64
CA MET A 476 -16.64 -10.78 17.88
C MET A 476 -17.48 -9.52 18.06
N VAL A 477 -17.97 -9.33 19.29
CA VAL A 477 -18.56 -8.08 19.74
C VAL A 477 -17.68 -7.56 20.86
N ASP A 478 -17.21 -6.31 20.71
CA ASP A 478 -16.18 -5.78 21.60
C ASP A 478 -14.99 -6.74 21.52
N LEU A 479 -14.63 -7.40 22.63
CA LEU A 479 -13.41 -8.19 22.67
C LEU A 479 -13.72 -9.69 22.71
N HIS A 480 -15.00 -10.07 22.65
CA HIS A 480 -15.37 -11.46 22.88
C HIS A 480 -16.08 -12.06 21.67
N PHE A 481 -15.78 -13.34 21.40
CA PHE A 481 -16.53 -14.14 20.46
C PHE A 481 -17.90 -14.44 21.05
N ILE A 482 -18.94 -14.34 20.22
CA ILE A 482 -20.30 -14.59 20.67
C ILE A 482 -20.60 -16.09 20.58
N LYS A 483 -21.58 -16.53 21.37
CA LYS A 483 -22.05 -17.90 21.38
C LYS A 483 -23.54 -17.90 21.02
N GLY A 484 -23.97 -18.92 20.26
CA GLY A 484 -25.37 -19.10 19.91
C GLY A 484 -25.67 -18.60 18.50
N TYR A 485 -25.70 -19.53 17.54
CA TYR A 485 -26.01 -19.22 16.16
C TYR A 485 -27.17 -20.08 15.68
N GLN A 486 -28.02 -19.51 14.82
CA GLN A 486 -28.86 -20.27 13.90
C GLN A 486 -28.27 -20.11 12.50
N GLN A 487 -28.03 -21.25 11.84
CA GLN A 487 -27.31 -21.29 10.57
C GLN A 487 -28.26 -21.75 9.48
N TYR A 488 -28.51 -20.87 8.51
CA TYR A 488 -29.48 -21.10 7.45
C TYR A 488 -28.76 -21.38 6.14
N PRO A 489 -28.67 -22.66 5.71
CA PRO A 489 -28.18 -22.97 4.36
C PRO A 489 -29.27 -22.74 3.31
N LEU A 490 -29.23 -21.58 2.65
CA LEU A 490 -30.31 -21.12 1.80
C LEU A 490 -30.36 -21.93 0.50
N ASP A 491 -31.54 -22.48 0.19
CA ASP A 491 -31.79 -23.11 -1.10
C ASP A 491 -32.70 -22.20 -1.92
N LEU A 492 -32.09 -21.42 -2.81
CA LEU A 492 -32.80 -20.44 -3.62
C LEU A 492 -33.70 -21.13 -4.64
N ASN A 493 -33.52 -22.44 -4.87
CA ASN A 493 -34.37 -23.17 -5.79
C ASN A 493 -35.78 -23.30 -5.22
N GLN A 494 -35.97 -22.87 -3.96
CA GLN A 494 -37.29 -22.80 -3.35
C GLN A 494 -37.99 -21.47 -3.68
N ALA A 495 -37.30 -20.60 -4.43
CA ALA A 495 -37.77 -19.23 -4.66
C ALA A 495 -39.19 -19.20 -5.22
N PRO A 496 -39.57 -20.07 -6.19
CA PRO A 496 -40.94 -20.06 -6.73
C PRO A 496 -42.05 -20.42 -5.74
N GLU A 497 -41.69 -21.04 -4.60
CA GLU A 497 -42.65 -21.47 -3.61
C GLU A 497 -42.87 -20.38 -2.55
N LEU A 498 -42.10 -19.29 -2.63
CA LEU A 498 -42.13 -18.25 -1.61
C LEU A 498 -43.50 -17.56 -1.62
N ASP A 499 -43.91 -17.09 -0.44
CA ASP A 499 -45.10 -16.28 -0.26
C ASP A 499 -44.72 -14.80 -0.39
N PHE A 500 -45.00 -14.21 -1.55
CA PHE A 500 -44.56 -12.86 -1.88
C PHE A 500 -45.51 -11.81 -1.30
N SER A 501 -46.65 -12.24 -0.76
CA SER A 501 -47.58 -11.34 -0.08
C SER A 501 -47.02 -10.89 1.27
N LYS A 502 -45.91 -11.49 1.72
CA LYS A 502 -45.24 -11.07 2.93
C LYS A 502 -44.43 -9.80 2.66
N ASP A 503 -43.95 -9.17 3.73
CA ASP A 503 -43.53 -7.79 3.72
C ASP A 503 -42.19 -7.64 3.00
N TRP A 504 -41.99 -6.44 2.43
CA TRP A 504 -40.71 -6.05 1.85
C TRP A 504 -40.19 -4.81 2.56
N GLN A 505 -38.86 -4.72 2.69
CA GLN A 505 -38.19 -3.60 3.34
C GLN A 505 -37.05 -3.13 2.45
N PRO A 506 -36.77 -1.81 2.40
CA PRO A 506 -35.66 -1.30 1.59
C PRO A 506 -34.30 -1.62 2.24
N GLU A 507 -33.24 -1.56 1.43
CA GLU A 507 -31.88 -1.82 1.87
C GLU A 507 -31.82 -3.15 2.60
N THR A 508 -32.12 -4.21 1.86
CA THR A 508 -32.36 -5.52 2.42
C THR A 508 -32.33 -6.55 1.28
N PRO A 509 -31.71 -7.75 1.48
CA PRO A 509 -31.81 -8.82 0.50
C PRO A 509 -33.28 -9.17 0.27
N ALA A 510 -33.67 -9.31 -1.00
CA ALA A 510 -35.07 -9.57 -1.33
C ALA A 510 -35.20 -10.35 -2.63
N PHE A 511 -36.38 -10.94 -2.81
CA PHE A 511 -36.76 -11.59 -4.04
C PHE A 511 -37.73 -10.69 -4.79
N TYR A 512 -37.57 -10.60 -6.13
CA TYR A 512 -38.41 -9.79 -6.98
C TYR A 512 -38.93 -10.64 -8.14
N LYS A 513 -40.26 -10.77 -8.22
CA LYS A 513 -40.89 -11.66 -9.18
C LYS A 513 -41.39 -10.85 -10.36
N TYR A 514 -41.08 -11.32 -11.58
CA TYR A 514 -41.61 -10.77 -12.81
C TYR A 514 -42.33 -11.88 -13.56
N THR A 515 -43.67 -11.86 -13.51
CA THR A 515 -44.51 -12.86 -14.15
C THR A 515 -45.05 -12.25 -15.44
N PHE A 516 -45.00 -13.01 -16.53
CA PHE A 516 -45.23 -12.46 -17.87
C PHE A 516 -45.56 -13.59 -18.84
N ASP A 517 -46.28 -13.24 -19.91
CA ASP A 517 -46.73 -14.21 -20.89
C ASP A 517 -45.86 -14.13 -22.14
N LEU A 518 -45.61 -15.30 -22.73
CA LEU A 518 -44.88 -15.42 -24.00
C LEU A 518 -45.73 -16.24 -24.97
N THR A 519 -45.77 -15.78 -26.23
CA THR A 519 -46.53 -16.43 -27.28
C THR A 519 -45.75 -17.62 -27.81
N GLU A 520 -44.43 -17.44 -27.98
CA GLU A 520 -43.54 -18.49 -28.46
C GLU A 520 -42.17 -18.31 -27.79
N PRO A 521 -41.58 -19.36 -27.18
CA PRO A 521 -40.26 -19.25 -26.54
C PRO A 521 -39.10 -19.17 -27.52
N HIS A 522 -38.17 -18.22 -27.27
CA HIS A 522 -36.93 -18.12 -28.02
C HIS A 522 -35.81 -17.78 -27.04
N ASP A 523 -34.56 -17.91 -27.50
CA ASP A 523 -33.39 -17.48 -26.76
C ASP A 523 -33.52 -15.99 -26.46
N THR A 524 -32.98 -15.56 -25.30
CA THR A 524 -33.10 -14.17 -24.88
C THR A 524 -32.00 -13.81 -23.87
N TYR A 525 -31.89 -12.51 -23.58
CA TYR A 525 -30.95 -11.99 -22.60
C TYR A 525 -31.72 -11.17 -21.56
N LEU A 526 -31.47 -11.47 -20.27
CA LEU A 526 -32.02 -10.67 -19.18
C LEU A 526 -31.10 -9.48 -18.92
N ASP A 527 -31.68 -8.27 -18.94
CA ASP A 527 -30.94 -7.06 -18.66
C ASP A 527 -30.85 -6.87 -17.15
N CYS A 528 -29.62 -6.84 -16.62
CA CYS A 528 -29.38 -6.83 -15.18
C CYS A 528 -29.03 -5.44 -14.69
N ARG A 529 -29.06 -4.44 -15.59
CA ARG A 529 -28.82 -3.06 -15.25
C ARG A 529 -29.98 -2.60 -14.37
N GLY A 530 -29.65 -1.86 -13.31
CA GLY A 530 -30.66 -1.47 -12.34
C GLY A 530 -30.75 -2.43 -11.16
N PHE A 531 -30.09 -3.61 -11.25
CA PHE A 531 -29.97 -4.49 -10.10
C PHE A 531 -28.53 -4.46 -9.57
N GLY A 532 -28.36 -4.66 -8.26
CA GLY A 532 -27.06 -4.50 -7.62
C GLY A 532 -26.18 -5.74 -7.78
N LYS A 533 -26.59 -6.83 -7.12
CA LYS A 533 -25.85 -8.09 -7.16
C LYS A 533 -26.78 -9.22 -6.71
N GLY A 534 -26.59 -10.42 -7.29
CA GLY A 534 -27.35 -11.60 -6.92
C GLY A 534 -27.43 -12.63 -8.04
N VAL A 535 -28.57 -13.34 -8.09
CA VAL A 535 -28.82 -14.35 -9.12
C VAL A 535 -30.25 -14.17 -9.65
N MET A 536 -30.53 -14.76 -10.82
CA MET A 536 -31.86 -14.77 -11.40
C MET A 536 -32.28 -16.20 -11.73
N LEU A 537 -33.53 -16.54 -11.39
CA LEU A 537 -34.09 -17.85 -11.64
C LEU A 537 -35.20 -17.74 -12.67
N VAL A 538 -35.10 -18.53 -13.75
CA VAL A 538 -36.09 -18.55 -14.81
C VAL A 538 -36.88 -19.85 -14.70
N ASN A 539 -38.18 -19.73 -14.37
CA ASN A 539 -39.07 -20.86 -14.19
C ASN A 539 -38.43 -21.87 -13.24
N GLY A 540 -37.82 -21.36 -12.16
CA GLY A 540 -37.30 -22.18 -11.08
C GLY A 540 -35.84 -22.60 -11.27
N VAL A 541 -35.18 -22.12 -12.35
CA VAL A 541 -33.84 -22.55 -12.69
C VAL A 541 -32.89 -21.35 -12.62
N ASN A 542 -31.86 -21.46 -11.76
CA ASN A 542 -30.89 -20.40 -11.53
C ASN A 542 -29.96 -20.32 -12.73
N VAL A 543 -30.05 -19.22 -13.50
CA VAL A 543 -29.30 -19.10 -14.74
C VAL A 543 -27.98 -18.39 -14.50
N GLY A 544 -27.72 -17.94 -13.27
CA GLY A 544 -26.38 -17.50 -12.89
C GLY A 544 -26.39 -16.16 -12.16
N ARG A 545 -25.18 -15.63 -11.93
CA ARG A 545 -24.96 -14.44 -11.11
C ARG A 545 -24.97 -13.19 -11.97
N PHE A 546 -25.32 -12.06 -11.35
CA PHE A 546 -25.15 -10.74 -11.95
C PHE A 546 -24.51 -9.81 -10.92
N TRP A 547 -23.89 -8.73 -11.42
CA TRP A 547 -23.20 -7.77 -10.58
C TRP A 547 -23.02 -6.49 -11.38
N GLU A 548 -23.43 -5.35 -10.80
CA GLU A 548 -23.29 -4.05 -11.43
C GLU A 548 -21.83 -3.75 -11.75
N LYS A 549 -20.89 -4.41 -11.06
CA LYS A 549 -19.46 -4.22 -11.27
C LYS A 549 -19.09 -4.42 -12.74
N GLY A 550 -19.68 -5.43 -13.40
CA GLY A 550 -19.45 -5.66 -14.81
C GLY A 550 -18.22 -6.53 -15.08
N PRO A 551 -17.78 -6.71 -16.34
CA PRO A 551 -18.35 -6.00 -17.50
C PRO A 551 -19.64 -6.58 -18.08
N THR A 552 -19.92 -7.85 -17.80
CA THR A 552 -21.17 -8.49 -18.22
C THR A 552 -22.34 -7.96 -17.40
N LEU A 553 -23.35 -7.41 -18.09
CA LEU A 553 -24.50 -6.79 -17.45
C LEU A 553 -25.80 -7.44 -17.94
N SER A 554 -25.72 -8.72 -18.32
CA SER A 554 -26.91 -9.46 -18.70
C SER A 554 -26.71 -10.95 -18.42
N LEU A 555 -27.79 -11.73 -18.55
CA LEU A 555 -27.76 -13.16 -18.37
C LEU A 555 -28.44 -13.82 -19.57
N TYR A 556 -27.71 -14.71 -20.27
CA TYR A 556 -28.28 -15.48 -21.35
C TYR A 556 -29.31 -16.46 -20.78
N VAL A 557 -30.44 -16.59 -21.50
CA VAL A 557 -31.49 -17.53 -21.14
C VAL A 557 -31.87 -18.31 -22.39
N PRO A 558 -31.60 -19.64 -22.47
CA PRO A 558 -31.94 -20.42 -23.64
C PRO A 558 -33.46 -20.60 -23.75
N ALA A 559 -33.93 -20.88 -24.96
CA ALA A 559 -35.36 -21.06 -25.24
C ALA A 559 -35.92 -22.21 -24.42
N GLY A 560 -35.10 -23.26 -24.23
CA GLY A 560 -35.50 -24.47 -23.53
C GLY A 560 -35.96 -24.24 -22.08
N LEU A 561 -35.53 -23.12 -21.47
CA LEU A 561 -35.95 -22.78 -20.11
C LEU A 561 -37.27 -22.01 -20.11
N LEU A 562 -37.78 -21.68 -21.30
CA LEU A 562 -39.01 -20.91 -21.43
C LEU A 562 -40.07 -21.78 -22.09
N HIS A 563 -41.33 -21.33 -22.00
CA HIS A 563 -42.44 -22.02 -22.64
C HIS A 563 -43.49 -20.99 -23.07
N ALA A 564 -44.35 -21.41 -24.00
CA ALA A 564 -45.52 -20.64 -24.38
C ALA A 564 -46.46 -20.60 -23.18
N GLY A 565 -47.04 -19.41 -22.92
CA GLY A 565 -47.87 -19.21 -21.75
C GLY A 565 -47.16 -18.34 -20.70
N GLN A 566 -47.46 -18.63 -19.42
CA GLN A 566 -47.10 -17.77 -18.32
C GLN A 566 -45.73 -18.20 -17.76
N ASN A 567 -44.74 -17.31 -17.93
CA ASN A 567 -43.38 -17.57 -17.46
C ASN A 567 -43.12 -16.74 -16.22
N GLU A 568 -41.99 -17.01 -15.54
CA GLU A 568 -41.71 -16.37 -14.27
C GLU A 568 -40.19 -16.22 -14.10
N VAL A 569 -39.75 -14.97 -13.86
CA VAL A 569 -38.38 -14.70 -13.47
C VAL A 569 -38.39 -14.20 -12.04
N ILE A 570 -37.53 -14.78 -11.19
CA ILE A 570 -37.35 -14.33 -9.82
C ILE A 570 -35.90 -13.88 -9.65
N VAL A 571 -35.73 -12.63 -9.20
CA VAL A 571 -34.41 -12.08 -8.92
C VAL A 571 -34.18 -12.12 -7.41
N PHE A 572 -33.07 -12.74 -7.00
CA PHE A 572 -32.55 -12.58 -5.66
C PHE A 572 -31.44 -11.54 -5.70
N GLU A 573 -31.61 -10.46 -4.94
CA GLU A 573 -30.75 -9.30 -5.02
C GLU A 573 -30.40 -8.88 -3.59
N THR A 574 -29.13 -8.57 -3.36
CA THR A 574 -28.59 -8.49 -2.01
C THR A 574 -28.21 -7.06 -1.60
N GLU A 575 -28.06 -6.14 -2.57
CA GLU A 575 -27.52 -4.81 -2.30
C GLU A 575 -28.64 -3.82 -2.00
N GLY A 576 -29.86 -4.11 -2.43
CA GLY A 576 -31.00 -3.21 -2.24
C GLY A 576 -31.27 -2.33 -3.46
N ARG A 577 -30.65 -2.67 -4.61
CA ARG A 577 -30.87 -1.96 -5.85
C ARG A 577 -31.60 -2.90 -6.82
N TYR A 578 -32.78 -2.47 -7.29
CA TYR A 578 -33.61 -3.29 -8.17
C TYR A 578 -34.34 -2.41 -9.19
N ALA A 579 -34.89 -3.04 -10.23
CA ALA A 579 -35.59 -2.34 -11.30
C ALA A 579 -37.08 -2.59 -11.20
N GLU A 580 -37.88 -1.56 -11.49
CA GLU A 580 -39.34 -1.64 -11.50
C GLU A 580 -39.83 -2.55 -12.63
N SER A 581 -39.01 -2.73 -13.66
CA SER A 581 -39.37 -3.60 -14.76
C SER A 581 -38.14 -4.37 -15.24
N LEU A 582 -38.34 -5.68 -15.46
CA LEU A 582 -37.31 -6.54 -16.00
C LEU A 582 -37.30 -6.43 -17.52
N LYS A 583 -36.18 -5.96 -18.08
CA LYS A 583 -36.05 -5.79 -19.52
C LYS A 583 -35.35 -7.00 -20.11
N MET A 584 -35.86 -7.47 -21.26
CA MET A 584 -35.27 -8.59 -21.98
C MET A 584 -34.80 -8.06 -23.34
N ALA A 585 -33.53 -8.31 -23.66
CA ALA A 585 -32.90 -7.71 -24.83
C ALA A 585 -32.48 -8.80 -25.81
N ASP A 586 -32.21 -8.40 -27.06
CA ASP A 586 -31.93 -9.34 -28.14
C ASP A 586 -30.43 -9.50 -28.35
N HIS A 587 -29.62 -8.87 -27.48
CA HIS A 587 -28.17 -8.97 -27.54
C HIS A 587 -27.61 -8.93 -26.13
N PRO A 588 -26.38 -9.44 -25.87
CA PRO A 588 -25.77 -9.33 -24.54
C PRO A 588 -25.32 -7.90 -24.24
N ILE A 589 -25.65 -7.42 -23.03
CA ILE A 589 -25.32 -6.06 -22.63
C ILE A 589 -23.98 -6.06 -21.91
N PHE A 590 -23.17 -5.03 -22.17
CA PHE A 590 -21.88 -4.87 -21.55
C PHE A 590 -21.70 -3.43 -21.08
N GLU A 591 -20.87 -3.26 -20.04
CA GLU A 591 -20.44 -1.96 -19.57
C GLU A 591 -18.95 -2.03 -19.24
N GLU A 592 -18.29 -0.86 -19.24
CA GLU A 592 -16.89 -0.76 -18.84
C GLU A 592 -16.84 -0.76 -17.32
N PRO A 593 -16.01 -1.64 -16.70
CA PRO A 593 -15.88 -1.67 -15.23
C PRO A 593 -14.97 -0.55 -14.70
N THR B 2 -20.33 27.89 -51.73
CA THR B 2 -21.02 27.18 -50.63
C THR B 2 -21.34 28.15 -49.50
N THR B 3 -22.56 28.03 -48.96
CA THR B 3 -23.01 28.78 -47.81
C THR B 3 -23.24 27.81 -46.64
N PHE B 4 -22.98 28.29 -45.42
CA PHE B 4 -23.19 27.48 -44.23
C PHE B 4 -23.63 28.36 -43.06
N SER B 5 -24.72 27.97 -42.41
CA SER B 5 -25.20 28.63 -41.20
C SER B 5 -25.88 27.61 -40.30
N ILE B 6 -26.21 28.03 -39.07
CA ILE B 6 -26.77 27.14 -38.06
C ILE B 6 -28.14 27.66 -37.64
N GLU B 7 -29.17 26.83 -37.91
CA GLU B 7 -30.54 27.07 -37.46
C GLU B 7 -31.00 25.81 -36.72
N HIS B 8 -32.24 25.37 -36.94
CA HIS B 8 -32.72 24.11 -36.38
C HIS B 8 -31.85 22.96 -36.86
N ASP B 9 -31.55 22.96 -38.16
CA ASP B 9 -30.55 22.09 -38.74
C ASP B 9 -29.35 22.94 -39.16
N PHE B 10 -28.24 22.26 -39.46
CA PHE B 10 -27.19 22.87 -40.26
C PHE B 10 -27.79 23.19 -41.62
N MET B 11 -27.55 24.41 -42.10
CA MET B 11 -28.06 24.83 -43.40
C MET B 11 -26.89 24.98 -44.35
N LEU B 12 -26.80 24.06 -45.32
CA LEU B 12 -25.78 24.10 -46.36
C LEU B 12 -26.45 24.42 -47.69
N ASP B 13 -26.14 25.59 -48.26
CA ASP B 13 -26.75 26.09 -49.47
C ASP B 13 -28.27 26.20 -49.28
N GLY B 14 -28.69 26.65 -48.09
CA GLY B 14 -30.09 26.92 -47.80
C GLY B 14 -30.87 25.66 -47.38
N LYS B 15 -30.24 24.48 -47.46
CA LYS B 15 -30.94 23.22 -47.30
C LYS B 15 -30.47 22.52 -46.03
N PRO B 16 -31.38 21.86 -45.27
CA PRO B 16 -30.98 21.05 -44.11
C PRO B 16 -29.87 20.05 -44.44
N PHE B 17 -28.81 20.05 -43.61
CA PHE B 17 -27.63 19.23 -43.87
C PHE B 17 -27.27 18.43 -42.63
N LYS B 18 -26.91 17.16 -42.83
CA LYS B 18 -26.38 16.33 -41.76
C LYS B 18 -24.88 16.16 -41.98
N ILE B 19 -24.09 16.64 -41.00
CA ILE B 19 -22.65 16.50 -41.08
C ILE B 19 -22.29 15.07 -40.68
N LEU B 20 -21.60 14.37 -41.59
CA LEU B 20 -20.99 13.09 -41.32
C LEU B 20 -19.48 13.25 -41.47
N SER B 21 -18.80 13.45 -40.32
CA SER B 21 -17.39 13.82 -40.30
C SER B 21 -16.54 12.68 -39.74
N GLY B 22 -15.26 12.72 -40.09
CA GLY B 22 -14.27 11.79 -39.57
C GLY B 22 -12.95 12.51 -39.28
N ALA B 23 -12.38 12.22 -38.10
CA ALA B 23 -11.18 12.89 -37.63
C ALA B 23 -9.96 12.26 -38.29
N ILE B 24 -9.20 13.09 -39.00
CA ILE B 24 -7.90 12.73 -39.52
C ILE B 24 -6.94 13.85 -39.17
N HIS B 25 -5.92 13.53 -38.39
CA HIS B 25 -4.95 14.54 -37.96
C HIS B 25 -3.81 14.53 -38.97
N TYR B 26 -3.75 15.58 -39.80
CA TYR B 26 -2.77 15.66 -40.87
C TYR B 26 -1.36 15.47 -40.31
N PHE B 27 -1.13 15.94 -39.09
CA PHE B 27 0.19 15.94 -38.47
C PHE B 27 0.57 14.55 -37.97
N ARG B 28 -0.36 13.59 -38.01
CA ARG B 28 -0.13 12.22 -37.58
C ARG B 28 -0.10 11.24 -38.76
N VAL B 29 -0.07 11.76 -39.99
CA VAL B 29 -0.11 10.94 -41.20
C VAL B 29 0.82 11.56 -42.24
N HIS B 30 1.66 10.75 -42.88
CA HIS B 30 2.57 11.25 -43.90
C HIS B 30 1.75 11.87 -45.03
N PRO B 31 2.12 13.07 -45.53
CA PRO B 31 1.34 13.75 -46.57
C PRO B 31 1.11 12.96 -47.86
N ASP B 32 2.00 12.00 -48.14
CA ASP B 32 1.84 11.12 -49.28
C ASP B 32 0.57 10.28 -49.14
N ASP B 33 0.10 10.05 -47.90
CA ASP B 33 -1.03 9.17 -47.65
C ASP B 33 -2.30 9.93 -47.29
N TRP B 34 -2.29 11.27 -47.41
CA TRP B 34 -3.46 12.08 -47.14
C TRP B 34 -4.61 11.71 -48.10
N TYR B 35 -4.32 11.67 -49.41
CA TYR B 35 -5.31 11.33 -50.41
C TYR B 35 -5.97 10.00 -50.06
N HIS B 36 -5.13 9.00 -49.77
CA HIS B 36 -5.59 7.66 -49.42
C HIS B 36 -6.64 7.74 -48.32
N SER B 37 -6.27 8.32 -47.18
CA SER B 37 -7.14 8.34 -46.01
C SER B 37 -8.43 9.11 -46.29
N LEU B 38 -8.30 10.27 -46.95
CA LEU B 38 -9.43 11.10 -47.28
C LEU B 38 -10.37 10.35 -48.24
N TYR B 39 -9.80 9.70 -49.26
CA TYR B 39 -10.59 8.91 -50.20
C TYR B 39 -11.42 7.87 -49.43
N ASN B 40 -10.79 7.19 -48.48
CA ASN B 40 -11.45 6.14 -47.71
C ASN B 40 -12.56 6.73 -46.84
N LEU B 41 -12.40 8.00 -46.45
CA LEU B 41 -13.45 8.71 -45.72
C LEU B 41 -14.65 8.95 -46.63
N LYS B 42 -14.38 9.34 -47.88
CA LYS B 42 -15.43 9.55 -48.86
C LYS B 42 -16.12 8.23 -49.19
N ALA B 43 -15.33 7.15 -49.26
CA ALA B 43 -15.81 5.84 -49.65
C ALA B 43 -16.74 5.26 -48.58
N LEU B 44 -16.54 5.69 -47.33
CA LEU B 44 -17.37 5.25 -46.21
C LEU B 44 -18.80 5.79 -46.39
N GLY B 45 -18.90 6.96 -47.02
CA GLY B 45 -20.18 7.63 -47.22
C GLY B 45 -20.25 8.95 -46.43
N PHE B 46 -19.11 9.44 -45.97
CA PHE B 46 -19.03 10.64 -45.14
C PHE B 46 -18.75 11.85 -46.03
N ASN B 47 -19.12 13.04 -45.55
CA ASN B 47 -19.10 14.25 -46.36
C ASN B 47 -18.07 15.27 -45.84
N THR B 48 -17.47 15.00 -44.67
CA THR B 48 -16.65 16.00 -43.99
C THR B 48 -15.45 15.35 -43.31
N VAL B 49 -14.34 16.11 -43.23
CA VAL B 49 -13.16 15.70 -42.50
C VAL B 49 -12.90 16.74 -41.40
N GLU B 50 -12.34 16.29 -40.27
CA GLU B 50 -12.09 17.17 -39.13
C GLU B 50 -10.66 16.99 -38.65
N THR B 51 -10.02 18.09 -38.22
CA THR B 51 -8.66 18.03 -37.70
C THR B 51 -8.42 19.14 -36.67
N TYR B 52 -7.59 18.80 -35.68
CA TYR B 52 -6.96 19.76 -34.79
C TYR B 52 -5.82 20.47 -35.50
N VAL B 53 -5.31 21.54 -34.86
CA VAL B 53 -4.10 22.23 -35.27
C VAL B 53 -3.15 22.27 -34.07
N PRO B 54 -1.98 21.60 -34.11
CA PRO B 54 -1.08 21.51 -32.96
C PRO B 54 -0.09 22.67 -32.85
N TRP B 55 -0.34 23.55 -31.88
CA TRP B 55 0.49 24.73 -31.67
C TRP B 55 1.95 24.34 -31.51
N ASN B 56 2.21 23.25 -30.78
CA ASN B 56 3.58 22.89 -30.40
C ASN B 56 4.36 22.24 -31.54
N LEU B 57 3.73 22.03 -32.71
CA LEU B 57 4.48 21.66 -33.91
C LEU B 57 4.66 22.87 -34.84
N HIS B 58 3.60 23.67 -34.98
CA HIS B 58 3.63 24.82 -35.86
C HIS B 58 4.54 25.91 -35.29
N GLU B 59 4.62 26.03 -33.96
CA GLU B 59 5.56 26.92 -33.31
C GLU B 59 6.34 26.16 -32.23
N TYR B 60 7.12 25.18 -32.68
CA TYR B 60 7.86 24.30 -31.79
C TYR B 60 8.78 25.13 -30.89
N ARG B 61 9.50 26.06 -31.51
CA ARG B 61 10.33 27.03 -30.82
C ARG B 61 9.72 28.41 -31.09
N GLU B 62 9.75 29.29 -30.08
CA GLU B 62 9.08 30.58 -30.16
C GLU B 62 9.58 31.35 -31.37
N GLY B 63 8.66 31.74 -32.26
CA GLY B 63 8.99 32.56 -33.42
C GLY B 63 9.41 31.76 -34.65
N GLU B 64 9.55 30.42 -34.49
CA GLU B 64 9.94 29.56 -35.59
C GLU B 64 8.72 28.78 -36.08
N PHE B 65 8.02 29.35 -37.06
CA PHE B 65 6.80 28.77 -37.59
C PHE B 65 7.12 27.80 -38.73
N ASP B 66 6.32 26.72 -38.83
CA ASP B 66 6.51 25.71 -39.87
C ASP B 66 5.14 25.26 -40.34
N PHE B 67 4.89 25.39 -41.66
CA PHE B 67 3.66 24.95 -42.29
C PHE B 67 4.00 24.15 -43.56
N SER B 68 5.13 23.44 -43.53
CA SER B 68 5.62 22.72 -44.69
C SER B 68 5.51 21.22 -44.44
N GLY B 69 5.53 20.44 -45.53
CA GLY B 69 5.52 18.99 -45.46
C GLY B 69 4.27 18.46 -44.74
N ILE B 70 4.49 17.74 -43.65
CA ILE B 70 3.41 17.12 -42.89
C ILE B 70 2.61 18.16 -42.12
N LEU B 71 3.13 19.40 -42.04
CA LEU B 71 2.44 20.48 -41.36
C LEU B 71 1.76 21.43 -42.34
N ASP B 72 1.66 21.04 -43.62
CA ASP B 72 1.05 21.89 -44.64
C ASP B 72 -0.46 21.69 -44.63
N ILE B 73 -1.13 22.43 -43.74
CA ILE B 73 -2.56 22.28 -43.53
C ILE B 73 -3.34 22.76 -44.76
N GLU B 74 -2.76 23.73 -45.49
CA GLU B 74 -3.39 24.24 -46.71
C GLU B 74 -3.54 23.12 -47.73
N HIS B 75 -2.47 22.35 -47.93
CA HIS B 75 -2.46 21.24 -48.88
C HIS B 75 -3.42 20.14 -48.41
N PHE B 76 -3.49 19.93 -47.09
CA PHE B 76 -4.40 18.95 -46.53
C PHE B 76 -5.84 19.29 -46.91
N LEU B 77 -6.22 20.54 -46.64
CA LEU B 77 -7.58 21.01 -46.89
C LEU B 77 -7.88 21.01 -48.40
N ASP B 78 -6.85 21.23 -49.23
CA ASP B 78 -6.98 21.19 -50.68
C ASP B 78 -7.33 19.78 -51.15
N VAL B 79 -6.58 18.78 -50.68
CA VAL B 79 -6.81 17.40 -51.08
C VAL B 79 -8.25 16.99 -50.71
N ALA B 80 -8.73 17.45 -49.54
CA ALA B 80 -10.07 17.13 -49.10
C ALA B 80 -11.10 17.75 -50.05
N GLU B 81 -10.93 19.04 -50.36
CA GLU B 81 -11.84 19.78 -51.23
C GLU B 81 -11.92 19.10 -52.60
N ASP B 82 -10.76 18.75 -53.17
CA ASP B 82 -10.68 18.16 -54.50
C ASP B 82 -11.40 16.81 -54.54
N LEU B 83 -11.49 16.13 -53.39
CA LEU B 83 -12.23 14.88 -53.28
C LEU B 83 -13.70 15.16 -52.96
N GLY B 84 -14.07 16.45 -52.85
CA GLY B 84 -15.45 16.84 -52.63
C GLY B 84 -15.88 16.72 -51.16
N LEU B 85 -14.93 16.77 -50.23
CA LEU B 85 -15.21 16.76 -48.80
C LEU B 85 -15.23 18.20 -48.27
N TYR B 86 -16.16 18.48 -47.35
CA TYR B 86 -16.12 19.68 -46.53
C TYR B 86 -15.15 19.46 -45.37
N ALA B 87 -14.95 20.47 -44.51
CA ALA B 87 -13.96 20.38 -43.44
C ALA B 87 -14.42 21.13 -42.20
N ILE B 88 -14.00 20.61 -41.03
CA ILE B 88 -14.10 21.31 -39.76
C ILE B 88 -12.69 21.40 -39.17
N VAL B 89 -12.28 22.62 -38.81
CA VAL B 89 -10.96 22.84 -38.24
C VAL B 89 -11.14 23.24 -36.78
N ARG B 90 -10.24 22.75 -35.91
CA ARG B 90 -10.30 23.05 -34.49
C ARG B 90 -8.94 23.63 -34.06
N PRO B 91 -8.72 24.95 -34.28
CA PRO B 91 -7.41 25.56 -34.07
C PRO B 91 -7.20 26.16 -32.68
N SER B 92 -7.61 25.41 -31.66
CA SER B 92 -7.47 25.86 -30.29
C SER B 92 -6.01 25.80 -29.87
N PRO B 93 -5.54 26.68 -28.97
CA PRO B 93 -4.18 26.56 -28.42
C PRO B 93 -4.03 25.25 -27.65
N TYR B 94 -5.14 24.81 -27.04
CA TYR B 94 -5.22 23.52 -26.36
C TYR B 94 -6.11 22.59 -27.16
N ILE B 95 -5.59 21.41 -27.54
CA ILE B 95 -6.34 20.46 -28.36
C ILE B 95 -6.51 19.12 -27.66
N CYS B 96 -5.82 18.90 -26.52
CA CYS B 96 -5.87 17.63 -25.79
C CYS B 96 -5.29 16.52 -26.66
N ALA B 97 -6.16 15.79 -27.37
CA ALA B 97 -5.78 15.00 -28.54
C ALA B 97 -4.84 13.84 -28.22
N GLU B 98 -4.73 13.48 -26.94
CA GLU B 98 -3.73 12.50 -26.52
C GLU B 98 -2.39 12.89 -27.12
N TRP B 99 -1.99 14.13 -26.88
CA TRP B 99 -0.87 14.77 -27.57
C TRP B 99 -0.03 15.53 -26.56
N GLU B 100 1.30 15.47 -26.72
CA GLU B 100 2.26 16.15 -25.86
C GLU B 100 1.70 17.49 -25.42
N PHE B 101 1.47 17.61 -24.11
CA PHE B 101 1.10 18.85 -23.44
C PHE B 101 -0.24 19.39 -23.95
N GLY B 102 -1.06 18.51 -24.54
CA GLY B 102 -2.32 18.92 -25.14
C GLY B 102 -2.15 19.98 -26.21
N GLY B 103 -0.96 20.06 -26.82
CA GLY B 103 -0.71 20.97 -27.92
C GLY B 103 0.07 22.23 -27.52
N PHE B 104 0.19 22.49 -26.22
CA PHE B 104 0.89 23.67 -25.74
C PHE B 104 2.39 23.54 -25.98
N PRO B 105 3.05 24.56 -26.59
CA PRO B 105 4.51 24.59 -26.67
C PRO B 105 5.19 24.63 -25.30
N ALA B 106 6.25 23.84 -25.14
CA ALA B 106 6.90 23.67 -23.84
C ALA B 106 7.48 24.99 -23.33
N TRP B 107 7.83 25.91 -24.24
CA TRP B 107 8.46 27.16 -23.85
C TRP B 107 7.51 28.08 -23.10
N LEU B 108 6.20 27.78 -23.15
CA LEU B 108 5.21 28.49 -22.34
C LEU B 108 5.51 28.32 -20.84
N LEU B 109 6.13 27.18 -20.47
CA LEU B 109 6.44 26.90 -19.07
C LEU B 109 7.50 27.86 -18.52
N THR B 110 8.32 28.44 -19.42
CA THR B 110 9.36 29.36 -18.99
C THR B 110 8.82 30.77 -18.83
N LYS B 111 7.55 31.00 -19.17
CA LYS B 111 6.93 32.31 -19.06
C LYS B 111 6.04 32.37 -17.82
N SER B 112 5.80 33.59 -17.34
CA SER B 112 4.87 33.83 -16.24
C SER B 112 3.46 33.93 -16.81
N MET B 113 2.63 32.90 -16.56
CA MET B 113 1.48 32.66 -17.43
C MET B 113 0.62 31.53 -16.87
N ARG B 114 -0.69 31.76 -16.75
CA ARG B 114 -1.63 30.76 -16.28
C ARG B 114 -2.49 30.28 -17.44
N LEU B 115 -2.23 29.05 -17.88
CA LEU B 115 -2.81 28.51 -19.11
C LEU B 115 -4.32 28.30 -18.96
N ARG B 116 -5.04 28.55 -20.06
CA ARG B 116 -6.48 28.35 -20.19
C ARG B 116 -7.24 29.22 -19.19
N THR B 117 -6.81 30.48 -19.06
CA THR B 117 -7.49 31.47 -18.24
C THR B 117 -7.35 32.82 -18.93
N ASP B 118 -8.06 33.83 -18.40
CA ASP B 118 -7.99 35.18 -18.95
C ASP B 118 -6.70 35.85 -18.48
N ASP B 119 -5.57 35.34 -18.99
CA ASP B 119 -4.25 35.82 -18.65
C ASP B 119 -3.74 36.61 -19.86
N PRO B 120 -3.33 37.89 -19.68
CA PRO B 120 -2.97 38.75 -20.82
C PRO B 120 -1.75 38.25 -21.62
N ASN B 121 -0.79 37.63 -20.92
CA ASN B 121 0.41 37.12 -21.56
C ASN B 121 0.07 35.86 -22.36
N TYR B 122 -0.86 35.06 -21.83
CA TYR B 122 -1.32 33.86 -22.49
C TYR B 122 -2.06 34.21 -23.78
N LEU B 123 -3.01 35.15 -23.68
CA LEU B 123 -3.82 35.55 -24.81
C LEU B 123 -2.94 36.21 -25.88
N GLN B 124 -1.94 36.98 -25.44
CA GLN B 124 -1.03 37.63 -26.36
C GLN B 124 -0.26 36.59 -27.17
N ALA B 125 0.24 35.54 -26.49
CA ALA B 125 1.02 34.51 -27.17
C ALA B 125 0.15 33.79 -28.20
N ILE B 126 -1.14 33.61 -27.88
CA ILE B 126 -2.09 33.03 -28.82
C ILE B 126 -2.27 33.97 -30.02
N ASP B 127 -2.40 35.27 -29.74
CA ASP B 127 -2.56 36.29 -30.76
C ASP B 127 -1.44 36.18 -31.80
N ARG B 128 -0.20 36.03 -31.29
CA ARG B 128 0.98 35.96 -32.12
C ARG B 128 1.03 34.64 -32.90
N TYR B 129 0.59 33.56 -32.26
CA TYR B 129 0.46 32.27 -32.93
C TYR B 129 -0.56 32.38 -34.07
N TYR B 130 -1.70 33.03 -33.80
CA TYR B 130 -2.77 33.14 -34.77
C TYR B 130 -2.38 34.02 -35.96
N ALA B 131 -1.46 34.98 -35.75
CA ALA B 131 -0.97 35.82 -36.83
C ALA B 131 -0.27 34.98 -37.89
N ALA B 132 0.36 33.87 -37.48
CA ALA B 132 1.07 32.98 -38.40
C ALA B 132 0.10 31.94 -38.96
N LEU B 133 -0.82 31.43 -38.13
CA LEU B 133 -1.65 30.30 -38.51
C LEU B 133 -2.80 30.74 -39.40
N MET B 134 -3.51 31.79 -38.98
CA MET B 134 -4.84 32.05 -39.53
C MET B 134 -4.79 32.43 -41.01
N PRO B 135 -3.72 33.06 -41.53
CA PRO B 135 -3.55 33.20 -42.99
C PRO B 135 -3.59 31.91 -43.79
N HIS B 136 -3.22 30.78 -43.15
CA HIS B 136 -3.28 29.48 -43.80
C HIS B 136 -4.68 28.88 -43.71
N LEU B 137 -5.62 29.55 -43.02
CA LEU B 137 -6.96 29.02 -42.85
C LEU B 137 -8.02 29.93 -43.46
N VAL B 138 -7.81 31.25 -43.40
CA VAL B 138 -8.85 32.22 -43.68
C VAL B 138 -9.51 31.94 -45.04
N ASN B 139 -8.68 31.76 -46.08
CA ASN B 139 -9.18 31.65 -47.44
C ASN B 139 -9.74 30.25 -47.71
N HIS B 140 -9.59 29.31 -46.76
CA HIS B 140 -10.14 27.98 -46.91
C HIS B 140 -11.56 27.89 -46.37
N GLN B 141 -12.03 28.99 -45.76
CA GLN B 141 -13.40 29.07 -45.29
C GLN B 141 -14.36 29.07 -46.48
N VAL B 142 -15.59 28.60 -46.24
CA VAL B 142 -16.63 28.60 -47.27
C VAL B 142 -16.94 30.04 -47.67
N THR B 143 -16.79 30.97 -46.72
CA THR B 143 -17.03 32.39 -46.96
C THR B 143 -16.03 32.96 -47.97
N HIS B 144 -14.91 32.25 -48.19
CA HIS B 144 -13.89 32.68 -49.15
C HIS B 144 -13.75 31.66 -50.28
N GLY B 145 -14.74 30.77 -50.44
CA GLY B 145 -14.77 29.84 -51.55
C GLY B 145 -14.12 28.48 -51.24
N GLY B 146 -13.64 28.30 -50.01
CA GLY B 146 -13.03 27.05 -49.59
C GLY B 146 -14.07 26.05 -49.09
N ASN B 147 -13.62 25.10 -48.26
CA ASN B 147 -14.49 23.99 -47.87
C ASN B 147 -14.65 23.89 -46.34
N VAL B 148 -14.13 24.87 -45.58
CA VAL B 148 -14.18 24.81 -44.12
C VAL B 148 -15.52 25.40 -43.66
N LEU B 149 -16.32 24.57 -42.97
CA LEU B 149 -17.68 24.90 -42.56
C LEU B 149 -17.71 25.68 -41.25
N MET B 150 -16.87 25.30 -40.28
CA MET B 150 -16.87 25.95 -38.97
C MET B 150 -15.60 25.62 -38.21
N MET B 151 -15.39 26.32 -37.08
CA MET B 151 -14.17 26.21 -36.30
C MET B 151 -14.50 26.24 -34.81
N GLN B 152 -13.75 25.45 -34.03
CA GLN B 152 -14.00 25.27 -32.61
C GLN B 152 -13.27 26.35 -31.80
N VAL B 153 -13.91 26.78 -30.71
CA VAL B 153 -13.30 27.64 -29.71
C VAL B 153 -12.86 26.77 -28.54
N GLU B 154 -11.57 26.83 -28.19
CA GLU B 154 -11.01 26.02 -27.12
C GLU B 154 -11.28 24.55 -27.43
N ASN B 155 -11.20 23.69 -26.40
CA ASN B 155 -11.52 22.28 -26.56
C ASN B 155 -11.87 21.71 -25.19
N GLU B 156 -13.15 21.37 -24.99
CA GLU B 156 -13.62 20.76 -23.76
C GLU B 156 -13.16 21.61 -22.58
N TYR B 157 -13.45 22.92 -22.63
CA TYR B 157 -12.97 23.84 -21.61
C TYR B 157 -13.72 23.59 -20.29
N GLY B 158 -14.96 23.11 -20.39
CA GLY B 158 -15.73 22.71 -19.23
C GLY B 158 -15.12 21.52 -18.50
N SER B 159 -14.10 20.88 -19.12
CA SER B 159 -13.31 19.87 -18.45
C SER B 159 -11.97 20.44 -17.97
N TYR B 160 -11.90 21.76 -17.75
CA TYR B 160 -10.71 22.37 -17.17
C TYR B 160 -11.02 23.64 -16.38
N GLY B 161 -11.88 24.52 -16.89
CA GLY B 161 -12.15 25.79 -16.24
C GLY B 161 -13.56 26.30 -16.52
N GLU B 162 -13.85 27.50 -15.98
CA GLU B 162 -15.14 28.17 -16.18
C GLU B 162 -14.92 29.67 -16.34
N ASP B 163 -13.75 30.06 -16.85
CA ASP B 163 -13.43 31.46 -17.08
C ASP B 163 -14.06 31.88 -18.40
N HIS B 164 -15.20 32.57 -18.34
CA HIS B 164 -15.95 32.90 -19.54
C HIS B 164 -15.30 34.07 -20.28
N ASP B 165 -14.63 34.96 -19.55
CA ASP B 165 -13.88 36.05 -20.16
C ASP B 165 -12.78 35.50 -21.08
N TYR B 166 -12.22 34.34 -20.72
CA TYR B 166 -11.23 33.66 -21.55
C TYR B 166 -11.85 33.22 -22.88
N LEU B 167 -12.98 32.52 -22.81
CA LEU B 167 -13.64 32.00 -24.02
C LEU B 167 -14.00 33.16 -24.95
N ALA B 168 -14.56 34.23 -24.39
CA ALA B 168 -14.99 35.37 -25.16
C ALA B 168 -13.79 36.03 -25.83
N ALA B 169 -12.67 36.11 -25.11
CA ALA B 169 -11.47 36.76 -25.62
C ALA B 169 -10.87 35.94 -26.76
N LEU B 170 -10.93 34.61 -26.64
CA LEU B 170 -10.36 33.72 -27.63
C LEU B 170 -11.18 33.78 -28.91
N ALA B 171 -12.51 33.77 -28.78
CA ALA B 171 -13.40 33.92 -29.92
C ALA B 171 -13.10 35.23 -30.65
N LYS B 172 -12.91 36.31 -29.89
CA LYS B 172 -12.62 37.62 -30.46
C LYS B 172 -11.31 37.59 -31.24
N LEU B 173 -10.32 36.85 -30.73
CA LEU B 173 -9.03 36.73 -31.40
C LEU B 173 -9.20 36.04 -32.74
N MET B 174 -10.00 34.96 -32.76
CA MET B 174 -10.24 34.19 -33.97
C MET B 174 -10.90 35.08 -35.02
N LYS B 175 -11.91 35.87 -34.61
CA LYS B 175 -12.60 36.77 -35.53
C LYS B 175 -11.65 37.85 -36.03
N LYS B 176 -10.80 38.36 -35.13
CA LYS B 176 -9.85 39.42 -35.48
C LYS B 176 -8.92 38.95 -36.59
N HIS B 177 -8.57 37.65 -36.59
CA HIS B 177 -7.66 37.07 -37.57
C HIS B 177 -8.43 36.58 -38.80
N GLY B 178 -9.75 36.84 -38.84
CA GLY B 178 -10.54 36.74 -40.07
C GLY B 178 -11.42 35.48 -40.14
N VAL B 179 -11.59 34.78 -39.00
CA VAL B 179 -12.52 33.67 -38.93
C VAL B 179 -13.94 34.24 -38.86
N ASP B 180 -14.68 34.09 -39.96
CA ASP B 180 -16.05 34.60 -40.04
C ASP B 180 -17.05 33.45 -40.20
N VAL B 181 -16.55 32.22 -40.34
CA VAL B 181 -17.43 31.07 -40.42
C VAL B 181 -18.01 30.81 -39.02
N PRO B 182 -19.16 30.11 -38.88
CA PRO B 182 -19.72 29.81 -37.56
C PRO B 182 -18.73 29.14 -36.60
N LEU B 183 -18.83 29.49 -35.32
CA LEU B 183 -17.98 28.95 -34.27
C LEU B 183 -18.76 27.93 -33.45
N PHE B 184 -18.04 27.04 -32.74
CA PHE B 184 -18.69 26.11 -31.83
C PHE B 184 -17.75 25.73 -30.68
N THR B 185 -18.36 25.19 -29.62
CA THR B 185 -17.62 24.53 -28.55
C THR B 185 -18.01 23.05 -28.53
N SER B 186 -17.16 22.22 -27.92
CA SER B 186 -17.49 20.84 -27.64
C SER B 186 -17.14 20.53 -26.19
N ASP B 187 -17.95 19.68 -25.55
CA ASP B 187 -17.81 19.36 -24.14
C ASP B 187 -18.45 18.01 -23.86
N GLY B 188 -18.19 17.46 -22.68
CA GLY B 188 -19.00 16.37 -22.17
C GLY B 188 -20.46 16.82 -22.09
N PRO B 189 -21.43 16.04 -22.63
CA PRO B 189 -22.82 16.50 -22.69
C PRO B 189 -23.55 16.31 -21.36
N TRP B 190 -23.20 17.14 -20.38
CA TRP B 190 -23.88 17.18 -19.10
C TRP B 190 -23.71 18.57 -18.50
N PRO B 191 -24.62 19.02 -17.60
CA PRO B 191 -24.69 20.44 -17.22
C PRO B 191 -23.38 21.07 -16.73
N ALA B 192 -22.63 20.35 -15.91
CA ALA B 192 -21.46 20.92 -15.25
C ALA B 192 -20.40 21.34 -16.28
N THR B 193 -20.14 20.46 -17.25
CA THR B 193 -19.18 20.72 -18.30
C THR B 193 -19.71 21.78 -19.28
N LEU B 194 -21.00 21.66 -19.63
CA LEU B 194 -21.61 22.57 -20.59
C LEU B 194 -21.73 23.97 -20.01
N ASN B 195 -22.12 24.08 -18.73
CA ASN B 195 -22.25 25.38 -18.08
C ASN B 195 -20.91 26.11 -18.06
N ALA B 196 -19.85 25.36 -17.76
CA ALA B 196 -18.52 25.92 -17.59
C ALA B 196 -17.87 26.17 -18.95
N GLY B 197 -18.14 25.29 -19.92
CA GLY B 197 -17.35 25.21 -21.14
C GLY B 197 -17.97 25.90 -22.35
N SER B 198 -19.30 26.04 -22.38
CA SER B 198 -19.98 26.48 -23.60
C SER B 198 -20.02 28.00 -23.65
N MET B 199 -20.40 28.51 -24.84
CA MET B 199 -20.57 29.94 -25.08
C MET B 199 -22.01 30.21 -25.53
N ILE B 200 -22.96 29.47 -24.95
CA ILE B 200 -24.33 29.43 -25.45
C ILE B 200 -24.98 30.80 -25.32
N ASN B 201 -24.65 31.55 -24.26
CA ASN B 201 -25.20 32.88 -24.03
C ASN B 201 -24.67 33.89 -25.04
N ASP B 202 -23.59 33.53 -25.76
CA ASP B 202 -23.07 34.37 -26.84
C ASP B 202 -23.62 33.90 -28.19
N GLY B 203 -24.55 32.94 -28.17
CA GLY B 203 -25.23 32.48 -29.37
C GLY B 203 -24.38 31.50 -30.17
N ILE B 204 -23.38 30.89 -29.53
CA ILE B 204 -22.43 30.02 -30.20
C ILE B 204 -22.81 28.56 -29.90
N LEU B 205 -22.83 27.74 -30.96
CA LEU B 205 -23.33 26.38 -30.87
C LEU B 205 -22.48 25.57 -29.91
N ALA B 206 -23.14 24.85 -29.00
CA ALA B 206 -22.49 23.87 -28.14
C ALA B 206 -22.79 22.46 -28.67
N THR B 207 -21.73 21.64 -28.75
CA THR B 207 -21.82 20.25 -29.18
C THR B 207 -21.34 19.35 -28.05
N GLY B 208 -21.48 18.03 -28.23
CA GLY B 208 -21.19 17.08 -27.18
C GLY B 208 -20.21 15.99 -27.64
N ASN B 209 -19.38 15.52 -26.69
CA ASN B 209 -18.40 14.47 -26.96
C ASN B 209 -18.75 13.25 -26.11
N PHE B 210 -18.88 12.09 -26.76
CA PHE B 210 -19.20 10.85 -26.08
C PHE B 210 -18.98 9.66 -27.02
N GLY B 211 -18.98 8.45 -26.46
CA GLY B 211 -18.71 7.24 -27.23
C GLY B 211 -19.81 6.20 -27.11
N SER B 212 -20.91 6.53 -26.40
CA SER B 212 -22.00 5.59 -26.17
C SER B 212 -23.20 6.32 -25.59
N ALA B 213 -24.31 5.58 -25.43
CA ALA B 213 -25.51 6.09 -24.78
C ALA B 213 -25.97 7.39 -25.46
N ALA B 214 -26.11 7.32 -26.78
CA ALA B 214 -26.31 8.50 -27.62
C ALA B 214 -27.61 9.23 -27.27
N ASP B 215 -28.63 8.45 -26.87
CA ASP B 215 -29.94 9.01 -26.54
C ASP B 215 -29.84 9.77 -25.22
N LYS B 216 -29.27 9.12 -24.21
CA LYS B 216 -29.03 9.74 -22.91
C LYS B 216 -28.28 11.06 -23.08
N ASN B 217 -27.23 11.05 -23.90
CA ASN B 217 -26.32 12.18 -24.01
C ASN B 217 -26.93 13.29 -24.87
N PHE B 218 -27.60 12.92 -25.97
CA PHE B 218 -28.26 13.91 -26.81
C PHE B 218 -29.45 14.52 -26.08
N ASP B 219 -30.13 13.73 -25.24
CA ASP B 219 -31.21 14.23 -24.42
C ASP B 219 -30.70 15.35 -23.50
N ARG B 220 -29.52 15.16 -22.89
CA ARG B 220 -28.96 16.15 -21.99
C ARG B 220 -28.49 17.37 -22.78
N LEU B 221 -27.93 17.12 -23.97
CA LEU B 221 -27.44 18.19 -24.82
C LEU B 221 -28.62 19.04 -25.29
N ALA B 222 -29.70 18.37 -25.72
CA ALA B 222 -30.91 19.06 -26.14
C ALA B 222 -31.48 19.88 -24.98
N ALA B 223 -31.56 19.26 -23.80
CA ALA B 223 -32.07 19.92 -22.61
C ALA B 223 -31.30 21.21 -22.32
N PHE B 224 -29.97 21.17 -22.51
CA PHE B 224 -29.12 22.33 -22.27
C PHE B 224 -29.45 23.43 -23.29
N HIS B 225 -29.54 23.06 -24.57
CA HIS B 225 -29.91 24.00 -25.62
C HIS B 225 -31.22 24.70 -25.27
N GLN B 226 -32.23 23.90 -24.94
CA GLN B 226 -33.59 24.37 -24.71
C GLN B 226 -33.64 25.29 -23.49
N ALA B 227 -32.81 25.00 -22.48
CA ALA B 227 -32.79 25.80 -21.26
C ALA B 227 -32.30 27.21 -21.55
N HIS B 228 -31.53 27.38 -22.64
CA HIS B 228 -31.04 28.68 -23.06
C HIS B 228 -31.80 29.19 -24.29
N GLY B 229 -32.97 28.59 -24.57
CA GLY B 229 -33.88 29.09 -25.58
C GLY B 229 -33.30 29.02 -27.00
N GLN B 230 -32.45 28.03 -27.25
CA GLN B 230 -31.82 27.86 -28.55
C GLN B 230 -32.46 26.65 -29.24
N ASP B 231 -32.66 26.79 -30.56
CA ASP B 231 -33.20 25.72 -31.39
C ASP B 231 -32.10 25.33 -32.38
N TRP B 232 -31.38 24.24 -32.06
CA TRP B 232 -30.11 23.93 -32.68
C TRP B 232 -30.04 22.46 -33.06
N PRO B 233 -29.15 22.07 -34.02
CA PRO B 233 -28.93 20.67 -34.33
C PRO B 233 -28.08 20.00 -33.27
N LEU B 234 -28.30 18.69 -33.08
CA LEU B 234 -27.55 17.89 -32.14
C LEU B 234 -26.39 17.24 -32.90
N MET B 235 -25.16 17.52 -32.46
CA MET B 235 -23.98 16.97 -33.10
C MET B 235 -23.02 16.45 -32.05
N CYS B 236 -22.62 15.19 -32.24
CA CYS B 236 -21.55 14.56 -31.48
C CYS B 236 -20.22 14.90 -32.14
N MET B 237 -19.51 15.87 -31.56
CA MET B 237 -18.34 16.46 -32.21
C MET B 237 -17.14 15.52 -32.06
N GLU B 238 -17.22 14.62 -31.08
CA GLU B 238 -16.29 13.50 -30.97
C GLU B 238 -17.06 12.25 -30.59
N PHE B 239 -17.31 11.37 -31.57
CA PHE B 239 -17.80 10.03 -31.27
C PHE B 239 -16.61 9.10 -31.13
N TRP B 240 -16.23 8.81 -29.89
CA TRP B 240 -15.11 7.93 -29.59
C TRP B 240 -15.44 6.51 -30.06
N ASP B 241 -14.95 6.13 -31.25
CA ASP B 241 -15.26 4.85 -31.86
C ASP B 241 -14.11 3.86 -31.65
N GLY B 242 -13.24 4.18 -30.69
CA GLY B 242 -12.19 3.30 -30.23
C GLY B 242 -11.59 3.84 -28.94
N TRP B 243 -10.32 3.55 -28.67
CA TRP B 243 -9.65 4.18 -27.54
C TRP B 243 -8.13 4.12 -27.70
N PHE B 244 -7.45 5.00 -26.96
CA PHE B 244 -5.99 5.10 -26.96
C PHE B 244 -5.41 4.11 -25.98
N ASN B 245 -4.12 3.81 -26.15
CA ASN B 245 -3.42 2.85 -25.32
C ASN B 245 -2.27 3.53 -24.57
N ARG B 246 -1.89 2.93 -23.44
CA ARG B 246 -0.79 3.42 -22.62
C ARG B 246 0.18 2.27 -22.35
N TRP B 247 1.45 2.62 -22.14
CA TRP B 247 2.51 1.64 -21.88
C TRP B 247 2.18 0.83 -20.63
N GLY B 248 2.19 -0.50 -20.79
CA GLY B 248 2.03 -1.41 -19.65
C GLY B 248 0.58 -1.81 -19.39
N GLU B 249 -0.33 -1.23 -20.17
CA GLU B 249 -1.74 -1.59 -20.09
C GLU B 249 -2.12 -2.33 -21.37
N PRO B 250 -2.98 -3.38 -21.29
CA PRO B 250 -3.35 -4.15 -22.48
C PRO B 250 -4.12 -3.31 -23.49
N ILE B 251 -4.13 -3.76 -24.75
CA ILE B 251 -4.81 -3.07 -25.83
C ILE B 251 -6.31 -3.20 -25.61
N ILE B 252 -7.03 -2.09 -25.86
CA ILE B 252 -8.48 -2.04 -25.70
C ILE B 252 -9.09 -2.16 -27.09
N ARG B 253 -9.97 -3.16 -27.25
CA ARG B 253 -10.59 -3.48 -28.52
C ARG B 253 -12.10 -3.41 -28.34
N ARG B 254 -12.76 -2.61 -29.20
CA ARG B 254 -14.19 -2.41 -29.13
C ARG B 254 -14.83 -3.14 -30.31
N ASP B 255 -15.84 -3.97 -30.01
CA ASP B 255 -16.46 -4.84 -30.99
C ASP B 255 -16.95 -4.02 -32.18
N PRO B 256 -16.60 -4.40 -33.42
CA PRO B 256 -16.98 -3.62 -34.61
C PRO B 256 -18.48 -3.34 -34.76
N ASP B 257 -19.31 -4.37 -34.51
CA ASP B 257 -20.73 -4.30 -34.81
C ASP B 257 -21.45 -3.45 -33.77
N GLU B 258 -21.09 -3.63 -32.49
CA GLU B 258 -21.67 -2.82 -31.43
C GLU B 258 -21.35 -1.34 -31.66
N THR B 259 -20.14 -1.06 -32.16
CA THR B 259 -19.73 0.31 -32.44
C THR B 259 -20.69 0.94 -33.44
N ALA B 260 -20.97 0.19 -34.51
CA ALA B 260 -21.90 0.61 -35.55
C ALA B 260 -23.27 0.90 -34.96
N GLU B 261 -23.76 0.00 -34.09
CA GLU B 261 -25.06 0.14 -33.45
C GLU B 261 -25.12 1.41 -32.62
N ASP B 262 -24.08 1.67 -31.83
CA ASP B 262 -24.03 2.85 -30.99
C ASP B 262 -23.99 4.11 -31.88
N LEU B 263 -23.29 4.01 -33.01
CA LEU B 263 -23.17 5.11 -33.94
C LEU B 263 -24.50 5.36 -34.66
N ARG B 264 -25.26 4.27 -34.90
CA ARG B 264 -26.57 4.36 -35.53
C ARG B 264 -27.44 5.39 -34.79
N ALA B 265 -27.50 5.26 -33.47
CA ALA B 265 -28.41 6.05 -32.65
C ALA B 265 -28.05 7.53 -32.70
N VAL B 266 -26.77 7.84 -32.96
CA VAL B 266 -26.34 9.23 -33.13
C VAL B 266 -26.88 9.74 -34.45
N ILE B 267 -26.66 8.98 -35.52
CA ILE B 267 -26.93 9.41 -36.89
C ILE B 267 -28.42 9.62 -37.09
N GLU B 268 -29.24 8.79 -36.43
CA GLU B 268 -30.70 8.89 -36.51
C GLU B 268 -31.15 10.26 -36.04
N ARG B 269 -30.50 10.78 -34.98
CA ARG B 269 -30.98 11.99 -34.30
C ARG B 269 -30.17 13.22 -34.71
N GLY B 270 -29.00 13.06 -35.34
CA GLY B 270 -28.23 14.23 -35.73
C GLY B 270 -26.89 13.92 -36.40
N SER B 271 -25.98 14.91 -36.30
CA SER B 271 -24.69 14.90 -36.99
C SER B 271 -23.62 14.27 -36.10
N VAL B 272 -22.48 13.89 -36.71
CA VAL B 272 -21.46 13.15 -35.99
C VAL B 272 -20.09 13.40 -36.61
N ASN B 273 -19.06 13.32 -35.75
CA ASN B 273 -17.67 13.31 -36.16
C ASN B 273 -16.97 12.15 -35.46
N LEU B 274 -16.45 11.21 -36.25
CA LEU B 274 -15.77 10.04 -35.70
C LEU B 274 -14.41 10.45 -35.14
N TYR B 275 -14.19 10.15 -33.86
CA TYR B 275 -12.88 10.32 -33.23
C TYR B 275 -12.39 8.96 -32.75
N MET B 276 -11.45 8.32 -33.48
CA MET B 276 -10.84 8.81 -34.70
C MET B 276 -11.41 8.01 -35.89
N PHE B 277 -11.31 8.58 -37.09
CA PHE B 277 -11.57 7.82 -38.30
C PHE B 277 -10.29 7.10 -38.74
N HIS B 278 -9.20 7.88 -38.84
CA HIS B 278 -7.87 7.36 -39.04
C HIS B 278 -6.93 8.07 -38.06
N GLY B 279 -6.31 7.31 -37.16
CA GLY B 279 -5.58 7.89 -36.04
C GLY B 279 -4.13 8.17 -36.38
N GLY B 280 -3.49 7.20 -37.03
CA GLY B 280 -2.10 7.35 -37.46
C GLY B 280 -1.14 7.19 -36.29
N THR B 281 -0.09 8.03 -36.28
CA THR B 281 1.08 7.79 -35.46
C THR B 281 1.48 9.06 -34.73
N ASN B 282 1.90 8.90 -33.47
CA ASN B 282 2.52 9.97 -32.71
C ASN B 282 4.03 9.93 -32.98
N PHE B 283 4.44 10.59 -34.07
CA PHE B 283 5.85 10.60 -34.46
C PHE B 283 6.67 11.32 -33.39
N GLY B 284 7.94 10.91 -33.27
CA GLY B 284 8.88 11.60 -32.40
C GLY B 284 8.51 11.43 -30.93
N PHE B 285 8.40 12.57 -30.23
CA PHE B 285 8.16 12.59 -28.80
C PHE B 285 6.78 13.15 -28.48
N MET B 286 5.85 13.12 -29.44
CA MET B 286 4.65 13.93 -29.36
C MET B 286 3.48 13.17 -28.74
N ASN B 287 3.71 11.95 -28.25
CA ASN B 287 2.70 11.24 -27.48
C ASN B 287 2.22 12.09 -26.31
N GLY B 288 0.99 11.84 -25.86
CA GLY B 288 0.45 12.49 -24.68
C GLY B 288 0.64 11.64 -23.43
N THR B 289 0.10 12.13 -22.32
CA THR B 289 0.20 11.45 -21.03
C THR B 289 -1.07 11.70 -20.21
N SER B 290 -1.62 10.63 -19.62
CA SER B 290 -2.78 10.72 -18.74
C SER B 290 -2.31 10.87 -17.31
N ALA B 291 -3.20 11.40 -16.45
CA ALA B 291 -2.90 11.51 -15.03
C ALA B 291 -4.09 11.00 -14.21
N ARG B 292 -3.79 10.12 -13.25
CA ARG B 292 -4.72 9.76 -12.18
C ARG B 292 -4.20 10.34 -10.87
N LYS B 293 -4.88 11.35 -10.35
CA LYS B 293 -4.45 12.07 -9.16
C LYS B 293 -3.08 12.71 -9.45
N ASP B 294 -2.00 12.20 -8.85
CA ASP B 294 -0.67 12.76 -9.07
C ASP B 294 0.20 11.82 -9.90
N HIS B 295 -0.35 10.69 -10.33
CA HIS B 295 0.40 9.66 -11.04
C HIS B 295 0.17 9.78 -12.54
N ASP B 296 1.25 9.95 -13.30
CA ASP B 296 1.22 10.09 -14.75
C ASP B 296 1.27 8.72 -15.42
N LEU B 297 0.61 8.60 -16.58
CA LEU B 297 0.54 7.36 -17.35
C LEU B 297 0.75 7.67 -18.82
N PRO B 298 1.97 7.53 -19.37
CA PRO B 298 2.22 7.92 -20.76
C PRO B 298 1.54 7.03 -21.79
N GLN B 299 1.10 7.66 -22.88
CA GLN B 299 0.42 6.98 -23.98
C GLN B 299 1.47 6.50 -24.98
N VAL B 300 1.11 5.50 -25.78
CA VAL B 300 2.05 4.82 -26.65
C VAL B 300 2.24 5.63 -27.94
N THR B 301 3.19 5.18 -28.77
CA THR B 301 3.53 5.85 -30.01
C THR B 301 2.39 5.70 -31.02
N SER B 302 1.87 4.47 -31.15
CA SER B 302 0.78 4.19 -32.06
C SER B 302 -0.46 4.96 -31.64
N TYR B 303 -1.11 5.62 -32.62
CA TYR B 303 -2.44 6.18 -32.41
C TYR B 303 -3.41 5.44 -33.32
N ASP B 304 -3.26 4.11 -33.37
CA ASP B 304 -4.19 3.25 -34.08
C ASP B 304 -5.60 3.55 -33.60
N TYR B 305 -5.77 3.53 -32.28
CA TYR B 305 -7.00 3.96 -31.63
C TYR B 305 -8.13 2.95 -31.85
N ASP B 306 -7.79 1.76 -32.39
CA ASP B 306 -8.79 0.79 -32.83
C ASP B 306 -9.82 1.49 -33.72
N ALA B 307 -9.33 2.30 -34.67
CA ALA B 307 -10.19 3.14 -35.50
C ALA B 307 -10.61 2.38 -36.75
N PRO B 308 -11.61 2.87 -37.51
CA PRO B 308 -12.00 2.27 -38.79
C PRO B 308 -10.83 2.01 -39.75
N LEU B 309 -9.90 2.98 -39.85
CA LEU B 309 -8.62 2.75 -40.48
C LEU B 309 -7.59 2.45 -39.40
N ASN B 310 -6.75 1.44 -39.63
CA ASN B 310 -5.65 1.12 -38.73
C ASN B 310 -4.57 2.20 -38.88
N GLU B 311 -3.51 2.08 -38.07
CA GLU B 311 -2.44 3.07 -38.04
C GLU B 311 -1.90 3.30 -39.46
N GLN B 312 -1.74 2.22 -40.23
CA GLN B 312 -1.22 2.28 -41.58
C GLN B 312 -2.19 3.03 -42.50
N GLY B 313 -3.49 2.95 -42.24
CA GLY B 313 -4.48 3.58 -43.09
C GLY B 313 -5.38 2.57 -43.81
N ASN B 314 -5.29 1.30 -43.44
CA ASN B 314 -6.02 0.23 -44.11
C ASN B 314 -7.35 -0.04 -43.40
N PRO B 315 -8.39 -0.50 -44.12
CA PRO B 315 -9.72 -0.67 -43.53
C PRO B 315 -9.83 -1.90 -42.62
N THR B 316 -10.52 -1.73 -41.49
CA THR B 316 -10.72 -2.80 -40.52
C THR B 316 -12.16 -3.29 -40.57
N PRO B 317 -12.46 -4.48 -40.00
CA PRO B 317 -13.84 -4.90 -39.79
C PRO B 317 -14.80 -3.80 -39.33
N LYS B 318 -14.30 -2.91 -38.46
CA LYS B 318 -15.08 -1.80 -37.96
C LYS B 318 -15.48 -0.85 -39.09
N TYR B 319 -14.58 -0.62 -40.05
CA TYR B 319 -14.87 0.22 -41.20
C TYR B 319 -16.08 -0.35 -41.95
N PHE B 320 -16.03 -1.66 -42.24
CA PHE B 320 -17.03 -2.32 -43.06
C PHE B 320 -18.39 -2.36 -42.33
N ALA B 321 -18.36 -2.57 -41.01
CA ALA B 321 -19.57 -2.62 -40.22
C ALA B 321 -20.27 -1.26 -40.19
N ILE B 322 -19.47 -0.19 -40.15
CA ILE B 322 -19.98 1.17 -40.16
C ILE B 322 -20.50 1.51 -41.56
N GLN B 323 -19.80 1.03 -42.60
CA GLN B 323 -20.20 1.30 -43.97
C GLN B 323 -21.55 0.65 -44.25
N LYS B 324 -21.71 -0.60 -43.78
CA LYS B 324 -22.94 -1.36 -43.90
C LYS B 324 -24.07 -0.64 -43.16
N MET B 325 -23.79 -0.22 -41.91
CA MET B 325 -24.79 0.42 -41.08
C MET B 325 -25.30 1.70 -41.74
N LEU B 326 -24.37 2.51 -42.29
CA LEU B 326 -24.72 3.80 -42.88
C LEU B 326 -25.62 3.59 -44.11
N HIS B 327 -25.39 2.51 -44.86
CA HIS B 327 -26.16 2.25 -46.07
C HIS B 327 -27.57 1.76 -45.72
N GLU B 328 -27.73 1.20 -44.51
CA GLU B 328 -29.04 0.83 -44.02
C GLU B 328 -29.81 2.10 -43.64
N VAL B 329 -29.18 3.00 -42.88
CA VAL B 329 -29.86 4.16 -42.32
C VAL B 329 -30.03 5.25 -43.38
N LEU B 330 -29.01 5.45 -44.22
CA LEU B 330 -29.02 6.47 -45.25
C LEU B 330 -28.70 5.83 -46.61
N PRO B 331 -29.68 5.17 -47.27
CA PRO B 331 -29.40 4.40 -48.49
C PRO B 331 -28.99 5.21 -49.73
N ASP B 332 -29.27 6.52 -49.74
CA ASP B 332 -29.02 7.37 -50.89
C ASP B 332 -27.56 7.79 -50.98
N ILE B 333 -26.84 7.75 -49.84
CA ILE B 333 -25.46 8.21 -49.79
C ILE B 333 -24.59 7.25 -50.59
N GLN B 334 -23.81 7.82 -51.52
CA GLN B 334 -22.96 7.02 -52.40
C GLN B 334 -21.75 6.51 -51.62
N GLN B 335 -21.40 5.24 -51.85
CA GLN B 335 -20.28 4.59 -51.20
C GLN B 335 -19.37 3.96 -52.25
N ALA B 336 -18.18 3.52 -51.81
CA ALA B 336 -17.21 2.88 -52.68
C ALA B 336 -16.37 1.90 -51.88
N GLU B 337 -15.57 1.09 -52.58
CA GLU B 337 -14.66 0.16 -51.96
C GLU B 337 -13.45 0.93 -51.41
N PRO B 338 -13.00 0.67 -50.17
CA PRO B 338 -11.82 1.34 -49.63
C PRO B 338 -10.53 0.83 -50.25
N LEU B 339 -9.55 1.73 -50.39
CA LEU B 339 -8.22 1.39 -50.88
C LEU B 339 -7.43 0.70 -49.78
N VAL B 340 -6.54 -0.20 -50.20
CA VAL B 340 -5.67 -0.95 -49.32
C VAL B 340 -4.23 -0.76 -49.80
N LYS B 341 -3.35 -0.35 -48.88
CA LYS B 341 -1.94 -0.16 -49.18
C LYS B 341 -1.17 -1.43 -48.87
N PRO B 342 -0.13 -1.77 -49.67
CA PRO B 342 0.74 -2.90 -49.39
C PRO B 342 1.77 -2.60 -48.31
N THR B 343 2.53 -3.62 -47.95
CA THR B 343 3.59 -3.53 -46.96
C THR B 343 4.86 -4.15 -47.54
N LEU B 344 6.03 -3.64 -47.13
CA LEU B 344 7.30 -4.28 -47.46
C LEU B 344 7.26 -5.73 -46.99
N ALA B 345 7.89 -6.60 -47.80
CA ALA B 345 8.06 -7.99 -47.43
C ALA B 345 8.95 -8.04 -46.19
N PRO B 346 8.67 -8.96 -45.23
CA PRO B 346 9.56 -9.16 -44.09
C PRO B 346 11.02 -9.32 -44.50
N ALA B 347 11.92 -8.85 -43.64
CA ALA B 347 13.35 -8.96 -43.87
C ALA B 347 14.07 -8.69 -42.56
N GLU B 348 15.36 -9.07 -42.51
CA GLU B 348 16.22 -8.76 -41.39
C GLU B 348 17.49 -8.11 -41.92
N HIS B 349 17.91 -7.03 -41.27
CA HIS B 349 19.09 -6.29 -41.70
C HIS B 349 20.13 -6.36 -40.59
N PRO B 350 21.40 -6.71 -40.92
CA PRO B 350 22.45 -6.81 -39.91
C PRO B 350 22.87 -5.43 -39.40
N LEU B 351 23.43 -5.42 -38.19
CA LEU B 351 23.97 -4.22 -37.58
C LEU B 351 25.16 -3.74 -38.39
N THR B 352 25.15 -2.46 -38.78
CA THR B 352 26.21 -1.86 -39.57
C THR B 352 27.31 -1.37 -38.63
N ALA B 353 26.91 -0.57 -37.63
CA ALA B 353 27.85 0.02 -36.68
C ALA B 353 27.10 0.41 -35.41
N LYS B 354 27.87 0.70 -34.35
CA LYS B 354 27.30 1.07 -33.07
C LYS B 354 28.30 1.92 -32.28
N VAL B 355 27.76 2.89 -31.52
CA VAL B 355 28.58 3.85 -30.80
C VAL B 355 27.83 4.25 -29.53
N SER B 356 28.56 4.43 -28.43
CA SER B 356 27.98 4.79 -27.15
C SER B 356 27.68 6.28 -27.11
N LEU B 357 26.59 6.63 -26.39
CA LEU B 357 26.20 8.01 -26.17
C LEU B 357 27.35 8.85 -25.63
N PHE B 358 28.12 8.27 -24.70
CA PHE B 358 29.14 9.01 -23.97
C PHE B 358 30.30 9.41 -24.89
N ALA B 359 30.45 8.70 -26.01
CA ALA B 359 31.57 8.92 -26.91
C ALA B 359 31.27 10.04 -27.92
N VAL B 360 29.99 10.39 -28.11
CA VAL B 360 29.59 11.30 -29.19
C VAL B 360 28.78 12.47 -28.63
N LEU B 361 28.95 12.77 -27.34
CA LEU B 361 28.10 13.72 -26.65
C LEU B 361 28.12 15.09 -27.32
N ASP B 362 29.29 15.50 -27.82
CA ASP B 362 29.48 16.86 -28.31
C ASP B 362 28.96 17.00 -29.75
N GLN B 363 28.62 15.88 -30.40
CA GLN B 363 27.93 15.91 -31.69
C GLN B 363 26.43 16.07 -31.50
N LEU B 364 25.93 15.80 -30.28
CA LEU B 364 24.51 15.76 -30.01
C LEU B 364 24.02 17.07 -29.39
N ALA B 365 24.89 17.79 -28.68
CA ALA B 365 24.46 18.94 -27.92
C ALA B 365 25.64 19.85 -27.58
N LYS B 366 25.34 21.16 -27.53
CA LYS B 366 26.23 22.14 -26.93
C LYS B 366 25.93 22.20 -25.43
N PRO B 367 26.87 21.78 -24.56
CA PRO B 367 26.62 21.75 -23.12
C PRO B 367 26.47 23.15 -22.53
N VAL B 368 25.54 23.28 -21.59
CA VAL B 368 25.37 24.50 -20.82
C VAL B 368 25.94 24.25 -19.42
N ALA B 369 26.95 25.04 -19.05
CA ALA B 369 27.57 24.97 -17.74
C ALA B 369 26.71 25.75 -16.76
N ALA B 370 26.56 25.20 -15.55
CA ALA B 370 25.84 25.87 -14.49
C ALA B 370 26.26 25.30 -13.16
N ALA B 371 26.17 26.13 -12.11
CA ALA B 371 26.43 25.70 -10.75
C ALA B 371 25.38 24.68 -10.32
N TYR B 372 24.12 24.93 -10.71
CA TYR B 372 23.01 24.10 -10.32
C TYR B 372 22.10 23.86 -11.53
N PRO B 373 21.35 22.74 -11.57
CA PRO B 373 20.67 22.31 -12.79
C PRO B 373 19.34 23.01 -13.05
N GLN B 374 18.97 23.11 -14.33
CA GLN B 374 17.67 23.62 -14.76
C GLN B 374 16.97 22.54 -15.57
N THR B 375 15.63 22.63 -15.65
CA THR B 375 14.86 21.73 -16.49
C THR B 375 15.05 22.13 -17.96
N GLN B 376 14.72 21.20 -18.86
CA GLN B 376 15.14 21.26 -20.26
C GLN B 376 14.55 22.49 -20.95
N GLU B 377 13.40 22.96 -20.49
CA GLU B 377 12.72 24.08 -21.12
C GLU B 377 13.60 25.33 -21.04
N PHE B 378 14.30 25.48 -19.92
CA PHE B 378 15.18 26.62 -19.69
C PHE B 378 16.51 26.45 -20.43
N LEU B 379 16.77 25.26 -20.98
CA LEU B 379 17.94 25.02 -21.82
C LEU B 379 17.56 25.12 -23.30
N GLY B 380 16.29 25.41 -23.58
CA GLY B 380 15.83 25.59 -24.96
C GLY B 380 15.45 24.26 -25.62
N GLN B 381 15.25 23.22 -24.79
CA GLN B 381 14.85 21.90 -25.25
C GLN B 381 13.42 21.63 -24.81
N TYR B 382 12.58 21.18 -25.76
CA TYR B 382 11.15 21.11 -25.49
C TYR B 382 10.64 19.68 -25.59
N THR B 383 11.49 18.74 -26.02
CA THR B 383 11.18 17.32 -26.03
C THR B 383 12.47 16.53 -25.88
N GLY B 384 12.34 15.28 -25.41
CA GLY B 384 13.41 14.30 -25.55
C GLY B 384 14.24 14.13 -24.29
N TYR B 385 15.53 13.88 -24.49
CA TYR B 385 16.42 13.44 -23.44
C TYR B 385 17.40 14.54 -23.05
N THR B 386 17.69 14.64 -21.74
CA THR B 386 18.64 15.61 -21.23
C THR B 386 19.63 14.88 -20.32
N LEU B 387 20.93 15.00 -20.63
CA LEU B 387 21.98 14.42 -19.82
C LEU B 387 22.59 15.49 -18.91
N TYR B 388 22.60 15.22 -17.60
CA TYR B 388 23.28 16.07 -16.64
C TYR B 388 24.56 15.38 -16.17
N ARG B 389 25.67 16.11 -16.20
CA ARG B 389 26.98 15.58 -15.84
C ARG B 389 27.58 16.40 -14.71
N ALA B 390 28.08 15.71 -13.68
CA ALA B 390 28.76 16.36 -12.57
C ALA B 390 30.02 15.57 -12.22
N GLN B 391 30.87 16.18 -11.39
CA GLN B 391 32.13 15.57 -10.98
C GLN B 391 32.20 15.55 -9.46
N PRO B 392 31.24 14.91 -8.76
CA PRO B 392 31.16 14.97 -7.31
C PRO B 392 32.30 14.26 -6.58
N LEU B 393 32.76 14.89 -5.49
CA LEU B 393 33.71 14.30 -4.55
C LEU B 393 32.98 13.25 -3.72
N ILE B 394 33.50 12.02 -3.72
CA ILE B 394 32.93 10.94 -2.92
C ILE B 394 33.89 10.63 -1.77
N SER B 395 33.34 10.52 -0.56
CA SER B 395 34.12 10.42 0.67
C SER B 395 33.35 9.64 1.73
N GLY B 396 34.03 9.37 2.85
CA GLY B 396 33.50 8.51 3.91
C GLY B 396 32.19 9.01 4.51
N THR B 397 31.38 8.07 4.98
CA THR B 397 30.05 8.34 5.50
C THR B 397 30.04 8.14 7.01
N ASP B 398 28.96 8.59 7.64
CA ASP B 398 28.80 8.53 9.09
C ASP B 398 28.98 7.08 9.56
N LYS B 399 28.22 6.18 8.93
CA LYS B 399 28.05 4.81 9.38
C LYS B 399 29.06 3.90 8.68
N GLY B 400 29.86 4.44 7.76
CA GLY B 400 30.86 3.68 7.05
C GLY B 400 30.31 2.97 5.81
N THR B 401 28.99 2.93 5.67
CA THR B 401 28.32 2.25 4.57
C THR B 401 28.49 3.08 3.30
N PRO B 402 28.17 2.53 2.10
CA PRO B 402 28.26 3.28 0.85
C PRO B 402 27.48 4.59 0.88
N ALA B 403 28.06 5.62 0.24
CA ALA B 403 27.44 6.93 0.16
C ALA B 403 26.19 6.86 -0.70
N LYS B 404 25.13 7.55 -0.26
CA LYS B 404 23.85 7.50 -0.93
C LYS B 404 23.76 8.63 -1.95
N LEU B 405 23.30 8.27 -3.15
CA LEU B 405 22.95 9.23 -4.19
C LEU B 405 21.43 9.36 -4.20
N ARG B 406 20.94 10.60 -4.24
CA ARG B 406 19.51 10.87 -4.34
C ARG B 406 19.30 11.96 -5.40
N VAL B 407 18.37 11.72 -6.34
CA VAL B 407 17.96 12.73 -7.29
C VAL B 407 16.72 13.43 -6.74
N ILE B 408 16.81 14.75 -6.57
CA ILE B 408 15.74 15.51 -5.95
C ILE B 408 14.97 16.28 -7.01
N ASP B 409 13.69 15.89 -7.21
CA ASP B 409 12.73 16.63 -8.02
C ASP B 409 13.15 16.56 -9.48
N ALA B 410 12.91 15.39 -10.08
CA ALA B 410 13.21 15.17 -11.48
C ALA B 410 12.09 14.35 -12.10
N ARG B 411 11.93 14.51 -13.42
CA ARG B 411 10.89 13.82 -14.18
C ARG B 411 11.38 13.66 -15.61
N ASP B 412 11.03 12.55 -16.28
CA ASP B 412 10.09 11.54 -15.81
C ASP B 412 10.82 10.27 -15.39
N ARG B 413 11.97 10.00 -16.03
CA ARG B 413 12.71 8.77 -15.80
C ARG B 413 14.20 9.09 -15.84
N ILE B 414 14.96 8.62 -14.84
CA ILE B 414 16.37 8.95 -14.72
C ILE B 414 17.18 7.65 -14.73
N GLN B 415 18.32 7.70 -15.42
CA GLN B 415 19.32 6.64 -15.36
C GLN B 415 20.63 7.22 -14.84
N ALA B 416 21.21 6.57 -13.82
CA ALA B 416 22.40 7.08 -13.16
C ALA B 416 23.61 6.21 -13.48
N TYR B 417 24.73 6.88 -13.79
CA TYR B 417 26.00 6.22 -14.06
C TYR B 417 27.11 6.90 -13.27
N LEU B 418 28.08 6.10 -12.82
CA LEU B 418 29.31 6.60 -12.24
C LEU B 418 30.48 6.09 -13.07
N ASP B 419 31.31 7.01 -13.58
CA ASP B 419 32.40 6.71 -14.50
C ASP B 419 31.88 5.85 -15.65
N GLN B 420 30.69 6.21 -16.15
CA GLN B 420 30.07 5.59 -17.32
C GLN B 420 29.75 4.12 -17.06
N HIS B 421 29.48 3.76 -15.79
CA HIS B 421 28.97 2.44 -15.44
C HIS B 421 27.61 2.60 -14.76
N TRP B 422 26.64 1.80 -15.19
CA TRP B 422 25.26 1.89 -14.72
C TRP B 422 25.16 1.63 -13.22
N LEU B 423 24.38 2.46 -12.53
CA LEU B 423 24.09 2.31 -11.10
C LEU B 423 22.63 1.94 -10.88
N ALA B 424 21.71 2.70 -11.50
CA ALA B 424 20.29 2.57 -11.20
C ALA B 424 19.43 3.32 -12.21
N THR B 425 18.18 2.85 -12.32
CA THR B 425 17.14 3.46 -13.14
C THR B 425 15.92 3.71 -12.26
N GLN B 426 15.39 4.94 -12.28
CA GLN B 426 14.25 5.30 -11.45
C GLN B 426 13.18 5.96 -12.30
N TYR B 427 11.94 5.48 -12.15
CA TYR B 427 10.79 6.00 -12.88
C TYR B 427 9.84 6.73 -11.92
N GLN B 428 9.52 7.97 -12.29
CA GLN B 428 8.50 8.79 -11.65
C GLN B 428 8.68 8.79 -10.13
N GLU B 429 7.78 8.10 -9.40
CA GLU B 429 7.69 8.24 -7.94
C GLU B 429 8.94 7.67 -7.26
N ALA B 430 9.59 6.69 -7.91
CA ALA B 430 10.79 6.05 -7.37
C ALA B 430 11.97 7.01 -7.36
N ILE B 431 11.96 8.01 -8.25
CA ILE B 431 13.01 9.02 -8.29
C ILE B 431 13.07 9.70 -6.93
N GLY B 432 14.26 9.69 -6.30
CA GLY B 432 14.44 10.21 -4.96
C GLY B 432 14.80 9.11 -3.96
N ASP B 433 14.58 7.84 -4.35
CA ASP B 433 15.01 6.71 -3.55
C ASP B 433 16.54 6.63 -3.57
N ASP B 434 17.11 6.04 -2.51
CA ASP B 434 18.55 5.98 -2.35
C ASP B 434 19.16 5.10 -3.43
N ILE B 435 20.25 5.59 -4.03
CA ILE B 435 21.09 4.83 -4.93
C ILE B 435 22.47 4.70 -4.28
N LEU B 436 22.91 3.46 -4.06
CA LEU B 436 24.19 3.17 -3.42
C LEU B 436 25.31 3.42 -4.41
N LEU B 437 26.22 4.33 -4.04
CA LEU B 437 27.40 4.60 -4.87
C LEU B 437 28.44 3.51 -4.62
N PRO B 438 29.29 3.17 -5.61
CA PRO B 438 30.46 2.33 -5.39
C PRO B 438 31.32 2.86 -4.25
N GLN B 439 31.92 1.94 -3.50
CA GLN B 439 32.85 2.27 -2.44
C GLN B 439 34.17 2.72 -3.07
N VAL B 440 34.24 4.02 -3.41
CA VAL B 440 35.37 4.60 -4.10
C VAL B 440 35.72 5.92 -3.40
N GLU B 441 36.74 6.63 -3.90
CA GLU B 441 37.28 7.82 -3.26
C GLU B 441 37.65 8.84 -4.33
N GLY B 442 37.63 10.13 -3.95
CA GLY B 442 38.02 11.21 -4.84
C GLY B 442 36.86 11.68 -5.72
N HIS B 443 37.18 12.49 -6.74
CA HIS B 443 36.20 12.98 -7.69
C HIS B 443 35.92 11.90 -8.72
N HIS B 444 34.65 11.82 -9.15
CA HIS B 444 34.20 10.82 -10.12
C HIS B 444 33.14 11.44 -11.02
N GLN B 445 32.99 10.89 -12.23
CA GLN B 445 32.03 11.39 -13.20
C GLN B 445 30.66 10.80 -12.91
N LEU B 446 29.69 11.65 -12.57
CA LEU B 446 28.31 11.25 -12.41
C LEU B 446 27.51 11.68 -13.64
N ASP B 447 26.82 10.72 -14.26
CA ASP B 447 25.99 10.99 -15.42
C ASP B 447 24.54 10.61 -15.10
N LEU B 448 23.62 11.54 -15.38
CA LEU B 448 22.20 11.30 -15.19
C LEU B 448 21.48 11.60 -16.50
N LEU B 449 21.05 10.54 -17.19
CA LEU B 449 20.27 10.67 -18.42
C LEU B 449 18.79 10.72 -18.04
N VAL B 450 18.13 11.85 -18.34
CA VAL B 450 16.77 12.09 -17.92
C VAL B 450 15.88 12.11 -19.16
N GLU B 451 14.79 11.35 -19.12
CA GLU B 451 13.89 11.28 -20.25
C GLU B 451 12.58 12.01 -19.93
N ASN B 452 12.21 12.93 -20.83
CA ASN B 452 10.87 13.49 -20.90
C ASN B 452 10.00 12.49 -21.65
N MET B 453 9.03 11.90 -20.95
CA MET B 453 8.16 10.89 -21.54
C MET B 453 6.82 11.51 -21.94
N SER B 454 6.72 12.83 -21.77
CA SER B 454 5.72 13.73 -22.35
C SER B 454 4.87 14.33 -21.24
N ARG B 455 4.40 15.55 -21.48
CA ARG B 455 3.68 16.33 -20.49
C ARG B 455 2.20 15.98 -20.55
N VAL B 456 1.56 16.00 -19.37
CA VAL B 456 0.16 15.65 -19.23
C VAL B 456 -0.67 16.56 -20.14
N ASN B 457 -1.68 15.95 -20.80
CA ASN B 457 -2.41 16.64 -21.85
C ASN B 457 -3.87 16.88 -21.45
N TYR B 458 -4.25 16.52 -20.22
CA TYR B 458 -5.63 16.67 -19.78
C TYR B 458 -5.72 16.70 -18.26
N GLY B 459 -6.53 17.65 -17.76
CA GLY B 459 -7.03 17.61 -16.39
C GLY B 459 -6.21 18.48 -15.45
N ALA B 460 -6.20 18.08 -14.17
CA ALA B 460 -5.72 18.90 -13.08
C ALA B 460 -4.23 19.23 -13.23
N LYS B 461 -3.47 18.35 -13.88
CA LYS B 461 -2.01 18.42 -13.83
C LYS B 461 -1.43 19.14 -15.04
N ILE B 462 -2.25 19.81 -15.85
CA ILE B 462 -1.75 20.47 -17.03
C ILE B 462 -0.69 21.50 -16.63
N GLU B 463 -0.84 22.10 -15.44
CA GLU B 463 0.14 23.05 -14.92
C GLU B 463 0.80 22.51 -13.65
N ALA B 464 0.92 21.19 -13.53
CA ALA B 464 1.58 20.59 -12.38
C ALA B 464 3.08 20.88 -12.46
N ILE B 465 3.74 20.92 -11.30
CA ILE B 465 5.16 21.19 -11.21
C ILE B 465 5.95 20.09 -11.93
N THR B 466 5.33 18.91 -12.08
CA THR B 466 5.94 17.78 -12.76
C THR B 466 5.92 17.95 -14.29
N GLN B 467 5.28 19.01 -14.79
CA GLN B 467 5.29 19.28 -16.24
C GLN B 467 6.67 19.76 -16.68
N PHE B 468 7.48 20.24 -15.74
CA PHE B 468 8.88 20.55 -16.00
C PHE B 468 9.69 19.26 -16.02
N LYS B 469 10.46 19.07 -17.11
CA LYS B 469 11.15 17.80 -17.33
C LYS B 469 12.66 18.02 -17.29
N GLY B 470 13.36 17.09 -16.63
CA GLY B 470 14.76 17.25 -16.28
C GLY B 470 14.92 17.24 -14.77
N ILE B 471 16.03 17.82 -14.27
CA ILE B 471 16.26 17.93 -12.84
C ILE B 471 15.94 19.35 -12.42
N ARG B 472 15.01 19.49 -11.46
CA ARG B 472 14.49 20.80 -11.07
C ARG B 472 15.24 21.31 -9.83
N THR B 473 15.47 20.44 -8.83
CA THR B 473 16.06 20.89 -7.58
C THR B 473 17.57 20.58 -7.57
N GLY B 474 17.94 19.29 -7.62
CA GLY B 474 19.36 18.94 -7.57
C GLY B 474 19.60 17.46 -7.29
N VAL B 475 20.88 17.13 -7.08
CA VAL B 475 21.33 15.78 -6.79
C VAL B 475 22.17 15.82 -5.51
N MET B 476 21.93 14.85 -4.61
CA MET B 476 22.62 14.78 -3.33
C MET B 476 23.58 13.59 -3.31
N VAL B 477 24.79 13.83 -2.77
CA VAL B 477 25.71 12.78 -2.39
C VAL B 477 25.87 12.87 -0.87
N ASP B 478 25.62 11.74 -0.18
CA ASP B 478 25.48 11.74 1.26
C ASP B 478 24.40 12.75 1.61
N LEU B 479 24.75 13.83 2.35
CA LEU B 479 23.74 14.74 2.86
C LEU B 479 23.77 16.08 2.13
N HIS B 480 24.61 16.23 1.09
CA HIS B 480 24.81 17.53 0.48
C HIS B 480 24.44 17.49 -1.00
N PHE B 481 23.83 18.59 -1.46
CA PHE B 481 23.62 18.84 -2.88
C PHE B 481 24.97 19.16 -3.53
N ILE B 482 25.21 18.60 -4.71
CA ILE B 482 26.46 18.82 -5.42
C ILE B 482 26.37 20.09 -6.24
N LYS B 483 27.54 20.68 -6.54
CA LYS B 483 27.65 21.88 -7.35
C LYS B 483 28.52 21.58 -8.56
N GLY B 484 28.17 22.17 -9.71
CA GLY B 484 28.95 22.01 -10.93
C GLY B 484 28.33 20.96 -11.86
N TYR B 485 27.55 21.44 -12.84
CA TYR B 485 26.93 20.57 -13.82
C TYR B 485 27.34 21.01 -15.23
N GLN B 486 27.48 20.02 -16.12
CA GLN B 486 27.37 20.24 -17.56
C GLN B 486 26.04 19.63 -18.01
N GLN B 487 25.24 20.43 -18.72
CA GLN B 487 23.88 20.06 -19.07
C GLN B 487 23.80 19.92 -20.58
N TYR B 488 23.50 18.70 -21.05
CA TYR B 488 23.49 18.38 -22.46
C TYR B 488 22.03 18.22 -22.92
N PRO B 489 21.45 19.21 -23.61
CA PRO B 489 20.17 19.03 -24.29
C PRO B 489 20.32 18.28 -25.61
N LEU B 490 20.08 16.96 -25.58
CA LEU B 490 20.42 16.08 -26.68
C LEU B 490 19.46 16.30 -27.84
N ASP B 491 20.02 16.54 -29.03
CA ASP B 491 19.25 16.60 -30.26
C ASP B 491 19.54 15.33 -31.06
N LEU B 492 18.64 14.34 -30.95
CA LEU B 492 18.83 13.05 -31.58
C LEU B 492 18.68 13.17 -33.10
N ASN B 493 18.18 14.29 -33.61
CA ASN B 493 18.09 14.48 -35.04
C ASN B 493 19.50 14.67 -35.64
N GLN B 494 20.52 14.76 -34.78
CA GLN B 494 21.90 14.77 -35.21
C GLN B 494 22.45 13.35 -35.34
N ALA B 495 21.63 12.33 -35.05
CA ALA B 495 22.09 10.95 -35.00
C ALA B 495 22.77 10.52 -36.30
N PRO B 496 22.25 10.89 -37.51
CA PRO B 496 22.90 10.53 -38.77
C PRO B 496 24.29 11.13 -39.00
N GLU B 497 24.65 12.17 -38.24
CA GLU B 497 25.94 12.83 -38.38
C GLU B 497 26.98 12.20 -37.47
N LEU B 498 26.57 11.26 -36.61
CA LEU B 498 27.45 10.69 -35.62
C LEU B 498 28.56 9.89 -36.29
N ASP B 499 29.74 9.89 -35.66
CA ASP B 499 30.87 9.08 -36.07
C ASP B 499 30.79 7.73 -35.34
N PHE B 500 30.33 6.69 -36.04
CA PHE B 500 30.05 5.39 -35.44
C PHE B 500 31.32 4.55 -35.30
N SER B 501 32.43 5.01 -35.89
CA SER B 501 33.72 4.35 -35.74
C SER B 501 34.30 4.57 -34.34
N LYS B 502 33.66 5.44 -33.54
CA LYS B 502 34.04 5.63 -32.16
C LYS B 502 33.51 4.48 -31.31
N ASP B 503 33.96 4.45 -30.05
CA ASP B 503 33.93 3.26 -29.21
C ASP B 503 32.51 2.96 -28.74
N TRP B 504 32.23 1.67 -28.54
CA TRP B 504 31.01 1.21 -27.92
C TRP B 504 31.34 0.41 -26.67
N GLN B 505 30.48 0.52 -25.65
CA GLN B 505 30.64 -0.18 -24.38
C GLN B 505 29.30 -0.83 -24.02
N PRO B 506 29.30 -2.03 -23.41
CA PRO B 506 28.06 -2.69 -23.01
C PRO B 506 27.37 -2.02 -21.84
N GLU B 507 26.07 -2.28 -21.69
CA GLU B 507 25.26 -1.76 -20.60
C GLU B 507 25.40 -0.24 -20.54
N THR B 508 24.95 0.41 -21.61
CA THR B 508 25.24 1.81 -21.85
C THR B 508 24.28 2.35 -22.92
N PRO B 509 23.75 3.58 -22.80
CA PRO B 509 23.00 4.21 -23.88
C PRO B 509 23.87 4.26 -25.14
N ALA B 510 23.30 3.86 -26.29
CA ALA B 510 24.07 3.78 -27.51
C ALA B 510 23.16 3.96 -28.72
N PHE B 511 23.81 4.28 -29.84
CA PHE B 511 23.16 4.34 -31.14
C PHE B 511 23.57 3.10 -31.93
N TYR B 512 22.60 2.50 -32.64
CA TYR B 512 22.82 1.32 -33.45
C TYR B 512 22.29 1.59 -34.86
N LYS B 513 23.19 1.50 -35.85
CA LYS B 513 22.85 1.85 -37.23
C LYS B 513 22.60 0.56 -38.01
N TYR B 514 21.49 0.54 -38.75
CA TYR B 514 21.18 -0.54 -39.68
C TYR B 514 20.98 0.05 -41.07
N THR B 515 21.93 -0.24 -41.97
CA THR B 515 21.82 0.18 -43.36
C THR B 515 21.19 -0.94 -44.22
N PHE B 516 20.33 -0.55 -45.16
CA PHE B 516 19.67 -1.52 -46.03
C PHE B 516 19.21 -0.85 -47.32
N ASP B 517 19.08 -1.65 -48.38
CA ASP B 517 18.73 -1.16 -49.71
C ASP B 517 17.27 -1.48 -50.01
N LEU B 518 16.60 -0.55 -50.71
CA LEU B 518 15.25 -0.76 -51.21
C LEU B 518 15.22 -0.52 -52.72
N THR B 519 14.54 -1.42 -53.43
CA THR B 519 14.27 -1.22 -54.85
C THR B 519 13.08 -0.28 -54.98
N GLU B 520 12.07 -0.47 -54.13
CA GLU B 520 10.86 0.36 -54.12
C GLU B 520 10.39 0.54 -52.67
N PRO B 521 10.14 1.79 -52.21
CA PRO B 521 9.65 2.01 -50.86
C PRO B 521 8.17 1.66 -50.66
N HIS B 522 7.87 1.00 -49.54
CA HIS B 522 6.51 0.69 -49.12
C HIS B 522 6.40 0.88 -47.61
N ASP B 523 5.15 0.94 -47.12
CA ASP B 523 4.86 0.97 -45.69
C ASP B 523 5.49 -0.26 -45.04
N THR B 524 5.91 -0.12 -43.77
CA THR B 524 6.56 -1.22 -43.07
C THR B 524 6.46 -1.01 -41.56
N TYR B 525 6.82 -2.07 -40.82
CA TYR B 525 6.86 -2.06 -39.37
C TYR B 525 8.26 -2.47 -38.89
N LEU B 526 8.82 -1.67 -37.98
CA LEU B 526 10.09 -2.01 -37.35
C LEU B 526 9.80 -2.87 -36.12
N ASP B 527 10.44 -4.05 -36.06
CA ASP B 527 10.32 -4.95 -34.93
C ASP B 527 11.27 -4.49 -33.84
N CYS B 528 10.72 -4.17 -32.67
CA CYS B 528 11.48 -3.56 -31.59
C CYS B 528 11.81 -4.58 -30.50
N ARG B 529 11.53 -5.86 -30.74
CA ARG B 529 11.45 -6.84 -29.65
C ARG B 529 12.73 -7.05 -28.85
N GLY B 530 13.92 -7.06 -29.46
CA GLY B 530 15.15 -7.32 -28.71
C GLY B 530 15.84 -6.05 -28.19
N PHE B 531 15.12 -4.93 -28.24
CA PHE B 531 15.62 -3.65 -27.78
C PHE B 531 14.88 -3.28 -26.50
N GLY B 532 15.57 -2.58 -25.60
CA GLY B 532 15.05 -2.30 -24.28
C GLY B 532 14.08 -1.12 -24.27
N LYS B 533 14.59 0.09 -24.54
CA LYS B 533 13.78 1.29 -24.56
C LYS B 533 14.53 2.37 -25.34
N GLY B 534 13.78 3.24 -26.04
CA GLY B 534 14.37 4.37 -26.75
C GLY B 534 13.50 4.83 -27.92
N VAL B 535 14.17 5.32 -28.98
CA VAL B 535 13.51 5.79 -30.18
C VAL B 535 14.24 5.25 -31.41
N MET B 536 13.57 5.28 -32.56
CA MET B 536 14.16 4.87 -33.82
C MET B 536 13.98 6.00 -34.84
N LEU B 537 15.07 6.30 -35.57
CA LEU B 537 15.08 7.33 -36.60
C LEU B 537 15.26 6.68 -37.96
N VAL B 538 14.34 6.99 -38.89
CA VAL B 538 14.37 6.47 -40.25
C VAL B 538 14.80 7.60 -41.19
N ASN B 539 16.00 7.44 -41.77
CA ASN B 539 16.61 8.43 -42.65
C ASN B 539 16.61 9.78 -41.95
N GLY B 540 16.89 9.80 -40.63
CA GLY B 540 17.06 11.02 -39.87
C GLY B 540 15.76 11.56 -39.25
N VAL B 541 14.66 10.81 -39.37
CA VAL B 541 13.36 11.23 -38.87
C VAL B 541 12.91 10.26 -37.77
N ASN B 542 12.68 10.82 -36.56
CA ASN B 542 12.29 10.06 -35.39
C ASN B 542 10.84 9.63 -35.52
N VAL B 543 10.61 8.31 -35.66
CA VAL B 543 9.27 7.79 -35.92
C VAL B 543 8.59 7.38 -34.61
N GLY B 544 9.29 7.49 -33.48
CA GLY B 544 8.63 7.39 -32.19
C GLY B 544 9.37 6.47 -31.22
N ARG B 545 8.74 6.24 -30.07
CA ARG B 545 9.34 5.54 -28.94
C ARG B 545 9.03 4.06 -29.01
N PHE B 546 9.91 3.23 -28.41
CA PHE B 546 9.65 1.82 -28.18
C PHE B 546 10.03 1.48 -26.73
N TRP B 547 9.46 0.38 -26.22
CA TRP B 547 9.68 -0.06 -24.86
C TRP B 547 9.31 -1.54 -24.77
N GLU B 548 10.21 -2.36 -24.21
CA GLU B 548 9.97 -3.78 -24.03
C GLU B 548 8.74 -4.02 -23.15
N LYS B 549 8.37 -3.03 -22.33
CA LYS B 549 7.22 -3.12 -21.45
C LYS B 549 5.96 -3.49 -22.22
N GLY B 550 5.77 -2.90 -23.42
CA GLY B 550 4.64 -3.24 -24.27
C GLY B 550 3.40 -2.40 -23.94
N PRO B 551 2.22 -2.68 -24.54
CA PRO B 551 2.02 -3.87 -25.39
C PRO B 551 2.48 -3.75 -26.84
N THR B 552 2.63 -2.52 -27.34
CA THR B 552 3.13 -2.28 -28.68
C THR B 552 4.63 -2.57 -28.74
N LEU B 553 5.03 -3.47 -29.64
CA LEU B 553 6.41 -3.91 -29.76
C LEU B 553 6.94 -3.68 -31.18
N SER B 554 6.38 -2.68 -31.88
CA SER B 554 6.86 -2.31 -33.19
C SER B 554 6.59 -0.84 -33.45
N LEU B 555 7.16 -0.31 -34.53
CA LEU B 555 6.98 1.07 -34.94
C LEU B 555 6.57 1.09 -36.41
N TYR B 556 5.43 1.71 -36.69
CA TYR B 556 4.99 1.91 -38.06
C TYR B 556 5.91 2.91 -38.74
N VAL B 557 6.26 2.63 -40.00
CA VAL B 557 7.06 3.53 -40.82
C VAL B 557 6.36 3.68 -42.17
N PRO B 558 5.82 4.87 -42.51
CA PRO B 558 5.16 5.05 -43.81
C PRO B 558 6.17 5.05 -44.95
N ALA B 559 5.68 4.75 -46.16
CA ALA B 559 6.50 4.63 -47.34
C ALA B 559 7.25 5.93 -47.62
N GLY B 560 6.57 7.05 -47.37
CA GLY B 560 7.09 8.36 -47.69
C GLY B 560 8.37 8.72 -46.94
N LEU B 561 8.67 8.03 -45.83
CA LEU B 561 9.94 8.26 -45.11
C LEU B 561 11.09 7.43 -45.70
N LEU B 562 10.75 6.58 -46.67
CA LEU B 562 11.73 5.71 -47.30
C LEU B 562 11.92 6.13 -48.75
N HIS B 563 12.98 5.63 -49.39
CA HIS B 563 13.25 5.90 -50.80
C HIS B 563 13.91 4.68 -51.42
N ALA B 564 13.87 4.64 -52.76
CA ALA B 564 14.70 3.74 -53.54
C ALA B 564 16.17 4.05 -53.28
N GLY B 565 16.99 3.01 -53.10
CA GLY B 565 18.40 3.17 -52.80
C GLY B 565 18.73 2.74 -51.38
N GLN B 566 19.79 3.35 -50.81
CA GLN B 566 20.34 2.95 -49.52
C GLN B 566 19.66 3.76 -48.42
N ASN B 567 18.91 3.06 -47.56
CA ASN B 567 18.18 3.67 -46.46
C ASN B 567 18.92 3.37 -45.15
N GLU B 568 18.49 4.02 -44.07
CA GLU B 568 19.20 3.95 -42.81
C GLU B 568 18.22 4.04 -41.65
N VAL B 569 18.30 3.08 -40.72
CA VAL B 569 17.63 3.18 -39.44
C VAL B 569 18.69 3.33 -38.36
N ILE B 570 18.51 4.31 -37.46
CA ILE B 570 19.34 4.46 -36.29
C ILE B 570 18.48 4.30 -35.04
N VAL B 571 18.87 3.36 -34.18
CA VAL B 571 18.19 3.12 -32.92
C VAL B 571 18.98 3.78 -31.81
N PHE B 572 18.31 4.65 -31.04
CA PHE B 572 18.83 5.09 -29.75
C PHE B 572 18.18 4.27 -28.67
N GLU B 573 19.00 3.58 -27.87
CA GLU B 573 18.54 2.61 -26.90
C GLU B 573 19.28 2.86 -25.59
N THR B 574 18.54 2.84 -24.48
CA THR B 574 19.02 3.38 -23.22
C THR B 574 19.27 2.30 -22.16
N GLU B 575 18.70 1.10 -22.33
CA GLU B 575 18.73 0.09 -21.28
C GLU B 575 19.94 -0.83 -21.41
N GLY B 576 20.52 -0.90 -22.61
CA GLY B 576 21.65 -1.79 -22.86
C GLY B 576 21.24 -3.10 -23.52
N ARG B 577 19.98 -3.19 -23.97
CA ARG B 577 19.50 -4.37 -24.67
C ARG B 577 19.23 -4.01 -26.13
N TYR B 578 19.87 -4.72 -27.06
CA TYR B 578 19.74 -4.46 -28.48
C TYR B 578 19.79 -5.78 -29.26
N ALA B 579 19.37 -5.72 -30.53
CA ALA B 579 19.36 -6.88 -31.41
C ALA B 579 20.46 -6.72 -32.46
N GLU B 580 21.11 -7.85 -32.80
CA GLU B 580 22.20 -7.85 -33.76
C GLU B 580 21.65 -7.63 -35.18
N SER B 581 20.35 -7.83 -35.37
CA SER B 581 19.71 -7.54 -36.65
C SER B 581 18.35 -6.88 -36.45
N LEU B 582 18.12 -5.83 -37.23
CA LEU B 582 16.84 -5.12 -37.20
C LEU B 582 15.87 -5.82 -38.15
N LYS B 583 14.77 -6.33 -37.60
CA LYS B 583 13.78 -7.06 -38.38
C LYS B 583 12.66 -6.10 -38.78
N MET B 584 12.22 -6.21 -40.03
CA MET B 584 11.10 -5.42 -40.55
C MET B 584 9.98 -6.39 -40.91
N ALA B 585 8.78 -6.11 -40.40
CA ALA B 585 7.66 -7.03 -40.50
C ALA B 585 6.53 -6.38 -41.29
N ASP B 586 5.57 -7.19 -41.74
CA ASP B 586 4.47 -6.73 -42.58
C ASP B 586 3.22 -6.48 -41.74
N HIS B 587 3.33 -6.61 -40.42
CA HIS B 587 2.20 -6.42 -39.51
C HIS B 587 2.71 -5.80 -38.20
N PRO B 588 1.86 -5.10 -37.42
CA PRO B 588 2.26 -4.61 -36.10
C PRO B 588 2.39 -5.75 -35.09
N ILE B 589 3.52 -5.77 -34.35
CA ILE B 589 3.79 -6.80 -33.36
C ILE B 589 3.28 -6.33 -32.01
N PHE B 590 2.70 -7.28 -31.24
CA PHE B 590 2.18 -6.99 -29.91
C PHE B 590 2.62 -8.08 -28.94
N GLU B 591 2.72 -7.71 -27.66
CA GLU B 591 2.95 -8.64 -26.57
C GLU B 591 2.07 -8.25 -25.39
N GLU B 592 1.79 -9.22 -24.51
CA GLU B 592 1.06 -8.95 -23.29
C GLU B 592 2.01 -8.36 -22.26
N PRO B 593 1.67 -7.20 -21.63
CA PRO B 593 2.53 -6.61 -20.61
C PRO B 593 2.42 -7.31 -19.24
N THR C 2 -4.39 -19.93 59.15
CA THR C 2 -4.95 -18.73 58.46
C THR C 2 -6.31 -19.06 57.86
N THR C 3 -7.26 -18.13 58.01
CA THR C 3 -8.57 -18.23 57.37
C THR C 3 -8.69 -17.09 56.35
N PHE C 4 -9.42 -17.36 55.25
CA PHE C 4 -9.67 -16.35 54.23
C PHE C 4 -11.06 -16.56 53.63
N SER C 5 -11.85 -15.48 53.57
CA SER C 5 -13.14 -15.46 52.89
C SER C 5 -13.42 -14.08 52.32
N ILE C 6 -14.49 -13.96 51.52
CA ILE C 6 -14.81 -12.72 50.83
C ILE C 6 -16.20 -12.23 51.26
N GLU C 7 -16.23 -11.05 51.89
CA GLU C 7 -17.45 -10.35 52.25
C GLU C 7 -17.35 -8.94 51.67
N HIS C 8 -17.77 -7.91 52.44
CA HIS C 8 -17.59 -6.52 52.03
C HIS C 8 -16.11 -6.24 51.79
N ASP C 9 -15.28 -6.70 52.74
CA ASP C 9 -13.83 -6.71 52.58
C ASP C 9 -13.38 -8.16 52.43
N PHE C 10 -12.13 -8.33 52.01
CA PHE C 10 -11.43 -9.59 52.24
C PHE C 10 -11.33 -9.78 53.75
N MET C 11 -11.68 -10.98 54.22
CA MET C 11 -11.58 -11.28 55.65
C MET C 11 -10.45 -12.28 55.86
N LEU C 12 -9.36 -11.81 56.48
CA LEU C 12 -8.22 -12.64 56.84
C LEU C 12 -8.15 -12.78 58.35
N ASP C 13 -8.37 -14.01 58.85
CA ASP C 13 -8.44 -14.29 60.28
C ASP C 13 -9.54 -13.45 60.93
N GLY C 14 -10.68 -13.31 60.23
CA GLY C 14 -11.85 -12.64 60.75
C GLY C 14 -11.80 -11.11 60.61
N LYS C 15 -10.66 -10.58 60.16
CA LYS C 15 -10.43 -9.13 60.16
C LYS C 15 -10.39 -8.61 58.73
N PRO C 16 -10.94 -7.41 58.44
CA PRO C 16 -10.79 -6.76 57.14
C PRO C 16 -9.32 -6.70 56.69
N PHE C 17 -9.07 -7.14 55.44
CA PHE C 17 -7.73 -7.24 54.92
C PHE C 17 -7.63 -6.56 53.55
N LYS C 18 -6.54 -5.82 53.35
CA LYS C 18 -6.24 -5.26 52.04
C LYS C 18 -5.10 -6.05 51.42
N ILE C 19 -5.38 -6.68 50.27
CA ILE C 19 -4.35 -7.43 49.56
C ILE C 19 -3.48 -6.43 48.80
N LEU C 20 -2.18 -6.47 49.10
CA LEU C 20 -1.15 -5.77 48.35
C LEU C 20 -0.24 -6.81 47.72
N SER C 21 -0.49 -7.12 46.44
CA SER C 21 0.17 -8.23 45.76
C SER C 21 1.10 -7.71 44.67
N GLY C 22 2.07 -8.57 44.30
CA GLY C 22 2.99 -8.30 43.22
C GLY C 22 3.24 -9.56 42.40
N ALA C 23 3.20 -9.41 41.07
CA ALA C 23 3.33 -10.55 40.17
C ALA C 23 4.80 -10.90 39.99
N ILE C 24 5.13 -12.15 40.32
CA ILE C 24 6.43 -12.72 40.04
C ILE C 24 6.18 -14.11 39.45
N HIS C 25 6.62 -14.29 38.20
CA HIS C 25 6.46 -15.55 37.52
C HIS C 25 7.68 -16.39 37.81
N TYR C 26 7.51 -17.43 38.64
CA TYR C 26 8.60 -18.31 39.03
C TYR C 26 9.31 -18.86 37.80
N PHE C 27 8.56 -19.11 36.73
CA PHE C 27 9.07 -19.74 35.53
C PHE C 27 9.90 -18.77 34.70
N ARG C 28 9.92 -17.49 35.06
CA ARG C 28 10.66 -16.46 34.34
C ARG C 28 11.87 -15.96 35.15
N VAL C 29 12.20 -16.65 36.25
CA VAL C 29 13.26 -16.23 37.15
C VAL C 29 14.00 -17.48 37.63
N HIS C 30 15.35 -17.44 37.61
CA HIS C 30 16.15 -18.57 38.07
C HIS C 30 15.82 -18.84 39.54
N PRO C 31 15.59 -20.11 39.95
CA PRO C 31 15.19 -20.42 41.33
C PRO C 31 16.15 -19.94 42.41
N ASP C 32 17.43 -19.76 42.06
CA ASP C 32 18.41 -19.21 42.98
C ASP C 32 18.05 -17.78 43.38
N ASP C 33 17.29 -17.06 42.54
CA ASP C 33 16.97 -15.66 42.77
C ASP C 33 15.53 -15.46 43.24
N TRP C 34 14.81 -16.54 43.54
CA TRP C 34 13.44 -16.45 44.04
C TRP C 34 13.41 -15.71 45.39
N TYR C 35 14.26 -16.14 46.32
CA TYR C 35 14.34 -15.52 47.64
C TYR C 35 14.55 -14.01 47.48
N HIS C 36 15.53 -13.65 46.65
CA HIS C 36 15.87 -12.26 46.37
C HIS C 36 14.61 -11.47 46.01
N SER C 37 13.93 -11.90 44.95
CA SER C 37 12.79 -11.16 44.42
C SER C 37 11.65 -11.09 45.44
N LEU C 38 11.37 -12.22 46.09
CA LEU C 38 10.31 -12.27 47.09
C LEU C 38 10.65 -11.36 48.27
N TYR C 39 11.90 -11.39 48.73
CA TYR C 39 12.35 -10.53 49.81
C TYR C 39 12.06 -9.07 49.45
N ASN C 40 12.39 -8.68 48.21
CA ASN C 40 12.21 -7.31 47.76
C ASN C 40 10.73 -6.95 47.67
N LEU C 41 9.87 -7.96 47.46
CA LEU C 41 8.44 -7.76 47.48
C LEU C 41 7.98 -7.45 48.91
N LYS C 42 8.53 -8.18 49.88
CA LYS C 42 8.23 -7.96 51.30
C LYS C 42 8.75 -6.59 51.73
N ALA C 43 9.93 -6.22 51.21
CA ALA C 43 10.61 -4.99 51.58
C ALA C 43 9.86 -3.76 51.08
N LEU C 44 9.09 -3.94 49.99
CA LEU C 44 8.29 -2.87 49.43
C LEU C 44 7.16 -2.51 50.38
N GLY C 45 6.71 -3.50 51.16
CA GLY C 45 5.58 -3.34 52.07
C GLY C 45 4.35 -4.11 51.64
N PHE C 46 4.55 -5.06 50.71
CA PHE C 46 3.46 -5.85 50.16
C PHE C 46 3.35 -7.15 50.94
N ASN C 47 2.15 -7.73 50.94
CA ASN C 47 1.84 -8.86 51.78
C ASN C 47 1.61 -10.14 50.97
N THR C 48 1.54 -10.03 49.64
CA THR C 48 1.15 -11.15 48.81
C THR C 48 1.98 -11.20 47.52
N VAL C 49 2.18 -12.42 47.01
CA VAL C 49 2.80 -12.63 45.71
C VAL C 49 1.79 -13.37 44.84
N GLU C 50 1.84 -13.09 43.53
CA GLU C 50 0.92 -13.68 42.58
C GLU C 50 1.69 -14.25 41.40
N THR C 51 1.22 -15.40 40.90
CA THR C 51 1.86 -16.04 39.76
C THR C 51 0.85 -16.84 38.95
N TYR C 52 1.09 -16.84 37.63
CA TYR C 52 0.46 -17.77 36.71
C TYR C 52 1.11 -19.14 36.84
N VAL C 53 0.46 -20.14 36.24
CA VAL C 53 1.02 -21.48 36.07
C VAL C 53 0.97 -21.80 34.58
N PRO C 54 2.13 -21.97 33.90
CA PRO C 54 2.17 -22.20 32.46
C PRO C 54 2.03 -23.66 32.05
N TRP C 55 0.85 -24.01 31.52
CA TRP C 55 0.54 -25.37 31.12
C TRP C 55 1.61 -25.89 30.15
N ASN C 56 2.06 -25.04 29.22
CA ASN C 56 2.94 -25.49 28.16
C ASN C 56 4.39 -25.69 28.61
N LEU C 57 4.72 -25.40 29.88
CA LEU C 57 6.00 -25.80 30.45
C LEU C 57 5.84 -27.03 31.33
N HIS C 58 4.77 -27.06 32.13
CA HIS C 58 4.52 -28.16 33.05
C HIS C 58 4.15 -29.44 32.30
N GLU C 59 3.45 -29.29 31.16
CA GLU C 59 3.16 -30.42 30.28
C GLU C 59 3.56 -30.07 28.86
N TYR C 60 4.87 -29.86 28.67
CA TYR C 60 5.42 -29.45 27.38
C TYR C 60 5.04 -30.45 26.31
N ARG C 61 5.22 -31.74 26.62
CA ARG C 61 4.76 -32.84 25.79
C ARG C 61 3.68 -33.60 26.57
N GLU C 62 2.65 -34.08 25.86
CA GLU C 62 1.50 -34.69 26.50
C GLU C 62 1.95 -35.85 27.40
N GLY C 63 1.59 -35.77 28.68
CA GLY C 63 1.86 -36.83 29.63
C GLY C 63 3.24 -36.73 30.29
N GLU C 64 4.06 -35.76 29.86
CA GLU C 64 5.40 -35.55 30.42
C GLU C 64 5.37 -34.32 31.30
N PHE C 65 5.11 -34.53 32.59
CA PHE C 65 4.97 -33.46 33.55
C PHE C 65 6.34 -33.14 34.16
N ASP C 66 6.55 -31.85 34.47
CA ASP C 66 7.79 -31.39 35.07
C ASP C 66 7.44 -30.32 36.11
N PHE C 67 7.86 -30.56 37.35
CA PHE C 67 7.67 -29.61 38.45
C PHE C 67 8.99 -29.47 39.21
N SER C 68 10.12 -29.58 38.50
CA SER C 68 11.44 -29.54 39.11
C SER C 68 12.17 -28.26 38.71
N GLY C 69 13.19 -27.89 39.50
CA GLY C 69 14.02 -26.74 39.21
C GLY C 69 13.22 -25.44 39.15
N ILE C 70 13.24 -24.78 37.98
CA ILE C 70 12.59 -23.50 37.79
C ILE C 70 11.07 -23.69 37.72
N LEU C 71 10.61 -24.94 37.59
CA LEU C 71 9.18 -25.22 37.55
C LEU C 71 8.68 -25.77 38.88
N ASP C 72 9.49 -25.67 39.95
CA ASP C 72 9.09 -26.20 41.25
C ASP C 72 8.27 -25.15 41.99
N ILE C 73 6.96 -25.13 41.70
CA ILE C 73 6.05 -24.15 42.24
C ILE C 73 5.90 -24.34 43.75
N GLU C 74 6.04 -25.59 44.23
CA GLU C 74 5.92 -25.87 45.65
C GLU C 74 7.02 -25.13 46.41
N HIS C 75 8.26 -25.21 45.91
CA HIS C 75 9.40 -24.54 46.53
C HIS C 75 9.24 -23.02 46.45
N PHE C 76 8.68 -22.53 45.33
CA PHE C 76 8.42 -21.11 45.18
C PHE C 76 7.49 -20.62 46.28
N LEU C 77 6.35 -21.31 46.46
CA LEU C 77 5.35 -20.94 47.44
C LEU C 77 5.89 -21.09 48.86
N ASP C 78 6.83 -22.03 49.07
CA ASP C 78 7.46 -22.23 50.36
C ASP C 78 8.32 -21.01 50.71
N VAL C 79 9.18 -20.57 49.76
CA VAL C 79 10.05 -19.44 50.00
C VAL C 79 9.21 -18.21 50.34
N ALA C 80 8.06 -18.05 49.67
CA ALA C 80 7.16 -16.93 49.93
C ALA C 80 6.60 -16.99 51.35
N GLU C 81 6.12 -18.17 51.74
CA GLU C 81 5.53 -18.39 53.06
C GLU C 81 6.56 -18.07 54.15
N ASP C 82 7.79 -18.58 53.99
CA ASP C 82 8.84 -18.42 54.98
C ASP C 82 9.21 -16.95 55.14
N LEU C 83 9.00 -16.14 54.09
CA LEU C 83 9.21 -14.70 54.15
C LEU C 83 7.96 -13.99 54.69
N GLY C 84 6.91 -14.77 54.99
CA GLY C 84 5.70 -14.22 55.58
C GLY C 84 4.77 -13.58 54.56
N LEU C 85 4.88 -14.01 53.29
CA LEU C 85 3.98 -13.57 52.23
C LEU C 85 2.87 -14.59 52.03
N TYR C 86 1.65 -14.06 51.78
CA TYR C 86 0.55 -14.86 51.27
C TYR C 86 0.72 -15.02 49.75
N ALA C 87 -0.18 -15.76 49.11
CA ALA C 87 -0.05 -16.04 47.68
C ALA C 87 -1.41 -16.10 46.99
N ILE C 88 -1.41 -15.67 45.72
CA ILE C 88 -2.51 -15.87 44.80
C ILE C 88 -1.98 -16.64 43.60
N VAL C 89 -2.63 -17.75 43.27
CA VAL C 89 -2.21 -18.59 42.16
C VAL C 89 -3.28 -18.49 41.09
N ARG C 90 -2.85 -18.45 39.81
CA ARG C 90 -3.78 -18.34 38.70
C ARG C 90 -3.47 -19.48 37.73
N PRO C 91 -4.02 -20.69 38.00
CA PRO C 91 -3.68 -21.90 37.25
C PRO C 91 -4.60 -22.18 36.08
N SER C 92 -4.92 -21.13 35.32
CA SER C 92 -5.79 -21.25 34.16
C SER C 92 -5.04 -21.98 33.05
N PRO C 93 -5.74 -22.76 32.19
CA PRO C 93 -5.10 -23.33 31.01
C PRO C 93 -4.58 -22.24 30.07
N TYR C 94 -5.31 -21.12 30.05
CA TYR C 94 -4.93 -19.92 29.31
C TYR C 94 -4.51 -18.84 30.30
N ILE C 95 -3.29 -18.31 30.15
CA ILE C 95 -2.76 -17.32 31.08
C ILE C 95 -2.41 -16.01 30.36
N CYS C 96 -2.42 -16.01 29.01
CA CYS C 96 -2.03 -14.85 28.22
C CYS C 96 -0.56 -14.51 28.48
N ALA C 97 -0.30 -13.58 29.41
CA ALA C 97 0.99 -13.45 30.08
C ALA C 97 2.11 -13.03 29.13
N GLU C 98 1.77 -12.54 27.92
CA GLU C 98 2.76 -12.27 26.90
C GLU C 98 3.68 -13.48 26.78
N TRP C 99 3.05 -14.65 26.56
CA TRP C 99 3.71 -15.94 26.68
C TRP C 99 3.28 -16.82 25.52
N GLU C 100 4.23 -17.58 24.98
CA GLU C 100 3.98 -18.51 23.87
C GLU C 100 2.61 -19.14 24.02
N PHE C 101 1.74 -18.83 23.04
CA PHE C 101 0.42 -19.43 22.87
C PHE C 101 -0.48 -19.17 24.08
N GLY C 102 -0.17 -18.11 24.85
CA GLY C 102 -0.91 -17.80 26.05
C GLY C 102 -0.93 -18.96 27.06
N GLY C 103 0.08 -19.84 26.98
CA GLY C 103 0.24 -20.93 27.93
C GLY C 103 -0.25 -22.27 27.42
N PHE C 104 -0.98 -22.28 26.30
CA PHE C 104 -1.51 -23.52 25.76
C PHE C 104 -0.38 -24.35 25.17
N PRO C 105 -0.28 -25.66 25.52
CA PRO C 105 0.64 -26.58 24.84
C PRO C 105 0.35 -26.71 23.35
N ALA C 106 1.42 -26.73 22.53
CA ALA C 106 1.26 -26.72 21.09
C ALA C 106 0.55 -27.99 20.59
N TRP C 107 0.65 -29.09 21.35
CA TRP C 107 0.08 -30.36 20.90
C TRP C 107 -1.45 -30.32 20.92
N LEU C 108 -2.04 -29.32 21.59
CA LEU C 108 -3.48 -29.11 21.51
C LEU C 108 -3.94 -28.84 20.07
N LEU C 109 -3.06 -28.26 19.25
CA LEU C 109 -3.37 -27.94 17.86
C LEU C 109 -3.59 -29.21 17.04
N THR C 110 -2.99 -30.33 17.47
CA THR C 110 -3.10 -31.58 16.74
C THR C 110 -4.38 -32.33 17.12
N LYS C 111 -5.14 -31.80 18.08
CA LYS C 111 -6.37 -32.44 18.52
C LYS C 111 -7.57 -31.70 17.91
N SER C 112 -8.71 -32.41 17.83
CA SER C 112 -9.98 -31.83 17.43
C SER C 112 -10.62 -31.17 18.65
N MET C 113 -10.62 -29.83 18.68
CA MET C 113 -10.75 -29.12 19.94
C MET C 113 -10.87 -27.62 19.70
N ARG C 114 -11.91 -27.01 20.30
CA ARG C 114 -12.12 -25.56 20.19
C ARG C 114 -11.78 -24.92 21.54
N LEU C 115 -10.65 -24.19 21.57
CA LEU C 115 -10.08 -23.70 22.81
C LEU C 115 -10.97 -22.63 23.43
N ARG C 116 -11.01 -22.62 24.77
CA ARG C 116 -11.72 -21.65 25.58
C ARG C 116 -13.22 -21.69 25.29
N THR C 117 -13.78 -22.89 25.17
CA THR C 117 -15.21 -23.09 24.99
C THR C 117 -15.61 -24.37 25.73
N ASP C 118 -16.91 -24.64 25.82
CA ASP C 118 -17.43 -25.84 26.46
C ASP C 118 -17.25 -27.02 25.51
N ASP C 119 -15.98 -27.39 25.29
CA ASP C 119 -15.62 -28.48 24.40
C ASP C 119 -15.19 -29.65 25.28
N PRO C 120 -15.80 -30.85 25.14
CA PRO C 120 -15.53 -31.96 26.06
C PRO C 120 -14.08 -32.45 26.03
N ASN C 121 -13.45 -32.42 24.85
CA ASN C 121 -12.07 -32.85 24.70
C ASN C 121 -11.12 -31.84 25.34
N TYR C 122 -11.48 -30.55 25.22
CA TYR C 122 -10.70 -29.47 25.81
C TYR C 122 -10.74 -29.58 27.34
N LEU C 123 -11.95 -29.71 27.89
CA LEU C 123 -12.13 -29.77 29.33
C LEU C 123 -11.46 -31.02 29.90
N GLN C 124 -11.53 -32.13 29.15
CA GLN C 124 -10.91 -33.37 29.57
C GLN C 124 -9.40 -33.19 29.67
N ALA C 125 -8.78 -32.54 28.68
CA ALA C 125 -7.34 -32.34 28.68
C ALA C 125 -6.92 -31.47 29.86
N ILE C 126 -7.76 -30.51 30.23
CA ILE C 126 -7.53 -29.69 31.41
C ILE C 126 -7.62 -30.55 32.66
N ASP C 127 -8.64 -31.43 32.71
CA ASP C 127 -8.84 -32.35 33.83
C ASP C 127 -7.57 -33.14 34.09
N ARG C 128 -6.96 -33.66 33.01
CA ARG C 128 -5.77 -34.49 33.10
C ARG C 128 -4.56 -33.66 33.49
N TYR C 129 -4.49 -32.41 33.01
CA TYR C 129 -3.46 -31.48 33.44
C TYR C 129 -3.58 -31.21 34.93
N TYR C 130 -4.81 -30.98 35.40
CA TYR C 130 -5.06 -30.63 36.79
C TYR C 130 -4.75 -31.80 37.72
N ALA C 131 -4.88 -33.04 37.23
CA ALA C 131 -4.55 -34.22 38.01
C ALA C 131 -3.09 -34.21 38.43
N ALA C 132 -2.22 -33.64 37.57
CA ALA C 132 -0.79 -33.56 37.85
C ALA C 132 -0.45 -32.30 38.63
N LEU C 133 -1.14 -31.18 38.31
CA LEU C 133 -0.78 -29.89 38.87
C LEU C 133 -1.32 -29.74 40.29
N MET C 134 -2.60 -30.04 40.47
CA MET C 134 -3.31 -29.58 41.66
C MET C 134 -2.77 -30.23 42.93
N PRO C 135 -2.21 -31.46 42.92
CA PRO C 135 -1.48 -31.98 44.09
C PRO C 135 -0.31 -31.10 44.56
N HIS C 136 0.27 -30.31 43.65
CA HIS C 136 1.34 -29.39 44.01
C HIS C 136 0.79 -28.08 44.56
N LEU C 137 -0.55 -27.92 44.57
CA LEU C 137 -1.17 -26.68 45.03
C LEU C 137 -2.08 -26.92 46.23
N VAL C 138 -2.76 -28.06 46.28
CA VAL C 138 -3.88 -28.28 47.21
C VAL C 138 -3.45 -27.97 48.64
N ASN C 139 -2.31 -28.53 49.06
CA ASN C 139 -1.87 -28.45 50.43
C ASN C 139 -1.22 -27.09 50.72
N HIS C 140 -1.03 -26.26 49.70
CA HIS C 140 -0.48 -24.91 49.90
C HIS C 140 -1.61 -23.91 50.17
N GLN C 141 -2.87 -24.35 50.06
CA GLN C 141 -4.01 -23.51 50.39
C GLN C 141 -4.00 -23.20 51.89
N VAL C 142 -4.60 -22.07 52.25
CA VAL C 142 -4.75 -21.68 53.64
C VAL C 142 -5.62 -22.71 54.37
N THR C 143 -6.57 -23.32 53.65
CA THR C 143 -7.45 -24.32 54.20
C THR C 143 -6.68 -25.57 54.61
N HIS C 144 -5.44 -25.73 54.11
CA HIS C 144 -4.60 -26.87 54.46
C HIS C 144 -3.32 -26.41 55.17
N GLY C 145 -3.32 -25.17 55.68
CA GLY C 145 -2.22 -24.66 56.48
C GLY C 145 -1.15 -23.91 55.68
N GLY C 146 -1.35 -23.77 54.37
CA GLY C 146 -0.41 -23.07 53.51
C GLY C 146 -0.71 -21.57 53.45
N ASN C 147 -0.28 -20.90 52.37
CA ASN C 147 -0.34 -19.46 52.29
C ASN C 147 -1.15 -18.97 51.08
N VAL C 148 -1.78 -19.88 50.32
CA VAL C 148 -2.52 -19.50 49.12
C VAL C 148 -3.94 -19.07 49.51
N LEU C 149 -4.28 -17.81 49.19
CA LEU C 149 -5.53 -17.18 49.60
C LEU C 149 -6.67 -17.50 48.63
N MET C 150 -6.40 -17.49 47.32
CA MET C 150 -7.43 -17.71 46.32
C MET C 150 -6.81 -18.04 44.97
N MET C 151 -7.67 -18.45 44.02
CA MET C 151 -7.22 -18.92 42.72
C MET C 151 -8.17 -18.42 41.64
N GLN C 152 -7.61 -18.08 40.46
CA GLN C 152 -8.37 -17.50 39.36
C GLN C 152 -8.97 -18.59 38.49
N VAL C 153 -10.17 -18.33 37.96
CA VAL C 153 -10.80 -19.14 36.94
C VAL C 153 -10.58 -18.46 35.59
N GLU C 154 -9.98 -19.20 34.64
CA GLU C 154 -9.67 -18.65 33.32
C GLU C 154 -8.81 -17.40 33.48
N ASN C 155 -8.75 -16.56 32.45
CA ASN C 155 -8.03 -15.30 32.51
C ASN C 155 -8.57 -14.37 31.43
N GLU C 156 -9.25 -13.29 31.88
CA GLU C 156 -9.79 -12.28 30.98
C GLU C 156 -10.60 -12.96 29.88
N TYR C 157 -11.55 -13.81 30.29
CA TYR C 157 -12.30 -14.59 29.33
C TYR C 157 -13.27 -13.70 28.56
N GLY C 158 -13.72 -12.61 29.21
CA GLY C 158 -14.54 -11.61 28.56
C GLY C 158 -13.80 -10.88 27.44
N SER C 159 -12.48 -11.10 27.33
CA SER C 159 -11.71 -10.63 26.19
C SER C 159 -11.44 -11.76 25.20
N TYR C 160 -12.30 -12.79 25.19
CA TYR C 160 -12.21 -13.85 24.20
C TYR C 160 -13.57 -14.49 23.90
N GLY C 161 -14.37 -14.79 24.92
CA GLY C 161 -15.63 -15.50 24.71
C GLY C 161 -16.70 -15.13 25.74
N GLU C 162 -17.87 -15.78 25.64
CA GLU C 162 -18.97 -15.59 26.57
C GLU C 162 -19.67 -16.92 26.85
N ASP C 163 -18.92 -18.02 26.76
CA ASP C 163 -19.45 -19.34 27.02
C ASP C 163 -19.44 -19.56 28.53
N HIS C 164 -20.61 -19.42 29.16
CA HIS C 164 -20.69 -19.48 30.62
C HIS C 164 -20.63 -20.93 31.10
N ASP C 165 -21.12 -21.87 30.28
CA ASP C 165 -21.02 -23.29 30.59
C ASP C 165 -19.55 -23.70 30.72
N TYR C 166 -18.67 -23.07 29.94
CA TYR C 166 -17.23 -23.30 30.04
C TYR C 166 -16.71 -22.88 31.41
N LEU C 167 -17.01 -21.65 31.82
CA LEU C 167 -16.50 -21.12 33.08
C LEU C 167 -16.97 -21.98 34.24
N ALA C 168 -18.25 -22.36 34.22
CA ALA C 168 -18.84 -23.17 35.29
C ALA C 168 -18.15 -24.52 35.34
N ALA C 169 -17.86 -25.10 34.17
CA ALA C 169 -17.24 -26.42 34.09
C ALA C 169 -15.81 -26.37 34.61
N LEU C 170 -15.10 -25.28 34.32
CA LEU C 170 -13.70 -25.12 34.72
C LEU C 170 -13.63 -24.95 36.24
N ALA C 171 -14.52 -24.13 36.80
CA ALA C 171 -14.59 -23.96 38.24
C ALA C 171 -14.84 -25.32 38.92
N LYS C 172 -15.74 -26.11 38.36
CA LYS C 172 -16.08 -27.43 38.90
C LYS C 172 -14.85 -28.35 38.86
N LEU C 173 -14.04 -28.23 37.81
CA LEU C 173 -12.82 -29.03 37.69
C LEU C 173 -11.85 -28.67 38.81
N MET C 174 -11.69 -27.37 39.06
CA MET C 174 -10.78 -26.89 40.09
C MET C 174 -11.21 -27.42 41.46
N LYS C 175 -12.51 -27.34 41.76
CA LYS C 175 -13.04 -27.84 43.02
C LYS C 175 -12.86 -29.36 43.12
N LYS C 176 -13.07 -30.06 42.00
CA LYS C 176 -12.94 -31.51 41.97
C LYS C 176 -11.53 -31.94 42.34
N HIS C 177 -10.53 -31.12 41.96
CA HIS C 177 -9.13 -31.41 42.25
C HIS C 177 -8.72 -30.85 43.61
N GLY C 178 -9.68 -30.29 44.37
CA GLY C 178 -9.50 -30.02 45.78
C GLY C 178 -9.26 -28.54 46.09
N VAL C 179 -9.49 -27.66 45.11
CA VAL C 179 -9.42 -26.22 45.34
C VAL C 179 -10.68 -25.80 46.10
N ASP C 180 -10.51 -25.49 47.40
CA ASP C 180 -11.62 -25.09 48.26
C ASP C 180 -11.44 -23.65 48.73
N VAL C 181 -10.32 -23.02 48.38
CA VAL C 181 -10.12 -21.61 48.63
C VAL C 181 -11.07 -20.81 47.74
N PRO C 182 -11.44 -19.55 48.09
CA PRO C 182 -12.27 -18.73 47.20
C PRO C 182 -11.69 -18.57 45.79
N LEU C 183 -12.60 -18.51 44.80
CA LEU C 183 -12.25 -18.38 43.39
C LEU C 183 -12.53 -16.95 42.94
N PHE C 184 -11.91 -16.54 41.83
CA PHE C 184 -12.20 -15.23 41.24
C PHE C 184 -11.96 -15.24 39.74
N THR C 185 -12.54 -14.24 39.06
CA THR C 185 -12.23 -13.93 37.68
C THR C 185 -11.59 -12.55 37.63
N SER C 186 -10.87 -12.27 36.53
CA SER C 186 -10.37 -10.93 36.25
C SER C 186 -10.68 -10.57 34.80
N ASP C 187 -10.99 -9.29 34.56
CA ASP C 187 -11.41 -8.83 33.24
C ASP C 187 -11.14 -7.34 33.12
N GLY C 188 -11.21 -6.81 31.91
CA GLY C 188 -11.33 -5.37 31.73
C GLY C 188 -12.55 -4.86 32.48
N PRO C 189 -12.43 -3.79 33.31
CA PRO C 189 -13.55 -3.35 34.14
C PRO C 189 -14.55 -2.49 33.38
N TRP C 190 -15.31 -3.14 32.48
CA TRP C 190 -16.39 -2.48 31.77
C TRP C 190 -17.42 -3.53 31.38
N PRO C 191 -18.71 -3.16 31.17
CA PRO C 191 -19.79 -4.14 31.10
C PRO C 191 -19.60 -5.30 30.12
N ALA C 192 -19.08 -5.01 28.92
CA ALA C 192 -19.02 -5.99 27.85
C ALA C 192 -18.11 -7.16 28.25
N THR C 193 -16.93 -6.84 28.80
CA THR C 193 -15.98 -7.84 29.24
C THR C 193 -16.47 -8.55 30.50
N LEU C 194 -17.04 -7.78 31.44
CA LEU C 194 -17.50 -8.33 32.71
C LEU C 194 -18.70 -9.24 32.49
N ASN C 195 -19.64 -8.82 31.63
CA ASN C 195 -20.82 -9.61 31.34
C ASN C 195 -20.43 -10.96 30.73
N ALA C 196 -19.46 -10.93 29.82
CA ALA C 196 -19.05 -12.12 29.09
C ALA C 196 -18.14 -12.99 29.95
N GLY C 197 -17.28 -12.35 30.77
CA GLY C 197 -16.14 -13.01 31.38
C GLY C 197 -16.34 -13.45 32.83
N SER C 198 -17.23 -12.78 33.56
CA SER C 198 -17.31 -12.99 35.02
C SER C 198 -18.22 -14.16 35.34
N MET C 199 -18.17 -14.59 36.61
CA MET C 199 -19.01 -15.66 37.13
C MET C 199 -19.85 -15.15 38.29
N ILE C 200 -20.30 -13.89 38.18
CA ILE C 200 -20.89 -13.17 39.30
C ILE C 200 -22.19 -13.84 39.73
N ASN C 201 -22.94 -14.40 38.78
CA ASN C 201 -24.20 -15.08 39.05
C ASN C 201 -23.97 -16.41 39.77
N ASP C 202 -22.72 -16.89 39.79
CA ASP C 202 -22.37 -18.09 40.56
C ASP C 202 -21.78 -17.69 41.91
N GLY C 203 -21.82 -16.39 42.23
CA GLY C 203 -21.37 -15.91 43.53
C GLY C 203 -19.86 -15.79 43.64
N ILE C 204 -19.18 -15.76 42.49
CA ILE C 204 -17.72 -15.77 42.44
C ILE C 204 -17.24 -14.35 42.16
N LEU C 205 -16.23 -13.90 42.92
CA LEU C 205 -15.77 -12.53 42.89
C LEU C 205 -15.22 -12.20 41.51
N ALA C 206 -15.66 -11.05 40.97
CA ALA C 206 -15.09 -10.50 39.75
C ALA C 206 -14.17 -9.33 40.12
N THR C 207 -12.98 -9.32 39.51
CA THR C 207 -11.99 -8.27 39.69
C THR C 207 -11.71 -7.61 38.34
N GLY C 208 -10.92 -6.53 38.36
CA GLY C 208 -10.66 -5.73 37.17
C GLY C 208 -9.17 -5.57 36.88
N ASN C 209 -8.82 -5.48 35.59
CA ASN C 209 -7.45 -5.29 35.15
C ASN C 209 -7.35 -3.94 34.44
N PHE C 210 -6.41 -3.10 34.87
CA PHE C 210 -6.21 -1.78 34.28
C PHE C 210 -4.90 -1.19 34.78
N GLY C 211 -4.44 -0.12 34.12
CA GLY C 211 -3.16 0.51 34.45
C GLY C 211 -3.28 1.99 34.77
N SER C 212 -4.51 2.53 34.81
CA SER C 212 -4.75 3.94 35.10
C SER C 212 -6.25 4.19 35.31
N ALA C 213 -6.59 5.45 35.65
CA ALA C 213 -7.96 5.90 35.78
C ALA C 213 -8.72 5.00 36.77
N ALA C 214 -8.13 4.84 37.95
CA ALA C 214 -8.57 3.85 38.93
C ALA C 214 -9.99 4.14 39.41
N ASP C 215 -10.35 5.43 39.47
CA ASP C 215 -11.68 5.82 39.94
C ASP C 215 -12.73 5.45 38.87
N LYS C 216 -12.46 5.83 37.62
CA LYS C 216 -13.31 5.48 36.49
C LYS C 216 -13.56 3.98 36.48
N ASN C 217 -12.49 3.19 36.64
CA ASN C 217 -12.54 1.75 36.43
C ASN C 217 -13.18 1.06 37.63
N PHE C 218 -12.84 1.50 38.85
CA PHE C 218 -13.43 0.94 40.05
C PHE C 218 -14.92 1.32 40.13
N ASP C 219 -15.27 2.51 39.66
CA ASP C 219 -16.66 2.93 39.59
C ASP C 219 -17.46 1.95 38.74
N ARG C 220 -16.91 1.54 37.57
CA ARG C 220 -17.60 0.63 36.68
C ARG C 220 -17.65 -0.76 37.30
N LEU C 221 -16.56 -1.16 37.97
CA LEU C 221 -16.47 -2.46 38.61
C LEU C 221 -17.49 -2.53 39.76
N ALA C 222 -17.56 -1.47 40.57
CA ALA C 222 -18.52 -1.38 41.66
C ALA C 222 -19.94 -1.43 41.11
N ALA C 223 -20.21 -0.66 40.05
CA ALA C 223 -21.52 -0.63 39.40
C ALA C 223 -21.95 -2.02 38.98
N PHE C 224 -21.00 -2.81 38.45
CA PHE C 224 -21.27 -4.16 37.99
C PHE C 224 -21.63 -5.06 39.19
N HIS C 225 -20.83 -4.98 40.25
CA HIS C 225 -21.11 -5.72 41.47
C HIS C 225 -22.52 -5.44 41.97
N GLN C 226 -22.84 -4.14 42.09
CA GLN C 226 -24.11 -3.68 42.66
C GLN C 226 -25.29 -4.12 41.80
N ALA C 227 -25.10 -4.16 40.48
CA ALA C 227 -26.16 -4.54 39.56
C ALA C 227 -26.55 -6.00 39.78
N HIS C 228 -25.62 -6.80 40.32
CA HIS C 228 -25.87 -8.21 40.63
C HIS C 228 -26.05 -8.42 42.13
N GLY C 229 -26.29 -7.33 42.87
CA GLY C 229 -26.66 -7.41 44.28
C GLY C 229 -25.55 -7.98 45.17
N GLN C 230 -24.30 -7.74 44.78
CA GLN C 230 -23.15 -8.24 45.53
C GLN C 230 -22.48 -7.07 46.26
N ASP C 231 -22.06 -7.32 47.50
CA ASP C 231 -21.33 -6.37 48.31
C ASP C 231 -19.91 -6.93 48.51
N TRP C 232 -18.97 -6.43 47.70
CA TRP C 232 -17.67 -7.08 47.52
C TRP C 232 -16.55 -6.05 47.59
N PRO C 233 -15.29 -6.47 47.87
CA PRO C 233 -14.15 -5.57 47.80
C PRO C 233 -13.75 -5.31 46.35
N LEU C 234 -13.17 -4.14 46.10
CA LEU C 234 -12.70 -3.74 44.79
C LEU C 234 -11.22 -4.07 44.70
N MET C 235 -10.84 -4.91 43.73
CA MET C 235 -9.45 -5.29 43.58
C MET C 235 -9.03 -5.22 42.11
N CYS C 236 -7.94 -4.51 41.88
CA CYS C 236 -7.25 -4.48 40.60
C CYS C 236 -6.29 -5.67 40.51
N MET C 237 -6.72 -6.72 39.81
CA MET C 237 -6.02 -8.00 39.84
C MET C 237 -4.78 -7.93 38.94
N GLU C 238 -4.76 -6.97 38.02
CA GLU C 238 -3.56 -6.63 37.27
C GLU C 238 -3.47 -5.11 37.16
N PHE C 239 -2.60 -4.50 37.97
CA PHE C 239 -2.27 -3.10 37.78
C PHE C 239 -1.02 -3.03 36.89
N TRP C 240 -1.23 -2.75 35.60
CA TRP C 240 -0.15 -2.66 34.64
C TRP C 240 0.73 -1.46 34.98
N ASP C 241 1.85 -1.71 35.66
CA ASP C 241 2.74 -0.66 36.13
C ASP C 241 3.94 -0.52 35.19
N GLY C 242 3.81 -1.08 33.99
CA GLY C 242 4.78 -0.91 32.92
C GLY C 242 4.19 -1.43 31.61
N TRP C 243 5.03 -1.88 30.67
CA TRP C 243 4.52 -2.53 29.47
C TRP C 243 5.59 -3.40 28.81
N PHE C 244 5.13 -4.33 27.96
CA PHE C 244 5.99 -5.27 27.24
C PHE C 244 6.48 -4.63 25.95
N ASN C 245 7.55 -5.20 25.37
N ASN C 245 7.55 -5.20 25.37
CA ASN C 245 8.15 -4.68 24.15
CA ASN C 245 8.14 -4.68 24.15
C ASN C 245 8.10 -5.75 23.06
C ASN C 245 8.10 -5.75 23.06
N ARG C 246 8.16 -5.28 21.80
CA ARG C 246 8.15 -6.14 20.63
C ARG C 246 9.31 -5.77 19.72
N TRP C 247 9.80 -6.74 18.94
CA TRP C 247 10.89 -6.56 18.02
C TRP C 247 10.56 -5.47 17.01
N GLY C 248 11.43 -4.46 16.90
CA GLY C 248 11.31 -3.42 15.89
C GLY C 248 10.53 -2.21 16.37
N GLU C 249 10.02 -2.27 17.61
CA GLU C 249 9.28 -1.17 18.20
C GLU C 249 10.10 -0.60 19.37
N PRO C 250 10.10 0.74 19.57
CA PRO C 250 10.89 1.35 20.64
C PRO C 250 10.41 0.94 22.03
N ILE C 251 11.31 1.05 23.02
CA ILE C 251 11.03 0.68 24.40
C ILE C 251 10.05 1.70 24.98
N ILE C 252 9.06 1.20 25.74
CA ILE C 252 8.05 2.05 26.36
C ILE C 252 8.41 2.22 27.84
N ARG C 253 8.52 3.48 28.27
CA ARG C 253 8.96 3.82 29.62
C ARG C 253 7.88 4.68 30.30
N ARG C 254 7.45 4.26 31.49
CA ARG C 254 6.42 4.97 32.23
C ARG C 254 7.04 5.66 33.44
N ASP C 255 6.78 6.96 33.57
CA ASP C 255 7.40 7.79 34.60
C ASP C 255 7.17 7.17 35.98
N PRO C 256 8.24 6.98 36.79
CA PRO C 256 8.12 6.34 38.11
C PRO C 256 7.09 6.95 39.06
N ASP C 257 7.08 8.28 39.14
CA ASP C 257 6.29 8.99 40.15
C ASP C 257 4.82 8.97 39.77
N GLU C 258 4.51 9.20 38.49
CA GLU C 258 3.14 9.14 38.01
C GLU C 258 2.55 7.75 38.26
N THR C 259 3.38 6.72 38.08
CA THR C 259 2.95 5.34 38.30
C THR C 259 2.47 5.18 39.74
N ALA C 260 3.28 5.69 40.68
CA ALA C 260 2.96 5.66 42.10
C ALA C 260 1.63 6.37 42.36
N GLU C 261 1.44 7.56 41.76
CA GLU C 261 0.23 8.35 41.93
C GLU C 261 -1.00 7.58 41.45
N ASP C 262 -0.88 6.95 40.28
CA ASP C 262 -1.99 6.18 39.72
C ASP C 262 -2.29 4.99 40.62
N LEU C 263 -1.23 4.39 41.19
CA LEU C 263 -1.37 3.25 42.07
C LEU C 263 -1.98 3.67 43.40
N ARG C 264 -1.69 4.91 43.85
CA ARG C 264 -2.25 5.45 45.08
C ARG C 264 -3.77 5.34 45.08
N ALA C 265 -4.38 5.78 43.96
CA ALA C 265 -5.83 5.87 43.86
C ALA C 265 -6.48 4.49 43.93
N VAL C 266 -5.75 3.44 43.53
CA VAL C 266 -6.23 2.08 43.65
C VAL C 266 -6.24 1.69 45.14
N ILE C 267 -5.10 1.93 45.81
CA ILE C 267 -4.88 1.46 47.17
C ILE C 267 -5.85 2.13 48.14
N GLU C 268 -6.18 3.41 47.87
CA GLU C 268 -7.12 4.15 48.69
C GLU C 268 -8.48 3.44 48.74
N ARG C 269 -8.90 2.89 47.58
CA ARG C 269 -10.25 2.37 47.44
C ARG C 269 -10.30 0.85 47.54
N GLY C 270 -9.14 0.15 47.47
CA GLY C 270 -9.17 -1.29 47.63
C GLY C 270 -7.81 -1.97 47.43
N SER C 271 -7.87 -3.24 47.01
CA SER C 271 -6.72 -4.13 46.92
C SER C 271 -6.10 -4.05 45.52
N VAL C 272 -4.88 -4.57 45.37
CA VAL C 272 -4.14 -4.43 44.12
C VAL C 272 -3.12 -5.55 43.96
N ASN C 273 -2.84 -5.90 42.70
CA ASN C 273 -1.75 -6.80 42.33
C ASN C 273 -0.95 -6.15 41.20
N LEU C 274 0.34 -5.89 41.44
CA LEU C 274 1.19 -5.25 40.44
C LEU C 274 1.52 -6.25 39.34
N TYR C 275 1.21 -5.86 38.10
CA TYR C 275 1.62 -6.63 36.92
C TYR C 275 2.51 -5.75 36.04
N MET C 276 3.84 -5.94 36.08
CA MET C 276 4.55 -6.93 36.87
C MET C 276 5.25 -6.24 38.03
N PHE C 277 5.58 -7.00 39.08
CA PHE C 277 6.46 -6.49 40.12
C PHE C 277 7.91 -6.79 39.71
N HIS C 278 8.17 -8.04 39.35
CA HIS C 278 9.44 -8.45 38.75
C HIS C 278 9.12 -9.37 37.57
N GLY C 279 9.51 -8.93 36.37
CA GLY C 279 9.08 -9.56 35.14
C GLY C 279 10.01 -10.70 34.72
N GLY C 280 11.32 -10.45 34.79
CA GLY C 280 12.30 -11.46 34.46
C GLY C 280 12.42 -11.67 32.95
N THR C 281 12.58 -12.93 32.55
CA THR C 281 13.06 -13.27 31.21
C THR C 281 12.18 -14.35 30.60
N ASN C 282 11.91 -14.21 29.29
CA ASN C 282 11.29 -15.26 28.50
C ASN C 282 12.39 -16.16 27.96
N PHE C 283 12.80 -17.14 28.77
CA PHE C 283 13.86 -18.06 28.39
C PHE C 283 13.42 -18.88 27.18
N GLY C 284 14.39 -19.30 26.37
CA GLY C 284 14.14 -20.21 25.25
C GLY C 284 13.27 -19.57 24.17
N PHE C 285 12.15 -20.24 23.85
CA PHE C 285 11.28 -19.83 22.76
C PHE C 285 9.92 -19.38 23.29
N MET C 286 9.85 -18.99 24.57
CA MET C 286 8.56 -18.91 25.25
C MET C 286 7.97 -17.50 25.19
N ASN C 287 8.62 -16.58 24.47
CA ASN C 287 8.03 -15.26 24.22
C ASN C 287 6.64 -15.43 23.61
N GLY C 288 5.80 -14.41 23.82
CA GLY C 288 4.49 -14.35 23.21
C GLY C 288 4.51 -13.55 21.91
N THR C 289 3.31 -13.37 21.31
CA THR C 289 3.16 -12.65 20.06
C THR C 289 1.82 -11.93 20.04
N SER C 290 1.84 -10.66 19.64
CA SER C 290 0.62 -9.87 19.48
C SER C 290 0.13 -9.99 18.05
N ALA C 291 -1.15 -9.69 17.83
CA ALA C 291 -1.73 -9.65 16.51
C ALA C 291 -2.56 -8.38 16.34
N ARG C 292 -2.30 -7.67 15.23
CA ARG C 292 -3.15 -6.59 14.75
C ARG C 292 -3.83 -7.05 13.45
N LYS C 293 -5.15 -7.29 13.54
CA LYS C 293 -5.90 -7.92 12.47
C LYS C 293 -5.29 -9.29 12.18
N ASP C 294 -4.61 -9.44 11.03
CA ASP C 294 -4.06 -10.72 10.62
C ASP C 294 -2.53 -10.69 10.68
N HIS C 295 -1.95 -9.55 11.11
CA HIS C 295 -0.51 -9.37 11.15
C HIS C 295 0.02 -9.62 12.57
N ASP C 296 0.95 -10.57 12.69
CA ASP C 296 1.56 -10.95 13.96
C ASP C 296 2.76 -10.06 14.26
N LEU C 297 2.99 -9.81 15.57
CA LEU C 297 4.06 -8.96 16.05
C LEU C 297 4.72 -9.63 17.25
N PRO C 298 5.85 -10.35 17.09
CA PRO C 298 6.45 -11.08 18.20
C PRO C 298 7.05 -10.18 19.28
N GLN C 299 6.91 -10.63 20.54
CA GLN C 299 7.43 -9.91 21.70
C GLN C 299 8.87 -10.36 21.94
N VAL C 300 9.65 -9.52 22.64
CA VAL C 300 11.08 -9.73 22.79
C VAL C 300 11.36 -10.73 23.92
N THR C 301 12.64 -11.12 24.05
CA THR C 301 13.06 -12.09 25.04
C THR C 301 12.93 -11.50 26.44
N SER C 302 13.42 -10.27 26.64
CA SER C 302 13.34 -9.60 27.92
C SER C 302 11.87 -9.39 28.33
N TYR C 303 11.55 -9.72 29.59
CA TYR C 303 10.28 -9.33 30.18
C TYR C 303 10.56 -8.36 31.33
N ASP C 304 11.47 -7.41 31.08
CA ASP C 304 11.76 -6.36 32.03
C ASP C 304 10.44 -5.67 32.40
N TYR C 305 9.68 -5.28 31.38
CA TYR C 305 8.33 -4.76 31.52
C TYR C 305 8.35 -3.36 32.15
N ASP C 306 9.52 -2.74 32.25
CA ASP C 306 9.69 -1.49 32.98
C ASP C 306 9.07 -1.62 34.37
N ALA C 307 9.36 -2.75 35.04
CA ALA C 307 8.75 -3.08 36.31
C ALA C 307 9.57 -2.48 37.47
N PRO C 308 9.02 -2.45 38.71
CA PRO C 308 9.77 -2.03 39.89
C PRO C 308 11.13 -2.70 40.04
N LEU C 309 11.18 -4.02 39.82
CA LEU C 309 12.45 -4.71 39.65
C LEU C 309 12.73 -4.86 38.16
N ASN C 310 13.99 -4.59 37.77
CA ASN C 310 14.41 -4.78 36.39
C ASN C 310 14.55 -6.28 36.12
N GLU C 311 14.88 -6.65 34.88
CA GLU C 311 14.95 -8.04 34.47
C GLU C 311 15.84 -8.83 35.42
N GLN C 312 16.98 -8.22 35.80
CA GLN C 312 17.95 -8.85 36.69
C GLN C 312 17.35 -9.09 38.08
N GLY C 313 16.44 -8.22 38.52
CA GLY C 313 15.85 -8.32 39.84
C GLY C 313 16.23 -7.16 40.77
N ASN C 314 16.88 -6.13 40.21
CA ASN C 314 17.39 -5.01 41.00
C ASN C 314 16.36 -3.89 41.04
N PRO C 315 16.33 -3.09 42.13
CA PRO C 315 15.29 -2.07 42.30
C PRO C 315 15.52 -0.84 41.43
N THR C 316 14.43 -0.33 40.84
CA THR C 316 14.49 0.84 39.98
C THR C 316 13.87 2.04 40.70
N PRO C 317 14.10 3.27 40.21
CA PRO C 317 13.38 4.45 40.69
C PRO C 317 11.89 4.21 40.95
N LYS C 318 11.25 3.40 40.09
CA LYS C 318 9.83 3.09 40.24
C LYS C 318 9.58 2.34 41.54
N TYR C 319 10.49 1.43 41.91
CA TYR C 319 10.38 0.68 43.16
C TYR C 319 10.33 1.66 44.33
N PHE C 320 11.28 2.60 44.35
CA PHE C 320 11.45 3.52 45.46
C PHE C 320 10.27 4.49 45.56
N ALA C 321 9.76 4.93 44.39
CA ALA C 321 8.63 5.85 44.35
C ALA C 321 7.37 5.17 44.91
N ILE C 322 7.20 3.87 44.62
CA ILE C 322 6.08 3.09 45.10
C ILE C 322 6.25 2.81 46.59
N GLN C 323 7.49 2.58 47.03
CA GLN C 323 7.77 2.29 48.43
C GLN C 323 7.44 3.52 49.27
N LYS C 324 7.87 4.69 48.78
CA LYS C 324 7.61 5.98 49.40
C LYS C 324 6.10 6.22 49.48
N MET C 325 5.41 6.02 48.35
CA MET C 325 3.99 6.28 48.25
C MET C 325 3.22 5.42 49.26
N LEU C 326 3.58 4.14 49.37
CA LEU C 326 2.88 3.19 50.24
C LEU C 326 3.04 3.60 51.70
N HIS C 327 4.22 4.14 52.06
CA HIS C 327 4.49 4.52 53.44
C HIS C 327 3.74 5.79 53.80
N GLU C 328 3.38 6.60 52.79
CA GLU C 328 2.55 7.76 53.00
C GLU C 328 1.11 7.33 53.26
N VAL C 329 0.59 6.42 52.42
CA VAL C 329 -0.83 6.07 52.47
C VAL C 329 -1.09 5.08 53.60
N LEU C 330 -0.17 4.13 53.80
CA LEU C 330 -0.33 3.09 54.82
C LEU C 330 0.93 3.08 55.70
N PRO C 331 1.05 4.01 56.67
CA PRO C 331 2.30 4.18 57.43
C PRO C 331 2.70 3.04 58.36
N ASP C 332 1.75 2.16 58.73
CA ASP C 332 2.02 1.11 59.70
C ASP C 332 2.68 -0.10 59.06
N ILE C 333 2.61 -0.22 57.71
CA ILE C 333 3.20 -1.35 57.01
C ILE C 333 4.72 -1.29 57.14
N GLN C 334 5.31 -2.39 57.59
CA GLN C 334 6.74 -2.50 57.79
C GLN C 334 7.43 -2.61 56.42
N GLN C 335 8.54 -1.88 56.27
CA GLN C 335 9.32 -1.85 55.05
C GLN C 335 10.78 -2.14 55.37
N ALA C 336 11.59 -2.32 54.32
CA ALA C 336 13.02 -2.56 54.46
C ALA C 336 13.74 -2.06 53.20
N GLU C 337 15.07 -2.03 53.27
CA GLU C 337 15.89 -1.69 52.11
C GLU C 337 15.91 -2.88 51.16
N PRO C 338 15.73 -2.67 49.84
CA PRO C 338 15.80 -3.76 48.86
C PRO C 338 17.24 -4.24 48.64
N LEU C 339 17.37 -5.55 48.38
CA LEU C 339 18.66 -6.15 48.06
C LEU C 339 19.02 -5.81 46.61
N VAL C 340 20.33 -5.70 46.37
CA VAL C 340 20.88 -5.40 45.05
C VAL C 340 21.93 -6.46 44.74
N LYS C 341 21.80 -7.09 43.55
CA LYS C 341 22.75 -8.09 43.10
C LYS C 341 23.83 -7.43 42.25
N PRO C 342 25.09 -7.90 42.33
CA PRO C 342 26.16 -7.39 41.45
C PRO C 342 26.09 -7.98 40.04
N THR C 343 26.97 -7.47 39.17
CA THR C 343 27.10 -7.93 37.80
C THR C 343 28.55 -8.27 37.51
N LEU C 344 28.79 -9.27 36.65
CA LEU C 344 30.13 -9.57 36.17
C LEU C 344 30.77 -8.30 35.61
N ALA C 345 32.07 -8.13 35.83
CA ALA C 345 32.84 -7.11 35.14
C ALA C 345 32.85 -7.42 33.66
N PRO C 346 32.77 -6.42 32.77
CA PRO C 346 32.84 -6.65 31.32
C PRO C 346 34.05 -7.51 30.91
N ALA C 347 33.86 -8.30 29.86
CA ALA C 347 34.92 -9.17 29.36
C ALA C 347 34.59 -9.60 27.92
N GLU C 348 35.61 -10.07 27.20
CA GLU C 348 35.43 -10.55 25.84
C GLU C 348 36.08 -11.93 25.73
N HIS C 349 35.36 -12.87 25.11
CA HIS C 349 35.84 -14.25 25.03
C HIS C 349 36.01 -14.62 23.56
N PRO C 350 37.18 -15.17 23.15
CA PRO C 350 37.42 -15.51 21.75
C PRO C 350 36.60 -16.72 21.31
N LEU C 351 36.34 -16.80 20.00
CA LEU C 351 35.66 -17.93 19.39
C LEU C 351 36.52 -19.19 19.53
N THR C 352 35.93 -20.25 20.09
CA THR C 352 36.63 -21.51 20.28
C THR C 352 36.54 -22.35 19.02
N ALA C 353 35.32 -22.53 18.51
CA ALA C 353 35.06 -23.40 17.37
C ALA C 353 33.72 -23.02 16.74
N LYS C 354 33.49 -23.51 15.52
CA LYS C 354 32.26 -23.22 14.78
C LYS C 354 31.98 -24.33 13.77
N VAL C 355 30.69 -24.61 13.57
CA VAL C 355 30.24 -25.70 12.71
C VAL C 355 28.90 -25.31 12.09
N SER C 356 28.71 -25.69 10.82
CA SER C 356 27.49 -25.35 10.10
C SER C 356 26.37 -26.32 10.48
N LEU C 357 25.13 -25.81 10.46
CA LEU C 357 23.94 -26.60 10.73
C LEU C 357 23.88 -27.82 9.81
N PHE C 358 24.25 -27.65 8.52
CA PHE C 358 24.09 -28.70 7.53
C PHE C 358 25.03 -29.87 7.81
N ALA C 359 26.11 -29.63 8.56
CA ALA C 359 27.11 -30.65 8.82
C ALA C 359 26.74 -31.54 9.99
N VAL C 360 25.83 -31.09 10.86
CA VAL C 360 25.56 -31.77 12.12
C VAL C 360 24.07 -32.09 12.27
N LEU C 361 23.36 -32.16 11.15
CA LEU C 361 21.90 -32.25 11.14
C LEU C 361 21.42 -33.47 11.94
N ASP C 362 22.15 -34.59 11.84
CA ASP C 362 21.69 -35.85 12.40
C ASP C 362 22.00 -35.94 13.89
N GLN C 363 22.79 -35.00 14.43
CA GLN C 363 22.98 -34.89 15.86
C GLN C 363 21.85 -34.08 16.49
N LEU C 364 21.11 -33.33 15.67
CA LEU C 364 20.10 -32.39 16.15
C LEU C 364 18.71 -33.00 16.11
N ALA C 365 18.47 -33.95 15.19
CA ALA C 365 17.11 -34.42 14.94
C ALA C 365 17.12 -35.76 14.19
N LYS C 366 16.12 -36.60 14.52
CA LYS C 366 15.80 -37.77 13.74
C LYS C 366 14.82 -37.36 12.64
N PRO C 367 15.21 -37.41 11.36
CA PRO C 367 14.34 -36.97 10.27
C PRO C 367 13.12 -37.86 10.09
N VAL C 368 11.98 -37.22 9.79
CA VAL C 368 10.75 -37.93 9.46
C VAL C 368 10.54 -37.80 7.95
N ALA C 369 10.51 -38.94 7.27
CA ALA C 369 10.26 -38.99 5.84
C ALA C 369 8.76 -38.89 5.59
N ALA C 370 8.38 -38.13 4.56
CA ALA C 370 6.99 -38.01 4.17
C ALA C 370 6.91 -37.54 2.72
N ALA C 371 5.84 -37.94 2.04
CA ALA C 371 5.56 -37.51 0.68
C ALA C 371 5.30 -36.00 0.66
N TYR C 372 4.58 -35.52 1.68
CA TYR C 372 4.21 -34.12 1.77
C TYR C 372 4.41 -33.64 3.21
N PRO C 373 4.66 -32.32 3.42
CA PRO C 373 5.13 -31.82 4.70
C PRO C 373 4.01 -31.60 5.71
N GLN C 374 4.37 -31.70 7.00
CA GLN C 374 3.48 -31.38 8.10
C GLN C 374 4.11 -30.28 8.94
N THR C 375 3.29 -29.55 9.70
CA THR C 375 3.77 -28.55 10.64
C THR C 375 4.37 -29.26 11.84
N GLN C 376 5.18 -28.51 12.60
CA GLN C 376 6.09 -29.08 13.58
C GLN C 376 5.32 -29.82 14.67
N GLU C 377 4.09 -29.39 14.95
CA GLU C 377 3.28 -29.97 16.02
C GLU C 377 3.02 -31.46 15.74
N PHE C 378 2.83 -31.79 14.45
CA PHE C 378 2.56 -33.15 14.04
C PHE C 378 3.85 -33.98 13.97
N LEU C 379 5.01 -33.31 14.09
CA LEU C 379 6.29 -33.99 14.17
C LEU C 379 6.74 -34.14 15.61
N GLY C 380 5.93 -33.65 16.56
CA GLY C 380 6.23 -33.77 17.97
C GLY C 380 7.12 -32.64 18.47
N GLN C 381 7.22 -31.56 17.69
CA GLN C 381 8.01 -30.38 18.05
C GLN C 381 7.06 -29.22 18.34
N TYR C 382 7.26 -28.55 19.47
CA TYR C 382 6.30 -27.59 19.97
C TYR C 382 6.90 -26.20 20.07
N THR C 383 8.22 -26.07 19.84
CA THR C 383 8.89 -24.78 19.75
C THR C 383 10.09 -24.90 18.83
N GLY C 384 10.55 -23.76 18.29
CA GLY C 384 11.87 -23.68 17.70
C GLY C 384 11.88 -23.80 16.18
N TYR C 385 12.94 -24.43 15.66
CA TYR C 385 13.24 -24.42 14.24
C TYR C 385 12.97 -25.80 13.63
N THR C 386 12.44 -25.80 12.39
CA THR C 386 12.18 -27.02 11.65
C THR C 386 12.78 -26.89 10.25
N LEU C 387 13.64 -27.84 9.87
CA LEU C 387 14.25 -27.85 8.55
C LEU C 387 13.52 -28.88 7.68
N TYR C 388 13.05 -28.43 6.52
CA TYR C 388 12.47 -29.30 5.50
C TYR C 388 13.45 -29.44 4.35
N ARG C 389 13.70 -30.70 3.95
CA ARG C 389 14.66 -31.01 2.91
C ARG C 389 13.95 -31.77 1.79
N ALA C 390 14.17 -31.35 0.54
CA ALA C 390 13.66 -32.05 -0.62
C ALA C 390 14.75 -32.16 -1.68
N GLN C 391 14.50 -32.99 -2.70
CA GLN C 391 15.43 -33.18 -3.79
C GLN C 391 14.69 -32.92 -5.10
N PRO C 392 14.15 -31.70 -5.33
CA PRO C 392 13.34 -31.40 -6.51
C PRO C 392 14.12 -31.42 -7.81
N LEU C 393 13.46 -31.95 -8.86
CA LEU C 393 13.93 -31.89 -10.23
C LEU C 393 13.75 -30.46 -10.75
N ILE C 394 14.84 -29.86 -11.24
CA ILE C 394 14.78 -28.55 -11.86
C ILE C 394 14.95 -28.71 -13.36
N SER C 395 14.06 -28.08 -14.14
CA SER C 395 13.96 -28.30 -15.58
C SER C 395 13.32 -27.09 -16.26
N GLY C 396 13.36 -27.09 -17.59
CA GLY C 396 13.06 -25.91 -18.39
C GLY C 396 11.62 -25.40 -18.22
N THR C 397 11.45 -24.09 -18.39
CA THR C 397 10.20 -23.40 -18.10
C THR C 397 9.56 -22.94 -19.40
N ASP C 398 8.30 -22.49 -19.30
CA ASP C 398 7.52 -22.07 -20.45
C ASP C 398 8.27 -20.97 -21.21
N LYS C 399 8.69 -19.95 -20.48
CA LYS C 399 9.21 -18.72 -21.05
C LYS C 399 10.74 -18.78 -21.17
N GLY C 400 11.35 -19.86 -20.65
CA GLY C 400 12.79 -20.02 -20.69
C GLY C 400 13.49 -19.35 -19.52
N THR C 401 12.76 -18.51 -18.76
CA THR C 401 13.31 -17.80 -17.61
C THR C 401 13.55 -18.77 -16.46
N PRO C 402 14.28 -18.37 -15.39
CA PRO C 402 14.50 -19.24 -14.23
C PRO C 402 13.20 -19.75 -13.60
N ALA C 403 13.24 -21.00 -13.14
CA ALA C 403 12.09 -21.64 -12.52
C ALA C 403 11.82 -20.96 -11.16
N LYS C 404 10.53 -20.74 -10.87
CA LYS C 404 10.12 -20.02 -9.68
C LYS C 404 9.88 -21.03 -8.55
N LEU C 405 10.44 -20.71 -7.37
CA LEU C 405 10.16 -21.43 -6.15
C LEU C 405 9.17 -20.62 -5.33
N ARG C 406 8.14 -21.29 -4.81
CA ARG C 406 7.16 -20.64 -3.94
C ARG C 406 6.92 -21.56 -2.74
N VAL C 407 6.96 -20.98 -1.54
CA VAL C 407 6.59 -21.69 -0.32
C VAL C 407 5.13 -21.39 -0.03
N ILE C 408 4.29 -22.42 0.02
CA ILE C 408 2.85 -22.24 0.17
C ILE C 408 2.43 -22.56 1.60
N ASP C 409 1.98 -21.53 2.31
CA ASP C 409 1.34 -21.67 3.63
C ASP C 409 2.38 -22.15 4.64
N ALA C 410 3.24 -21.22 5.05
CA ALA C 410 4.25 -21.49 6.05
C ALA C 410 4.37 -20.30 7.00
N ARG C 411 4.82 -20.59 8.22
CA ARG C 411 4.98 -19.59 9.25
C ARG C 411 6.10 -20.04 10.19
N ASP C 412 6.89 -19.09 10.74
CA ASP C 412 6.69 -17.66 10.64
C ASP C 412 7.70 -17.03 9.68
N ARG C 413 8.89 -17.64 9.59
CA ARG C 413 9.99 -17.10 8.81
C ARG C 413 10.73 -18.27 8.16
N ILE C 414 10.96 -18.17 6.84
CA ILE C 414 11.60 -19.24 6.09
C ILE C 414 12.89 -18.73 5.46
N GLN C 415 13.92 -19.59 5.47
CA GLN C 415 15.15 -19.36 4.74
C GLN C 415 15.33 -20.50 3.74
N ALA C 416 15.57 -20.15 2.47
CA ALA C 416 15.64 -21.14 1.41
C ALA C 416 17.07 -21.26 0.89
N TYR C 417 17.52 -22.51 0.72
CA TYR C 417 18.84 -22.83 0.20
C TYR C 417 18.70 -23.88 -0.91
N LEU C 418 19.55 -23.74 -1.94
CA LEU C 418 19.72 -24.76 -2.97
C LEU C 418 21.17 -25.22 -2.97
N ASP C 419 21.38 -26.52 -2.78
CA ASP C 419 22.71 -27.10 -2.61
C ASP C 419 23.48 -26.36 -1.53
N GLN C 420 22.77 -26.02 -0.44
CA GLN C 420 23.35 -25.39 0.75
C GLN C 420 23.90 -24.00 0.43
N HIS C 421 23.32 -23.33 -0.57
CA HIS C 421 23.62 -21.93 -0.87
C HIS C 421 22.34 -21.11 -0.74
N TRP C 422 22.44 -19.98 -0.04
CA TRP C 422 21.30 -19.13 0.28
C TRP C 422 20.65 -18.59 -0.99
N LEU C 423 19.31 -18.64 -1.02
CA LEU C 423 18.50 -18.09 -2.10
C LEU C 423 17.70 -16.89 -1.62
N ALA C 424 17.01 -17.04 -0.48
CA ALA C 424 16.06 -16.03 -0.04
C ALA C 424 15.61 -16.26 1.41
N THR C 425 15.17 -15.17 2.03
CA THR C 425 14.60 -15.15 3.37
C THR C 425 13.26 -14.44 3.28
N GLN C 426 12.19 -15.08 3.80
CA GLN C 426 10.86 -14.51 3.72
C GLN C 426 10.22 -14.53 5.10
N TYR C 427 9.68 -13.37 5.51
CA TYR C 427 9.02 -13.22 6.80
C TYR C 427 7.52 -13.02 6.61
N GLN C 428 6.74 -13.87 7.30
CA GLN C 428 5.29 -13.76 7.42
C GLN C 428 4.66 -13.55 6.05
N GLU C 429 4.15 -12.35 5.76
CA GLU C 429 3.30 -12.09 4.60
C GLU C 429 4.08 -12.28 3.29
N ALA C 430 5.39 -12.07 3.33
CA ALA C 430 6.24 -12.18 2.15
C ALA C 430 6.38 -13.64 1.73
N ILE C 431 6.22 -14.58 2.65
CA ILE C 431 6.26 -16.01 2.35
C ILE C 431 5.21 -16.30 1.29
N GLY C 432 5.64 -16.90 0.18
CA GLY C 432 4.79 -17.16 -0.96
C GLY C 432 5.19 -16.35 -2.20
N ASP C 433 6.01 -15.31 -1.98
CA ASP C 433 6.57 -14.54 -3.08
C ASP C 433 7.57 -15.40 -3.86
N ASP C 434 7.74 -15.09 -5.14
CA ASP C 434 8.56 -15.89 -6.04
C ASP C 434 10.02 -15.80 -5.62
N ILE C 435 10.68 -16.97 -5.59
CA ILE C 435 12.11 -17.08 -5.39
C ILE C 435 12.70 -17.70 -6.66
N LEU C 436 13.62 -16.97 -7.32
CA LEU C 436 14.19 -17.42 -8.58
C LEU C 436 15.26 -18.47 -8.31
N LEU C 437 15.07 -19.66 -8.88
CA LEU C 437 16.04 -20.74 -8.72
C LEU C 437 17.21 -20.53 -9.68
N PRO C 438 18.43 -20.97 -9.30
CA PRO C 438 19.55 -21.03 -10.25
C PRO C 438 19.18 -21.79 -11.51
N GLN C 439 19.69 -21.31 -12.65
CA GLN C 439 19.38 -21.90 -13.94
C GLN C 439 20.25 -23.13 -14.10
N VAL C 440 19.77 -24.27 -13.58
CA VAL C 440 20.54 -25.50 -13.50
C VAL C 440 19.68 -26.65 -13.99
N GLU C 441 20.16 -27.90 -13.85
CA GLU C 441 19.50 -29.06 -14.43
C GLU C 441 19.62 -30.23 -13.45
N GLY C 442 18.62 -31.12 -13.49
CA GLY C 442 18.62 -32.34 -12.71
C GLY C 442 18.06 -32.12 -11.30
N HIS C 443 18.27 -33.12 -10.43
CA HIS C 443 17.85 -33.06 -9.05
C HIS C 443 18.86 -32.24 -8.24
N HIS C 444 18.34 -31.48 -7.27
CA HIS C 444 19.16 -30.62 -6.43
C HIS C 444 18.58 -30.60 -5.02
N GLN C 445 19.43 -30.31 -4.03
CA GLN C 445 19.02 -30.32 -2.63
C GLN C 445 18.40 -28.97 -2.28
N LEU C 446 17.10 -28.99 -1.92
CA LEU C 446 16.40 -27.82 -1.45
C LEU C 446 16.27 -27.89 0.07
N ASP C 447 16.73 -26.85 0.76
CA ASP C 447 16.64 -26.78 2.21
C ASP C 447 15.81 -25.55 2.59
N LEU C 448 14.81 -25.77 3.46
CA LEU C 448 13.99 -24.68 3.98
C LEU C 448 14.02 -24.73 5.50
N LEU C 449 14.75 -23.79 6.11
CA LEU C 449 14.79 -23.66 7.56
C LEU C 449 13.67 -22.73 7.98
N VAL C 450 12.72 -23.26 8.76
CA VAL C 450 11.52 -22.53 9.15
C VAL C 450 11.59 -22.25 10.65
N GLU C 451 11.36 -20.99 11.03
CA GLU C 451 11.42 -20.61 12.44
C GLU C 451 10.00 -20.32 12.94
N ASN C 452 9.66 -20.97 14.06
CA ASN C 452 8.52 -20.60 14.89
C ASN C 452 8.96 -19.45 15.79
N MET C 453 8.35 -18.28 15.58
CA MET C 453 8.70 -17.08 16.34
C MET C 453 7.69 -16.84 17.45
N SER C 454 6.75 -17.79 17.60
CA SER C 454 5.88 -17.98 18.74
C SER C 454 4.43 -17.72 18.34
N ARG C 455 3.51 -18.44 19.00
CA ARG C 455 2.11 -18.41 18.64
C ARG C 455 1.42 -17.27 19.39
N VAL C 456 0.43 -16.67 18.73
CA VAL C 456 -0.29 -15.53 19.26
C VAL C 456 -0.91 -15.92 20.61
N ASN C 457 -0.85 -14.99 21.57
CA ASN C 457 -1.20 -15.29 22.94
C ASN C 457 -2.45 -14.53 23.40
N TYR C 458 -3.07 -13.77 22.49
CA TYR C 458 -4.24 -12.97 22.84
C TYR C 458 -5.07 -12.63 21.61
N GLY C 459 -6.39 -12.77 21.74
CA GLY C 459 -7.33 -12.17 20.80
C GLY C 459 -7.85 -13.15 19.77
N ALA C 460 -8.23 -12.60 18.61
CA ALA C 460 -8.98 -13.33 17.60
C ALA C 460 -8.16 -14.49 17.02
N LYS C 461 -6.83 -14.37 17.05
CA LYS C 461 -5.98 -15.28 16.27
C LYS C 461 -5.45 -16.43 17.13
N ILE C 462 -5.97 -16.60 18.35
CA ILE C 462 -5.49 -17.68 19.20
C ILE C 462 -5.66 -19.02 18.49
N GLU C 463 -6.72 -19.14 17.66
CA GLU C 463 -6.96 -20.36 16.91
C GLU C 463 -6.81 -20.11 15.39
N ALA C 464 -6.00 -19.12 15.01
CA ALA C 464 -5.80 -18.84 13.60
C ALA C 464 -5.00 -19.97 12.97
N ILE C 465 -5.20 -20.15 11.65
CA ILE C 465 -4.53 -21.21 10.91
C ILE C 465 -3.01 -20.97 10.91
N THR C 466 -2.60 -19.71 11.15
CA THR C 466 -1.20 -19.35 11.23
C THR C 466 -0.56 -19.78 12.56
N GLN C 467 -1.34 -20.32 13.49
CA GLN C 467 -0.79 -20.80 14.75
C GLN C 467 -0.01 -22.10 14.52
N PHE C 468 -0.27 -22.77 13.39
CA PHE C 468 0.53 -23.91 12.97
C PHE C 468 1.85 -23.41 12.36
N LYS C 469 2.98 -23.95 12.86
CA LYS C 469 4.29 -23.43 12.49
C LYS C 469 5.07 -24.50 11.75
N GLY C 470 5.75 -24.08 10.67
CA GLY C 470 6.33 -24.99 9.70
C GLY C 470 5.68 -24.78 8.35
N ILE C 471 5.77 -25.79 7.47
CA ILE C 471 5.14 -25.73 6.16
C ILE C 471 3.86 -26.57 6.22
N ARG C 472 2.72 -25.93 5.91
CA ARG C 472 1.42 -26.54 6.06
C ARG C 472 0.95 -27.16 4.75
N THR C 473 1.11 -26.43 3.63
CA THR C 473 0.58 -26.90 2.37
C THR C 473 1.68 -27.56 1.53
N GLY C 474 2.72 -26.79 1.13
CA GLY C 474 3.80 -27.37 0.36
C GLY C 474 4.71 -26.34 -0.29
N VAL C 475 5.56 -26.83 -1.19
CA VAL C 475 6.53 -26.02 -1.91
C VAL C 475 6.35 -26.30 -3.40
N MET C 476 6.35 -25.23 -4.21
CA MET C 476 6.15 -25.33 -5.65
C MET C 476 7.45 -25.01 -6.38
N VAL C 477 7.75 -25.82 -7.40
CA VAL C 477 8.77 -25.50 -8.39
C VAL C 477 8.06 -25.36 -9.73
N ASP C 478 8.25 -24.22 -10.40
CA ASP C 478 7.46 -23.87 -11.56
C ASP C 478 5.99 -23.93 -11.15
N LEU C 479 5.19 -24.84 -11.74
CA LEU C 479 3.75 -24.82 -11.51
C LEU C 479 3.31 -26.00 -10.63
N HIS C 480 4.26 -26.82 -10.15
CA HIS C 480 3.89 -28.06 -9.47
C HIS C 480 4.42 -28.08 -8.04
N PHE C 481 3.60 -28.64 -7.14
CA PHE C 481 4.05 -28.99 -5.80
C PHE C 481 5.00 -30.18 -5.88
N ILE C 482 6.10 -30.12 -5.13
CA ILE C 482 7.07 -31.19 -5.12
C ILE C 482 6.65 -32.28 -4.13
N LYS C 483 7.16 -33.50 -4.36
CA LYS C 483 6.90 -34.65 -3.49
C LYS C 483 8.24 -35.17 -2.98
N GLY C 484 8.26 -35.60 -1.71
CA GLY C 484 9.44 -36.19 -1.11
C GLY C 484 10.18 -35.20 -0.21
N TYR C 485 9.93 -35.29 1.10
CA TYR C 485 10.56 -34.44 2.08
C TYR C 485 11.24 -35.29 3.15
N GLN C 486 12.38 -34.79 3.65
CA GLN C 486 12.90 -35.18 4.96
C GLN C 486 12.68 -34.00 5.90
N GLN C 487 12.05 -34.28 7.05
CA GLN C 487 11.62 -33.24 7.98
C GLN C 487 12.42 -33.37 9.28
N TYR C 488 13.22 -32.34 9.58
CA TYR C 488 14.10 -32.35 10.74
C TYR C 488 13.55 -31.45 11.83
N PRO C 489 12.92 -31.99 12.89
CA PRO C 489 12.57 -31.20 14.07
C PRO C 489 13.79 -30.97 14.96
N LEU C 490 14.41 -29.80 14.83
CA LEU C 490 15.70 -29.54 15.45
C LEU C 490 15.54 -29.36 16.96
N ASP C 491 16.35 -30.10 17.73
CA ASP C 491 16.48 -29.90 19.16
C ASP C 491 17.83 -29.25 19.44
N LEU C 492 17.82 -27.92 19.59
CA LEU C 492 19.03 -27.15 19.81
C LEU C 492 19.64 -27.42 21.19
N ASN C 493 18.88 -28.09 22.08
CA ASN C 493 19.42 -28.45 23.39
C ASN C 493 20.47 -29.55 23.24
N GLN C 494 20.64 -30.07 22.01
CA GLN C 494 21.72 -31.00 21.71
C GLN C 494 23.00 -30.27 21.34
N ALA C 495 22.97 -28.93 21.33
CA ALA C 495 24.07 -28.12 20.82
C ALA C 495 25.39 -28.46 21.51
N PRO C 496 25.45 -28.67 22.85
CA PRO C 496 26.70 -29.01 23.51
C PRO C 496 27.32 -30.35 23.12
N GLU C 497 26.53 -31.23 22.50
CA GLU C 497 26.99 -32.56 22.09
C GLU C 497 27.55 -32.52 20.67
N LEU C 498 27.42 -31.39 19.98
CA LEU C 498 27.81 -31.29 18.58
C LEU C 498 29.32 -31.48 18.44
N ASP C 499 29.73 -32.04 17.30
CA ASP C 499 31.13 -32.17 16.93
C ASP C 499 31.52 -30.94 16.11
N PHE C 500 32.21 -29.99 16.76
CA PHE C 500 32.54 -28.69 16.17
C PHE C 500 33.77 -28.79 15.27
N SER C 501 34.47 -29.93 15.29
CA SER C 501 35.60 -30.15 14.40
C SER C 501 35.14 -30.37 12.96
N LYS C 502 33.82 -30.52 12.74
CA LYS C 502 33.26 -30.64 11.41
C LYS C 502 33.21 -29.24 10.76
N ASP C 503 32.93 -29.23 9.47
CA ASP C 503 33.22 -28.11 8.60
C ASP C 503 32.24 -26.95 8.85
N TRP C 504 32.73 -25.74 8.58
CA TRP C 504 31.91 -24.54 8.59
C TRP C 504 31.94 -23.89 7.21
N GLN C 505 30.81 -23.27 6.84
CA GLN C 505 30.66 -22.59 5.56
C GLN C 505 30.05 -21.22 5.81
N PRO C 506 30.46 -20.18 5.03
CA PRO C 506 29.89 -18.84 5.20
C PRO C 506 28.46 -18.77 4.65
N GLU C 507 27.74 -17.73 5.09
CA GLU C 507 26.39 -17.46 4.63
C GLU C 507 25.53 -18.71 4.82
N THR C 508 25.40 -19.14 6.08
CA THR C 508 24.86 -20.44 6.43
C THR C 508 24.51 -20.46 7.91
N PRO C 509 23.36 -21.07 8.32
CA PRO C 509 23.09 -21.29 9.74
C PRO C 509 24.22 -22.09 10.37
N ALA C 510 24.69 -21.66 11.55
CA ALA C 510 25.82 -22.31 12.17
C ALA C 510 25.77 -22.15 13.69
N PHE C 511 26.54 -23.00 14.38
CA PHE C 511 26.75 -22.89 15.80
C PHE C 511 28.15 -22.33 16.05
N TYR C 512 28.27 -21.44 17.05
CA TYR C 512 29.53 -20.80 17.41
C TYR C 512 29.74 -20.96 18.91
N LYS C 513 30.85 -21.62 19.28
CA LYS C 513 31.13 -21.95 20.67
C LYS C 513 32.13 -20.95 21.22
N TYR C 514 31.82 -20.42 22.41
CA TYR C 514 32.74 -19.60 23.17
C TYR C 514 32.94 -20.25 24.53
N THR C 515 34.09 -20.90 24.70
CA THR C 515 34.48 -21.56 25.95
C THR C 515 35.43 -20.64 26.69
N PHE C 516 35.21 -20.48 28.01
CA PHE C 516 35.87 -19.45 28.78
C PHE C 516 35.78 -19.80 30.26
N ASP C 517 36.75 -19.28 31.04
CA ASP C 517 36.85 -19.58 32.46
C ASP C 517 36.33 -18.39 33.26
N LEU C 518 35.64 -18.71 34.37
CA LEU C 518 35.18 -17.72 35.34
C LEU C 518 35.68 -18.10 36.72
N THR C 519 36.15 -17.09 37.47
CA THR C 519 36.66 -17.28 38.82
C THR C 519 35.47 -17.37 39.79
N GLU C 520 34.46 -16.52 39.58
CA GLU C 520 33.26 -16.51 40.41
C GLU C 520 32.07 -16.13 39.54
N PRO C 521 30.96 -16.91 39.55
CA PRO C 521 29.78 -16.58 38.76
C PRO C 521 28.95 -15.42 39.31
N HIS C 522 28.55 -14.50 38.43
CA HIS C 522 27.64 -13.40 38.75
C HIS C 522 26.67 -13.22 37.59
N ASP C 523 25.61 -12.45 37.83
CA ASP C 523 24.67 -12.05 36.79
C ASP C 523 25.44 -11.30 35.71
N THR C 524 25.00 -11.42 34.45
CA THR C 524 25.70 -10.80 33.33
C THR C 524 24.75 -10.64 32.13
N TYR C 525 25.23 -9.89 31.13
CA TYR C 525 24.50 -9.65 29.88
C TYR C 525 25.39 -10.08 28.72
N LEU C 526 24.82 -10.90 27.82
CA LEU C 526 25.50 -11.26 26.58
C LEU C 526 25.23 -10.19 25.53
N ASP C 527 26.32 -9.65 24.95
CA ASP C 527 26.23 -8.65 23.90
C ASP C 527 25.99 -9.38 22.58
N CYS C 528 24.87 -9.07 21.92
CA CYS C 528 24.44 -9.78 20.73
C CYS C 528 24.74 -8.97 19.46
N ARG C 529 25.39 -7.81 19.63
CA ARG C 529 25.78 -6.97 18.51
C ARG C 529 26.87 -7.73 17.73
N GLY C 530 26.78 -7.69 16.41
CA GLY C 530 27.67 -8.48 15.57
C GLY C 530 27.11 -9.85 15.21
N PHE C 531 25.99 -10.25 15.84
CA PHE C 531 25.26 -11.44 15.41
C PHE C 531 23.97 -11.02 14.71
N GLY C 532 23.50 -11.84 13.77
CA GLY C 532 22.34 -11.49 12.95
C GLY C 532 21.02 -11.80 13.67
N LYS C 533 20.75 -13.10 13.81
CA LYS C 533 19.51 -13.57 14.44
C LYS C 533 19.70 -15.02 14.90
N GLY C 534 19.04 -15.38 16.01
CA GLY C 534 19.08 -16.75 16.51
C GLY C 534 18.85 -16.83 18.01
N VAL C 535 19.49 -17.82 18.67
CA VAL C 535 19.40 -18.01 20.10
C VAL C 535 20.79 -18.29 20.67
N MET C 536 20.93 -18.15 22.00
CA MET C 536 22.19 -18.44 22.68
C MET C 536 21.92 -19.40 23.84
N LEU C 537 22.77 -20.42 23.97
CA LEU C 537 22.67 -21.42 25.03
C LEU C 537 23.86 -21.28 25.99
N VAL C 538 23.56 -21.12 27.28
CA VAL C 538 24.58 -20.99 28.32
C VAL C 538 24.62 -22.28 29.13
N ASN C 539 25.75 -23.00 29.02
CA ASN C 539 25.95 -24.28 29.68
C ASN C 539 24.76 -25.20 29.41
N GLY C 540 24.31 -25.20 28.15
CA GLY C 540 23.31 -26.14 27.68
C GLY C 540 21.86 -25.61 27.80
N VAL C 541 21.70 -24.35 28.27
CA VAL C 541 20.38 -23.80 28.54
C VAL C 541 20.13 -22.60 27.63
N ASN C 542 19.05 -22.68 26.83
CA ASN C 542 18.68 -21.65 25.88
C ASN C 542 18.10 -20.45 26.63
N VAL C 543 18.83 -19.32 26.63
CA VAL C 543 18.44 -18.17 27.43
C VAL C 543 17.60 -17.18 26.60
N GLY C 544 17.40 -17.48 25.32
CA GLY C 544 16.40 -16.76 24.54
C GLY C 544 16.93 -16.30 23.18
N ARG C 545 16.11 -15.50 22.49
CA ARG C 545 16.34 -15.10 21.11
C ARG C 545 17.09 -13.77 21.08
N PHE C 546 17.84 -13.55 19.99
CA PHE C 546 18.41 -12.24 19.68
C PHE C 546 18.12 -11.91 18.23
N TRP C 547 18.17 -10.61 17.91
CA TRP C 547 17.88 -10.11 16.58
C TRP C 547 18.47 -8.70 16.46
N GLU C 548 19.28 -8.48 15.41
CA GLU C 548 19.87 -7.18 15.14
C GLU C 548 18.80 -6.10 15.00
N LYS C 549 17.57 -6.49 14.66
CA LYS C 549 16.46 -5.58 14.48
C LYS C 549 16.27 -4.67 15.71
N GLY C 550 16.41 -5.24 16.91
CA GLY C 550 16.33 -4.48 18.14
C GLY C 550 14.89 -4.33 18.64
N PRO C 551 14.62 -3.52 19.69
CA PRO C 551 15.62 -2.65 20.31
C PRO C 551 16.56 -3.31 21.32
N THR C 552 16.17 -4.47 21.87
CA THR C 552 17.02 -5.23 22.76
C THR C 552 18.15 -5.89 21.98
N LEU C 553 19.40 -5.61 22.38
CA LEU C 553 20.58 -6.12 21.71
C LEU C 553 21.47 -6.90 22.67
N SER C 554 20.88 -7.48 23.71
CA SER C 554 21.60 -8.32 24.65
C SER C 554 20.67 -9.37 25.24
N LEU C 555 21.25 -10.32 25.97
CA LEU C 555 20.52 -11.37 26.65
C LEU C 555 20.98 -11.43 28.10
N TYR C 556 20.03 -11.29 29.03
CA TYR C 556 20.33 -11.44 30.44
C TYR C 556 20.67 -12.91 30.73
N VAL C 557 21.70 -13.11 31.56
CA VAL C 557 22.10 -14.43 32.00
C VAL C 557 22.27 -14.41 33.52
N PRO C 558 21.41 -15.11 34.29
CA PRO C 558 21.53 -15.12 35.75
C PRO C 558 22.77 -15.89 36.19
N ALA C 559 23.23 -15.60 37.42
CA ALA C 559 24.43 -16.22 37.97
C ALA C 559 24.25 -17.73 38.07
N GLY C 560 23.02 -18.15 38.38
CA GLY C 560 22.68 -19.56 38.60
C GLY C 560 22.96 -20.46 37.39
N LEU C 561 23.01 -19.87 36.18
CA LEU C 561 23.31 -20.62 34.98
C LEU C 561 24.82 -20.74 34.75
N LEU C 562 25.62 -20.07 35.59
CA LEU C 562 27.06 -20.05 35.46
C LEU C 562 27.67 -20.77 36.66
N HIS C 563 28.96 -21.13 36.53
CA HIS C 563 29.70 -21.73 37.63
C HIS C 563 31.16 -21.32 37.55
N ALA C 564 31.85 -21.46 38.69
CA ALA C 564 33.30 -21.28 38.75
C ALA C 564 33.94 -22.38 37.93
N GLY C 565 34.96 -22.00 37.13
CA GLY C 565 35.59 -22.94 36.21
C GLY C 565 35.21 -22.64 34.75
N GLN C 566 35.12 -23.72 33.96
CA GLN C 566 35.03 -23.62 32.52
C GLN C 566 33.56 -23.57 32.10
N ASN C 567 33.15 -22.43 31.54
CA ASN C 567 31.79 -22.22 31.09
C ASN C 567 31.75 -22.27 29.57
N GLU C 568 30.54 -22.34 29.00
CA GLU C 568 30.38 -22.52 27.57
C GLU C 568 29.12 -21.81 27.10
N VAL C 569 29.29 -20.91 26.12
CA VAL C 569 28.17 -20.31 25.41
C VAL C 569 28.20 -20.81 23.98
N ILE C 570 27.04 -21.27 23.48
CA ILE C 570 26.88 -21.68 22.11
C ILE C 570 25.82 -20.80 21.46
N VAL C 571 26.20 -20.14 20.37
CA VAL C 571 25.29 -19.30 19.60
C VAL C 571 24.83 -20.07 18.37
N PHE C 572 23.50 -20.20 18.22
CA PHE C 572 22.92 -20.61 16.95
C PHE C 572 22.47 -19.37 16.20
N GLU C 573 23.01 -19.18 15.01
CA GLU C 573 22.83 -17.94 14.26
C GLU C 573 22.50 -18.31 12.81
N THR C 574 21.50 -17.63 12.23
CA THR C 574 20.85 -18.10 11.02
C THR C 574 21.15 -17.20 9.81
N GLU C 575 21.61 -15.96 10.03
CA GLU C 575 21.74 -14.98 8.96
C GLU C 575 23.13 -15.02 8.34
N GLY C 576 24.11 -15.58 9.06
CA GLY C 576 25.49 -15.65 8.59
C GLY C 576 26.37 -14.52 9.12
N ARG C 577 25.86 -13.77 10.11
CA ARG C 577 26.59 -12.67 10.73
C ARG C 577 26.92 -13.08 12.17
N TYR C 578 28.22 -13.08 12.50
CA TYR C 578 28.68 -13.53 13.81
C TYR C 578 29.90 -12.71 14.24
N ALA C 579 30.23 -12.79 15.54
CA ALA C 579 31.34 -12.04 16.11
C ALA C 579 32.50 -12.97 16.44
N GLU C 580 33.73 -12.48 16.21
CA GLU C 580 34.94 -13.22 16.50
C GLU C 580 35.14 -13.38 18.00
N SER C 581 34.51 -12.50 18.79
CA SER C 581 34.56 -12.63 20.23
C SER C 581 33.22 -12.28 20.85
N LEU C 582 32.78 -13.12 21.79
CA LEU C 582 31.55 -12.90 22.54
C LEU C 582 31.84 -11.96 23.71
N LYS C 583 31.19 -10.78 23.70
CA LYS C 583 31.38 -9.77 24.72
C LYS C 583 30.29 -9.90 25.78
N MET C 584 30.69 -9.78 27.05
CA MET C 584 29.77 -9.81 28.16
C MET C 584 29.83 -8.46 28.87
N ALA C 585 28.66 -7.83 29.04
CA ALA C 585 28.57 -6.46 29.52
C ALA C 585 27.85 -6.42 30.85
N ASP C 586 27.99 -5.29 31.58
CA ASP C 586 27.49 -5.16 32.94
C ASP C 586 26.14 -4.44 32.97
N HIS C 587 25.60 -4.13 31.78
CA HIS C 587 24.30 -3.47 31.64
C HIS C 587 23.63 -4.01 30.39
N PRO C 588 22.27 -3.92 30.27
CA PRO C 588 21.59 -4.32 29.04
C PRO C 588 21.84 -3.33 27.91
N ILE C 589 22.17 -3.85 26.72
CA ILE C 589 22.48 -3.03 25.57
C ILE C 589 21.20 -2.80 24.76
N PHE C 590 21.03 -1.58 24.26
CA PHE C 590 19.88 -1.21 23.46
C PHE C 590 20.33 -0.43 22.22
N GLU C 591 19.53 -0.54 21.16
CA GLU C 591 19.67 0.27 19.98
C GLU C 591 18.28 0.74 19.53
N GLU C 592 18.24 1.85 18.80
CA GLU C 592 17.01 2.34 18.21
C GLU C 592 16.74 1.54 16.93
N PRO C 593 15.53 0.96 16.78
CA PRO C 593 15.20 0.14 15.61
C PRO C 593 14.87 0.97 14.37
N THR D 2 39.20 40.70 28.07
CA THR D 2 39.40 39.26 27.75
C THR D 2 39.89 39.11 26.31
N THR D 3 40.84 38.19 26.11
CA THR D 3 41.36 37.83 24.80
C THR D 3 40.95 36.40 24.48
N PHE D 4 40.71 36.13 23.19
CA PHE D 4 40.38 34.77 22.73
C PHE D 4 40.96 34.54 21.34
N SER D 5 41.69 33.43 21.18
CA SER D 5 42.18 32.98 19.87
C SER D 5 42.26 31.45 19.85
N ILE D 6 42.55 30.90 18.66
CA ILE D 6 42.55 29.46 18.46
C ILE D 6 43.94 29.00 18.03
N GLU D 7 44.56 28.14 18.87
CA GLU D 7 45.83 27.47 18.56
C GLU D 7 45.61 25.97 18.78
N HIS D 8 46.57 25.27 19.39
CA HIS D 8 46.39 23.87 19.74
C HIS D 8 45.19 23.73 20.69
N ASP D 9 45.13 24.61 21.68
CA ASP D 9 43.95 24.77 22.52
C ASP D 9 43.29 26.10 22.18
N PHE D 10 42.06 26.27 22.67
CA PHE D 10 41.48 27.60 22.80
C PHE D 10 42.36 28.37 23.78
N MET D 11 42.71 29.60 23.40
CA MET D 11 43.54 30.43 24.26
C MET D 11 42.69 31.58 24.77
N LEU D 12 42.40 31.55 26.08
CA LEU D 12 41.67 32.60 26.77
C LEU D 12 42.62 33.32 27.72
N ASP D 13 42.90 34.59 27.43
CA ASP D 13 43.85 35.40 28.18
C ASP D 13 45.22 34.73 28.17
N GLY D 14 45.60 34.19 27.00
CA GLY D 14 46.92 33.62 26.78
C GLY D 14 47.05 32.17 27.25
N LYS D 15 46.04 31.66 27.95
CA LYS D 15 46.13 30.38 28.65
C LYS D 15 45.21 29.36 27.99
N PRO D 16 45.64 28.07 27.89
CA PRO D 16 44.75 27.00 27.43
C PRO D 16 43.40 26.97 28.14
N PHE D 17 42.31 26.93 27.36
CA PHE D 17 40.97 27.01 27.90
C PHE D 17 40.11 25.89 27.34
N LYS D 18 39.30 25.27 28.22
CA LYS D 18 38.31 24.31 27.79
C LYS D 18 36.92 24.94 27.86
N ILE D 19 36.25 25.02 26.71
CA ILE D 19 34.90 25.57 26.65
C ILE D 19 33.93 24.49 27.11
N LEU D 20 33.17 24.82 28.15
CA LEU D 20 32.03 24.02 28.59
C LEU D 20 30.76 24.86 28.40
N SER D 21 30.06 24.60 27.28
CA SER D 21 28.96 25.44 26.85
C SER D 21 27.64 24.67 26.96
N GLY D 22 26.54 25.45 27.03
CA GLY D 22 25.18 24.91 27.04
C GLY D 22 24.26 25.78 26.20
N ALA D 23 23.44 25.13 25.35
CA ALA D 23 22.58 25.83 24.42
C ALA D 23 21.31 26.28 25.14
N ILE D 24 21.08 27.60 25.09
CA ILE D 24 19.83 28.19 25.57
C ILE D 24 19.39 29.16 24.48
N HIS D 25 18.22 28.90 23.90
CA HIS D 25 17.69 29.76 22.87
C HIS D 25 16.82 30.81 23.56
N TYR D 26 17.33 32.04 23.59
CA TYR D 26 16.65 33.15 24.24
C TYR D 26 15.22 33.27 23.70
N PHE D 27 15.04 32.98 22.41
CA PHE D 27 13.77 33.18 21.74
C PHE D 27 12.76 32.09 22.10
N ARG D 28 13.20 31.05 22.83
CA ARG D 28 12.34 29.95 23.24
C ARG D 28 12.06 29.97 24.75
N VAL D 29 12.44 31.07 25.43
CA VAL D 29 12.32 31.17 26.88
C VAL D 29 11.89 32.61 27.21
N HIS D 30 10.88 32.76 28.08
CA HIS D 30 10.41 34.09 28.46
C HIS D 30 11.57 34.84 29.11
N PRO D 31 11.80 36.13 28.76
CA PRO D 31 12.95 36.87 29.29
C PRO D 31 13.00 37.00 30.81
N ASP D 32 11.84 36.87 31.47
CA ASP D 32 11.78 36.86 32.93
C ASP D 32 12.55 35.66 33.49
N ASP D 33 12.71 34.59 32.71
CA ASP D 33 13.32 33.36 33.19
C ASP D 33 14.73 33.16 32.64
N TRP D 34 15.29 34.17 31.95
CA TRP D 34 16.64 34.08 31.42
C TRP D 34 17.67 33.92 32.54
N TYR D 35 17.59 34.79 33.56
CA TYR D 35 18.49 34.74 34.69
C TYR D 35 18.48 33.34 35.29
N HIS D 36 17.28 32.82 35.53
CA HIS D 36 17.08 31.50 36.11
C HIS D 36 17.89 30.46 35.33
N SER D 37 17.64 30.34 34.03
CA SER D 37 18.25 29.31 33.21
C SER D 37 19.77 29.48 33.15
N LEU D 38 20.22 30.73 32.97
CA LEU D 38 21.64 31.01 32.90
C LEU D 38 22.31 30.68 34.23
N TYR D 39 21.69 31.07 35.34
CA TYR D 39 22.20 30.74 36.66
C TYR D 39 22.41 29.23 36.77
N ASN D 40 21.43 28.45 36.33
CA ASN D 40 21.48 27.00 36.44
C ASN D 40 22.59 26.45 35.54
N LEU D 41 22.94 27.16 34.46
CA LEU D 41 24.04 26.79 33.62
C LEU D 41 25.37 27.01 34.36
N LYS D 42 25.47 28.13 35.09
CA LYS D 42 26.65 28.43 35.89
C LYS D 42 26.77 27.43 37.04
N ALA D 43 25.62 27.04 37.61
CA ALA D 43 25.56 26.16 38.76
C ALA D 43 26.00 24.75 38.40
N LEU D 44 25.83 24.39 37.12
CA LEU D 44 26.23 23.08 36.62
C LEU D 44 27.76 22.97 36.64
N GLY D 45 28.43 24.11 36.47
CA GLY D 45 29.89 24.17 36.42
C GLY D 45 30.39 24.55 35.03
N PHE D 46 29.49 25.08 34.19
CA PHE D 46 29.81 25.44 32.81
C PHE D 46 30.20 26.91 32.75
N ASN D 47 30.98 27.26 31.73
CA ASN D 47 31.57 28.60 31.64
C ASN D 47 30.98 29.40 30.49
N THR D 48 30.17 28.78 29.63
CA THR D 48 29.73 29.41 28.39
C THR D 48 28.28 29.06 28.08
N VAL D 49 27.59 30.00 27.44
CA VAL D 49 26.24 29.79 26.91
C VAL D 49 26.30 29.99 25.39
N GLU D 50 25.44 29.25 24.68
CA GLU D 50 25.41 29.29 23.23
C GLU D 50 23.97 29.46 22.76
N THR D 51 23.79 30.26 21.68
CA THR D 51 22.47 30.48 21.12
C THR D 51 22.55 30.74 19.62
N TYR D 52 21.52 30.25 18.92
CA TYR D 52 21.22 30.66 17.55
C TYR D 52 20.58 32.05 17.56
N VAL D 53 20.51 32.65 16.36
CA VAL D 53 19.76 33.87 16.12
C VAL D 53 18.77 33.61 14.99
N PRO D 54 17.44 33.65 15.26
CA PRO D 54 16.44 33.29 14.26
C PRO D 54 16.01 34.45 13.36
N TRP D 55 16.47 34.40 12.10
CA TRP D 55 16.20 35.45 11.14
C TRP D 55 14.70 35.69 11.02
N ASN D 56 13.89 34.63 11.03
CA ASN D 56 12.47 34.75 10.74
C ASN D 56 11.66 35.28 11.93
N LEU D 57 12.30 35.55 13.08
CA LEU D 57 11.66 36.31 14.14
C LEU D 57 12.16 37.76 14.16
N HIS D 58 13.46 37.94 13.94
CA HIS D 58 14.07 39.27 13.96
C HIS D 58 13.63 40.08 12.74
N GLU D 59 13.41 39.42 11.60
CA GLU D 59 12.86 40.06 10.42
C GLU D 59 11.69 39.23 9.89
N TYR D 60 10.64 39.15 10.71
CA TYR D 60 9.46 38.35 10.39
C TYR D 60 8.87 38.79 9.06
N ARG D 61 8.71 40.11 8.91
CA ARG D 61 8.31 40.73 7.66
C ARG D 61 9.48 41.58 7.17
N GLU D 62 9.69 41.62 5.85
CA GLU D 62 10.86 42.26 5.27
C GLU D 62 10.92 43.72 5.71
N GLY D 63 12.04 44.10 6.34
CA GLY D 63 12.28 45.48 6.72
C GLY D 63 11.75 45.83 8.11
N GLU D 64 11.00 44.90 8.74
CA GLU D 64 10.44 45.10 10.06
C GLU D 64 11.25 44.31 11.08
N PHE D 65 12.26 44.97 11.66
CA PHE D 65 13.16 44.34 12.60
C PHE D 65 12.60 44.46 14.02
N ASP D 66 12.88 43.44 14.84
CA ASP D 66 12.43 43.42 16.22
C ASP D 66 13.54 42.80 17.06
N PHE D 67 14.01 43.56 18.06
CA PHE D 67 15.01 43.08 19.01
C PHE D 67 14.58 43.42 20.43
N SER D 68 13.25 43.40 20.66
CA SER D 68 12.68 43.79 21.95
C SER D 68 12.10 42.56 22.65
N GLY D 69 11.92 42.66 23.97
CA GLY D 69 11.31 41.61 24.76
C GLY D 69 12.09 40.30 24.67
N ILE D 70 11.42 39.25 24.18
CA ILE D 70 12.00 37.92 24.11
C ILE D 70 13.05 37.85 23.00
N LEU D 71 13.10 38.88 22.14
CA LEU D 71 14.07 38.93 21.05
C LEU D 71 15.23 39.88 21.38
N ASP D 72 15.34 40.31 22.65
CA ASP D 72 16.39 41.25 23.04
C ASP D 72 17.66 40.45 23.37
N ILE D 73 18.44 40.14 22.32
CA ILE D 73 19.64 39.34 22.45
C ILE D 73 20.71 40.08 23.25
N GLU D 74 20.71 41.42 23.18
CA GLU D 74 21.67 42.22 23.93
C GLU D 74 21.47 42.00 25.43
N HIS D 75 20.22 42.04 25.88
CA HIS D 75 19.89 41.84 27.29
C HIS D 75 20.21 40.41 27.71
N PHE D 76 19.99 39.45 26.81
CA PHE D 76 20.32 38.06 27.08
C PHE D 76 21.81 37.92 27.37
N LEU D 77 22.64 38.47 26.48
CA LEU D 77 24.09 38.37 26.59
C LEU D 77 24.59 39.14 27.81
N ASP D 78 23.88 40.20 28.21
CA ASP D 78 24.21 40.98 29.39
C ASP D 78 24.01 40.12 30.65
N VAL D 79 22.85 39.48 30.76
CA VAL D 79 22.54 38.65 31.91
C VAL D 79 23.60 37.54 32.05
N ALA D 80 24.03 36.99 30.91
CA ALA D 80 25.04 35.94 30.91
C ALA D 80 26.37 36.47 31.45
N GLU D 81 26.79 37.64 30.93
CA GLU D 81 28.05 38.25 31.33
C GLU D 81 28.05 38.53 32.83
N ASP D 82 26.96 39.10 33.34
CA ASP D 82 26.85 39.48 34.75
C ASP D 82 26.92 38.25 35.66
N LEU D 83 26.53 37.09 35.13
CA LEU D 83 26.65 35.82 35.86
C LEU D 83 28.05 35.21 35.64
N GLY D 84 28.89 35.89 34.86
CA GLY D 84 30.27 35.47 34.65
C GLY D 84 30.42 34.37 33.60
N LEU D 85 29.43 34.29 32.68
CA LEU D 85 29.47 33.34 31.57
C LEU D 85 30.00 34.04 30.32
N TYR D 86 30.83 33.32 29.56
CA TYR D 86 31.17 33.69 28.19
C TYR D 86 30.03 33.25 27.27
N ALA D 87 30.14 33.55 25.96
CA ALA D 87 29.06 33.27 25.03
C ALA D 87 29.60 32.87 23.66
N ILE D 88 28.85 31.99 22.99
CA ILE D 88 29.03 31.67 21.59
C ILE D 88 27.72 31.98 20.88
N VAL D 89 27.79 32.79 19.81
CA VAL D 89 26.62 33.17 19.05
C VAL D 89 26.72 32.52 17.68
N ARG D 90 25.58 32.05 17.15
CA ARG D 90 25.55 31.40 15.85
C ARG D 90 24.51 32.10 14.99
N PRO D 91 24.88 33.23 14.35
CA PRO D 91 23.94 34.09 13.65
C PRO D 91 23.79 33.77 12.17
N SER D 92 23.70 32.48 11.86
CA SER D 92 23.57 32.03 10.48
C SER D 92 22.17 32.37 9.98
N PRO D 93 21.98 32.65 8.67
CA PRO D 93 20.64 32.81 8.11
C PRO D 93 19.84 31.52 8.26
N TYR D 94 20.54 30.39 8.18
CA TYR D 94 19.98 29.07 8.39
C TYR D 94 20.50 28.51 9.71
N ILE D 95 19.60 28.13 10.62
CA ILE D 95 19.99 27.65 11.93
C ILE D 95 19.48 26.23 12.19
N CYS D 96 18.59 25.71 11.32
CA CYS D 96 17.98 24.40 11.49
C CYS D 96 17.12 24.39 12.76
N ALA D 97 17.70 23.94 13.87
CA ALA D 97 17.21 24.23 15.21
C ALA D 97 15.83 23.64 15.49
N GLU D 98 15.38 22.69 14.67
CA GLU D 98 14.02 22.17 14.76
C GLU D 98 13.07 23.36 14.83
N TRP D 99 13.18 24.26 13.85
CA TRP D 99 12.55 25.57 13.88
C TRP D 99 11.96 25.86 12.51
N GLU D 100 10.77 26.49 12.49
CA GLU D 100 10.07 26.87 11.27
C GLU D 100 11.09 27.32 10.23
N PHE D 101 11.14 26.54 9.13
CA PHE D 101 11.90 26.85 7.92
C PHE D 101 13.40 26.95 8.21
N GLY D 102 13.85 26.33 9.30
CA GLY D 102 15.23 26.40 9.72
C GLY D 102 15.71 27.85 9.93
N GLY D 103 14.77 28.76 10.20
CA GLY D 103 15.10 30.14 10.52
C GLY D 103 14.89 31.10 9.36
N PHE D 104 14.71 30.58 8.14
CA PHE D 104 14.52 31.42 6.97
C PHE D 104 13.16 32.11 7.02
N PRO D 105 13.11 33.45 6.82
CA PRO D 105 11.83 34.15 6.65
C PRO D 105 11.04 33.66 5.44
N ALA D 106 9.74 33.50 5.62
CA ALA D 106 8.89 32.91 4.59
C ALA D 106 8.87 33.75 3.32
N TRP D 107 9.10 35.06 3.44
CA TRP D 107 9.01 35.97 2.31
C TRP D 107 10.15 35.74 1.31
N LEU D 108 11.19 35.00 1.72
CA LEU D 108 12.25 34.59 0.80
C LEU D 108 11.68 33.73 -0.32
N LEU D 109 10.59 33.00 -0.06
CA LEU D 109 9.97 32.13 -1.04
C LEU D 109 9.36 32.93 -2.20
N THR D 110 9.01 34.20 -1.93
CA THR D 110 8.40 35.03 -2.95
C THR D 110 9.45 35.68 -3.84
N LYS D 111 10.74 35.49 -3.52
CA LYS D 111 11.82 36.07 -4.30
C LYS D 111 12.45 35.00 -5.20
N SER D 112 13.10 35.46 -6.27
CA SER D 112 13.86 34.61 -7.16
C SER D 112 15.25 34.41 -6.56
N MET D 113 15.52 33.20 -6.05
CA MET D 113 16.56 33.03 -5.04
C MET D 113 16.75 31.55 -4.70
N ARG D 114 18.01 31.08 -4.75
CA ARG D 114 18.34 29.70 -4.40
C ARG D 114 19.07 29.68 -3.07
N LEU D 115 18.38 29.20 -2.03
CA LEU D 115 18.86 29.28 -0.66
C LEU D 115 20.10 28.43 -0.44
N ARG D 116 21.01 28.94 0.39
CA ARG D 116 22.23 28.27 0.82
C ARG D 116 23.13 27.97 -0.38
N THR D 117 23.26 28.96 -1.28
CA THR D 117 24.17 28.88 -2.42
C THR D 117 24.72 30.27 -2.70
N ASP D 118 25.69 30.36 -3.61
CA ASP D 118 26.30 31.64 -3.98
C ASP D 118 25.35 32.38 -4.92
N ASP D 119 24.21 32.79 -4.37
CA ASP D 119 23.17 33.51 -5.11
C ASP D 119 23.24 34.97 -4.69
N PRO D 120 23.40 35.92 -5.62
CA PRO D 120 23.61 37.33 -5.26
C PRO D 120 22.43 37.96 -4.51
N ASN D 121 21.20 37.55 -4.84
CA ASN D 121 20.02 38.08 -4.19
C ASN D 121 19.91 37.52 -2.77
N TYR D 122 20.33 36.26 -2.59
CA TYR D 122 20.32 35.61 -1.29
C TYR D 122 21.34 36.29 -0.37
N LEU D 123 22.57 36.46 -0.87
CA LEU D 123 23.64 37.05 -0.08
C LEU D 123 23.30 38.49 0.27
N GLN D 124 22.67 39.20 -0.67
CA GLN D 124 22.29 40.58 -0.44
C GLN D 124 21.26 40.67 0.69
N ALA D 125 20.27 39.77 0.69
CA ALA D 125 19.24 39.78 1.73
C ALA D 125 19.85 39.51 3.10
N ILE D 126 20.88 38.66 3.14
CA ILE D 126 21.61 38.39 4.37
C ILE D 126 22.35 39.66 4.80
N ASP D 127 22.98 40.34 3.84
CA ASP D 127 23.72 41.57 4.08
C ASP D 127 22.82 42.58 4.79
N ARG D 128 21.58 42.71 4.30
CA ARG D 128 20.63 43.67 4.82
C ARG D 128 20.13 43.23 6.20
N TYR D 129 19.96 41.92 6.40
CA TYR D 129 19.63 41.38 7.70
C TYR D 129 20.76 41.70 8.69
N TYR D 130 22.00 41.51 8.26
CA TYR D 130 23.15 41.69 9.14
C TYR D 130 23.35 43.15 9.51
N ALA D 131 22.92 44.08 8.64
CA ALA D 131 22.98 45.50 8.93
C ALA D 131 22.17 45.85 10.18
N ALA D 132 21.08 45.10 10.41
CA ALA D 132 20.22 45.34 11.56
C ALA D 132 20.70 44.53 12.77
N LEU D 133 21.17 43.30 12.53
CA LEU D 133 21.50 42.38 13.60
C LEU D 133 22.86 42.72 14.22
N MET D 134 23.87 42.92 13.39
CA MET D 134 25.25 42.85 13.86
C MET D 134 25.58 44.01 14.79
N PRO D 135 24.94 45.21 14.70
CA PRO D 135 25.06 46.23 15.74
C PRO D 135 24.66 45.77 17.15
N HIS D 136 23.78 44.78 17.25
CA HIS D 136 23.38 44.22 18.54
C HIS D 136 24.39 43.17 19.01
N LEU D 137 25.39 42.84 18.20
CA LEU D 137 26.36 41.80 18.54
C LEU D 137 27.78 42.35 18.64
N VAL D 138 28.13 43.32 17.78
CA VAL D 138 29.52 43.72 17.57
C VAL D 138 30.18 44.04 18.91
N ASN D 139 29.53 44.89 19.71
CA ASN D 139 30.13 45.40 20.94
C ASN D 139 30.07 44.37 22.07
N HIS D 140 29.40 43.23 21.85
CA HIS D 140 29.36 42.17 22.84
C HIS D 140 30.52 41.20 22.65
N GLN D 141 31.30 41.38 21.58
CA GLN D 141 32.49 40.59 21.36
C GLN D 141 33.53 40.88 22.45
N VAL D 142 34.41 39.90 22.71
CA VAL D 142 35.49 40.06 23.67
C VAL D 142 36.43 41.16 23.18
N THR D 143 36.55 41.30 21.86
CA THR D 143 37.40 42.31 21.25
C THR D 143 36.89 43.72 21.57
N HIS D 144 35.63 43.84 22.01
CA HIS D 144 35.05 45.13 22.37
C HIS D 144 34.65 45.16 23.84
N GLY D 145 35.19 44.21 24.63
CA GLY D 145 35.00 44.22 26.08
C GLY D 145 33.82 43.38 26.55
N GLY D 146 33.11 42.72 25.60
CA GLY D 146 31.96 41.89 25.93
C GLY D 146 32.39 40.46 26.26
N ASN D 147 31.47 39.49 26.09
CA ASN D 147 31.72 38.13 26.53
C ASN D 147 31.59 37.11 25.40
N VAL D 148 31.41 37.57 24.15
CA VAL D 148 31.24 36.65 23.03
C VAL D 148 32.60 36.21 22.50
N LEU D 149 32.86 34.90 22.54
CA LEU D 149 34.15 34.30 22.21
C LEU D 149 34.30 34.07 20.70
N MET D 150 33.23 33.58 20.04
CA MET D 150 33.32 33.29 18.62
C MET D 150 31.92 33.15 18.01
N MET D 151 31.86 33.06 16.68
CA MET D 151 30.61 33.03 15.96
C MET D 151 30.68 32.03 14.80
N GLN D 152 29.56 31.34 14.54
CA GLN D 152 29.50 30.28 13.54
C GLN D 152 29.17 30.85 12.17
N VAL D 153 29.76 30.25 11.13
CA VAL D 153 29.44 30.52 9.74
C VAL D 153 28.51 29.41 9.25
N GLU D 154 27.32 29.79 8.76
CA GLU D 154 26.32 28.82 8.31
C GLU D 154 26.01 27.86 9.47
N ASN D 155 25.42 26.70 9.15
CA ASN D 155 25.14 25.68 10.14
C ASN D 155 25.00 24.34 9.43
N GLU D 156 25.97 23.45 9.66
CA GLU D 156 25.96 22.10 9.10
C GLU D 156 25.73 22.18 7.60
N TYR D 157 26.54 22.98 6.90
CA TYR D 157 26.33 23.23 5.49
C TYR D 157 26.69 21.98 4.69
N GLY D 158 27.64 21.19 5.22
CA GLY D 158 27.97 19.91 4.64
C GLY D 158 26.82 18.91 4.67
N SER D 159 25.74 19.25 5.39
CA SER D 159 24.51 18.47 5.35
C SER D 159 23.47 19.15 4.45
N TYR D 160 23.92 19.97 3.49
CA TYR D 160 23.02 20.57 2.51
C TYR D 160 23.71 20.86 1.18
N GLY D 161 24.92 21.41 1.19
CA GLY D 161 25.59 21.79 -0.05
C GLY D 161 27.12 21.71 0.06
N GLU D 162 27.79 22.10 -1.04
CA GLU D 162 29.25 22.12 -1.09
C GLU D 162 29.75 23.36 -1.84
N ASP D 163 28.95 24.43 -1.84
CA ASP D 163 29.28 25.66 -2.51
C ASP D 163 30.22 26.46 -1.61
N HIS D 164 31.53 26.41 -1.91
CA HIS D 164 32.52 27.03 -1.05
C HIS D 164 32.55 28.55 -1.24
N ASP D 165 32.20 29.01 -2.46
CA ASP D 165 32.09 30.43 -2.74
C ASP D 165 31.03 31.06 -1.83
N TYR D 166 29.98 30.30 -1.51
CA TYR D 166 28.93 30.75 -0.59
C TYR D 166 29.52 30.96 0.81
N LEU D 167 30.21 29.96 1.35
CA LEU D 167 30.76 30.03 2.69
C LEU D 167 31.72 31.21 2.81
N ALA D 168 32.58 31.37 1.81
CA ALA D 168 33.58 32.44 1.81
C ALA D 168 32.87 33.80 1.80
N ALA D 169 31.81 33.91 1.01
CA ALA D 169 31.08 35.17 0.88
C ALA D 169 30.38 35.52 2.19
N LEU D 170 29.84 34.50 2.87
CA LEU D 170 29.11 34.71 4.11
C LEU D 170 30.07 35.15 5.21
N ALA D 171 31.23 34.49 5.30
CA ALA D 171 32.26 34.86 6.27
C ALA D 171 32.66 36.32 6.05
N LYS D 172 32.84 36.71 4.78
CA LYS D 172 33.24 38.06 4.43
C LYS D 172 32.17 39.07 4.87
N LEU D 173 30.89 38.69 4.75
CA LEU D 173 29.79 39.54 5.17
C LEU D 173 29.86 39.78 6.68
N MET D 174 30.10 38.70 7.43
CA MET D 174 30.18 38.77 8.89
C MET D 174 31.31 39.72 9.31
N LYS D 175 32.48 39.59 8.68
CA LYS D 175 33.61 40.45 8.97
C LYS D 175 33.31 41.89 8.59
N LYS D 176 32.62 42.09 7.45
CA LYS D 176 32.27 43.42 6.98
C LYS D 176 31.39 44.14 8.00
N HIS D 177 30.53 43.38 8.70
CA HIS D 177 29.64 43.95 9.70
C HIS D 177 30.31 44.02 11.08
N GLY D 178 31.60 43.67 11.15
CA GLY D 178 32.43 43.99 12.29
C GLY D 178 32.69 42.79 13.21
N VAL D 179 32.38 41.57 12.74
CA VAL D 179 32.71 40.37 13.49
C VAL D 179 34.21 40.11 13.30
N ASP D 180 34.99 40.35 14.36
CA ASP D 180 36.43 40.20 14.31
C ASP D 180 36.89 39.10 15.27
N VAL D 181 35.94 38.53 16.03
CA VAL D 181 36.25 37.39 16.88
C VAL D 181 36.42 36.17 15.98
N PRO D 182 37.13 35.10 16.42
CA PRO D 182 37.28 33.90 15.61
C PRO D 182 35.96 33.30 15.12
N LEU D 183 35.99 32.76 13.90
CA LEU D 183 34.84 32.13 13.26
C LEU D 183 34.99 30.61 13.31
N PHE D 184 33.87 29.89 13.15
CA PHE D 184 33.93 28.44 13.06
C PHE D 184 32.76 27.89 12.25
N THR D 185 32.91 26.64 11.80
CA THR D 185 31.82 25.86 11.23
C THR D 185 31.56 24.67 12.14
N SER D 186 30.36 24.09 12.03
CA SER D 186 30.04 22.83 12.67
C SER D 186 29.39 21.91 11.63
N ASP D 187 29.66 20.61 11.76
CA ASP D 187 29.20 19.62 10.79
C ASP D 187 29.17 18.25 11.46
N GLY D 188 28.53 17.28 10.80
CA GLY D 188 28.74 15.90 11.15
C GLY D 188 30.23 15.55 11.03
N PRO D 189 30.85 14.92 12.05
CA PRO D 189 32.30 14.67 12.03
C PRO D 189 32.69 13.46 11.18
N TRP D 190 32.56 13.61 9.86
CA TRP D 190 33.00 12.59 8.92
C TRP D 190 33.33 13.28 7.59
N PRO D 191 34.19 12.67 6.74
CA PRO D 191 34.78 13.39 5.61
C PRO D 191 33.80 14.10 4.67
N ALA D 192 32.68 13.44 4.34
CA ALA D 192 31.77 13.93 3.31
C ALA D 192 31.15 15.27 3.73
N THR D 193 30.70 15.34 4.99
CA THR D 193 30.12 16.55 5.55
C THR D 193 31.18 17.62 5.76
N LEU D 194 32.35 17.22 6.28
CA LEU D 194 33.42 18.15 6.59
C LEU D 194 34.01 18.72 5.30
N ASN D 195 34.20 17.89 4.28
CA ASN D 195 34.76 18.35 3.02
C ASN D 195 33.85 19.40 2.38
N ALA D 196 32.53 19.13 2.44
CA ALA D 196 31.54 19.98 1.80
C ALA D 196 31.29 21.23 2.65
N GLY D 197 31.30 21.07 3.97
CA GLY D 197 30.75 22.07 4.89
C GLY D 197 31.79 23.01 5.51
N SER D 198 33.06 22.56 5.65
CA SER D 198 34.02 23.29 6.47
C SER D 198 34.71 24.37 5.65
N MET D 199 35.44 25.25 6.36
CA MET D 199 36.21 26.31 5.73
C MET D 199 37.69 26.17 6.12
N ILE D 200 38.15 24.92 6.20
CA ILE D 200 39.44 24.62 6.82
C ILE D 200 40.58 25.24 6.03
N ASN D 201 40.44 25.28 4.69
CA ASN D 201 41.46 25.85 3.83
C ASN D 201 41.53 27.37 3.97
N ASP D 202 40.51 27.98 4.59
CA ASP D 202 40.52 29.41 4.88
C ASP D 202 41.02 29.65 6.31
N GLY D 203 41.46 28.60 6.98
CA GLY D 203 42.06 28.72 8.30
C GLY D 203 41.01 28.85 9.41
N ILE D 204 39.76 28.46 9.10
CA ILE D 204 38.64 28.64 10.00
C ILE D 204 38.35 27.28 10.66
N LEU D 205 38.18 27.30 11.99
CA LEU D 205 38.07 26.09 12.78
C LEU D 205 36.82 25.34 12.37
N ALA D 206 36.97 24.02 12.15
CA ALA D 206 35.84 23.13 11.97
C ALA D 206 35.62 22.35 13.25
N THR D 207 34.34 22.26 13.66
CA THR D 207 33.91 21.52 14.85
C THR D 207 32.93 20.43 14.41
N GLY D 208 32.55 19.56 15.36
CA GLY D 208 31.72 18.39 15.04
C GLY D 208 30.47 18.33 15.90
N ASN D 209 29.38 17.82 15.31
CA ASN D 209 28.11 17.64 15.99
C ASN D 209 27.79 16.15 16.09
N PHE D 210 27.52 15.67 17.32
CA PHE D 210 27.20 14.27 17.55
C PHE D 210 26.66 14.11 18.96
N GLY D 211 26.08 12.94 19.25
CA GLY D 211 25.47 12.67 20.54
C GLY D 211 26.03 11.42 21.23
N SER D 212 27.02 10.78 20.62
CA SER D 212 27.59 9.54 21.14
C SER D 212 28.90 9.21 20.42
N ALA D 213 29.57 8.16 20.90
CA ALA D 213 30.77 7.61 20.26
C ALA D 213 31.80 8.72 20.07
N ALA D 214 32.12 9.41 21.16
CA ALA D 214 32.92 10.62 21.14
C ALA D 214 34.32 10.36 20.62
N ASP D 215 34.86 9.16 20.89
CA ASP D 215 36.20 8.80 20.47
C ASP D 215 36.22 8.59 18.95
N LYS D 216 35.26 7.78 18.46
CA LYS D 216 35.09 7.55 17.03
C LYS D 216 35.02 8.88 16.29
N ASN D 217 34.20 9.81 16.80
CA ASN D 217 33.86 11.03 16.10
C ASN D 217 35.00 12.05 16.20
N PHE D 218 35.62 12.17 17.39
CA PHE D 218 36.75 13.07 17.56
C PHE D 218 37.96 12.56 16.77
N ASP D 219 38.11 11.24 16.69
CA ASP D 219 39.17 10.64 15.88
C ASP D 219 39.03 11.09 14.42
N ARG D 220 37.80 11.08 13.89
CA ARG D 220 37.56 11.46 12.51
C ARG D 220 37.76 12.97 12.34
N LEU D 221 37.33 13.73 13.35
CA LEU D 221 37.47 15.18 13.33
C LEU D 221 38.95 15.56 13.36
N ALA D 222 39.71 14.90 14.25
CA ALA D 222 41.15 15.11 14.34
C ALA D 222 41.82 14.75 13.00
N ALA D 223 41.46 13.59 12.45
CA ALA D 223 42.01 13.13 11.18
C ALA D 223 41.80 14.16 10.08
N PHE D 224 40.61 14.80 10.07
CA PHE D 224 40.30 15.83 9.08
C PHE D 224 41.20 17.05 9.28
N HIS D 225 41.32 17.51 10.53
CA HIS D 225 42.20 18.63 10.85
C HIS D 225 43.62 18.35 10.35
N GLN D 226 44.15 17.18 10.71
CA GLN D 226 45.53 16.81 10.42
C GLN D 226 45.77 16.70 8.92
N ALA D 227 44.75 16.25 8.18
CA ALA D 227 44.88 16.09 6.74
C ALA D 227 45.08 17.44 6.06
N HIS D 228 44.60 18.52 6.72
CA HIS D 228 44.77 19.87 6.21
C HIS D 228 45.84 20.63 7.01
N GLY D 229 46.69 19.91 7.74
CA GLY D 229 47.86 20.48 8.37
C GLY D 229 47.53 21.50 9.46
N GLN D 230 46.38 21.31 10.13
CA GLN D 230 45.95 22.21 11.18
C GLN D 230 46.13 21.52 12.53
N ASP D 231 46.56 22.30 13.53
CA ASP D 231 46.72 21.84 14.89
C ASP D 231 45.73 22.61 15.75
N TRP D 232 44.58 21.97 16.05
CA TRP D 232 43.40 22.66 16.55
C TRP D 232 42.80 21.90 17.72
N PRO D 233 41.98 22.57 18.57
CA PRO D 233 41.25 21.88 19.63
C PRO D 233 40.04 21.14 19.05
N LEU D 234 39.67 20.04 19.73
CA LEU D 234 38.52 19.24 19.35
C LEU D 234 37.33 19.71 20.18
N MET D 235 36.29 20.17 19.50
CA MET D 235 35.09 20.66 20.18
C MET D 235 33.84 20.08 19.52
N CYS D 236 33.00 19.48 20.37
CA CYS D 236 31.67 19.04 19.99
C CYS D 236 30.70 20.21 20.11
N MET D 237 30.38 20.85 18.98
CA MET D 237 29.67 22.13 18.99
C MET D 237 28.20 21.89 19.25
N GLU D 238 27.73 20.66 19.02
CA GLU D 238 26.42 20.22 19.46
C GLU D 238 26.54 18.80 20.01
N PHE D 239 26.54 18.67 21.33
CA PHE D 239 26.38 17.37 21.95
C PHE D 239 24.90 17.13 22.22
N TRP D 240 24.26 16.35 21.35
CA TRP D 240 22.85 16.04 21.48
C TRP D 240 22.62 15.19 22.73
N ASP D 241 22.21 15.85 23.82
CA ASP D 241 22.04 15.20 25.12
C ASP D 241 20.56 14.89 25.36
N GLY D 242 19.77 14.90 24.28
CA GLY D 242 18.38 14.47 24.29
C GLY D 242 17.87 14.34 22.86
N TRP D 243 16.56 14.51 22.64
CA TRP D 243 16.04 14.54 21.28
C TRP D 243 14.67 15.23 21.24
N PHE D 244 14.29 15.69 20.04
CA PHE D 244 13.02 16.38 19.79
C PHE D 244 11.92 15.36 19.51
N ASN D 245 10.66 15.81 19.62
CA ASN D 245 9.50 14.95 19.41
C ASN D 245 8.65 15.49 18.26
N ARG D 246 7.86 14.59 17.67
CA ARG D 246 6.97 14.91 16.57
C ARG D 246 5.57 14.38 16.87
N TRP D 247 4.54 15.03 16.31
CA TRP D 247 3.16 14.66 16.50
C TRP D 247 2.92 13.23 16.03
N GLY D 248 2.36 12.39 16.92
CA GLY D 248 1.96 11.04 16.58
C GLY D 248 3.07 10.01 16.83
N GLU D 249 4.24 10.48 17.27
CA GLU D 249 5.34 9.60 17.59
C GLU D 249 5.60 9.65 19.10
N PRO D 250 5.94 8.52 19.75
CA PRO D 250 6.13 8.51 21.21
C PRO D 250 7.35 9.33 21.63
N ILE D 251 7.35 9.73 22.92
CA ILE D 251 8.40 10.57 23.47
C ILE D 251 9.69 9.74 23.59
N ILE D 252 10.82 10.35 23.24
CA ILE D 252 12.11 9.69 23.28
C ILE D 252 12.86 10.15 24.54
N ARG D 253 13.28 9.17 25.35
CA ARG D 253 13.94 9.43 26.62
C ARG D 253 15.33 8.78 26.63
N ARG D 254 16.34 9.56 26.97
CA ARG D 254 17.72 9.06 27.04
C ARG D 254 18.14 8.97 28.50
N ASP D 255 18.64 7.80 28.90
CA ASP D 255 19.00 7.52 30.29
C ASP D 255 19.97 8.58 30.82
N PRO D 256 19.67 9.21 31.98
CA PRO D 256 20.51 10.28 32.51
C PRO D 256 21.99 9.94 32.70
N ASP D 257 22.28 8.75 33.23
CA ASP D 257 23.61 8.38 33.65
C ASP D 257 24.48 8.05 32.43
N GLU D 258 23.90 7.32 31.47
CA GLU D 258 24.59 7.01 30.22
C GLU D 258 24.97 8.31 29.50
N THR D 259 24.06 9.30 29.53
CA THR D 259 24.31 10.57 28.89
C THR D 259 25.57 11.21 29.47
N ALA D 260 25.68 11.21 30.79
CA ALA D 260 26.83 11.73 31.50
C ALA D 260 28.11 11.01 31.07
N GLU D 261 28.04 9.67 30.99
CA GLU D 261 29.17 8.83 30.59
C GLU D 261 29.65 9.20 29.19
N ASP D 262 28.70 9.35 28.25
CA ASP D 262 29.02 9.68 26.89
C ASP D 262 29.63 11.09 26.84
N LEU D 263 29.12 11.99 27.68
CA LEU D 263 29.61 13.36 27.75
C LEU D 263 31.00 13.40 28.38
N ARG D 264 31.28 12.47 29.32
CA ARG D 264 32.58 12.36 29.96
C ARG D 264 33.68 12.29 28.89
N ALA D 265 33.48 11.37 27.92
CA ALA D 265 34.50 11.05 26.93
C ALA D 265 34.80 12.26 26.03
N VAL D 266 33.81 13.15 25.86
CA VAL D 266 34.03 14.38 25.12
C VAL D 266 34.93 15.31 25.92
N ILE D 267 34.58 15.50 27.21
CA ILE D 267 35.21 16.49 28.06
C ILE D 267 36.67 16.11 28.29
N GLU D 268 36.97 14.81 28.38
CA GLU D 268 38.32 14.33 28.57
C GLU D 268 39.22 14.80 27.44
N ARG D 269 38.69 14.79 26.21
CA ARG D 269 39.49 15.02 25.01
C ARG D 269 39.32 16.44 24.46
N GLY D 270 38.33 17.20 24.93
CA GLY D 270 38.22 18.59 24.49
C GLY D 270 36.98 19.31 25.01
N SER D 271 36.53 20.30 24.21
CA SER D 271 35.48 21.23 24.59
C SER D 271 34.12 20.70 24.12
N VAL D 272 33.03 21.27 24.64
CA VAL D 272 31.70 20.78 24.35
C VAL D 272 30.66 21.89 24.49
N ASN D 273 29.57 21.76 23.73
CA ASN D 273 28.37 22.56 23.88
C ASN D 273 27.16 21.64 23.92
N LEU D 274 26.40 21.67 25.03
CA LEU D 274 25.23 20.81 25.17
C LEU D 274 24.09 21.34 24.30
N TYR D 275 23.57 20.49 23.43
CA TYR D 275 22.37 20.78 22.65
C TYR D 275 21.28 19.77 23.00
N MET D 276 20.29 20.14 23.82
CA MET D 276 20.12 21.44 24.44
C MET D 276 20.49 21.35 25.92
N PHE D 277 20.80 22.50 26.53
CA PHE D 277 20.89 22.57 27.98
C PHE D 277 19.50 22.86 28.55
N HIS D 278 18.87 23.92 28.02
CA HIS D 278 17.48 24.23 28.31
C HIS D 278 16.78 24.56 26.99
N GLY D 279 15.78 23.74 26.63
CA GLY D 279 15.18 23.78 25.30
C GLY D 279 14.03 24.77 25.22
N GLY D 280 13.15 24.74 26.21
CA GLY D 280 12.03 25.67 26.28
C GLY D 280 10.93 25.30 25.30
N THR D 281 10.33 26.33 24.66
CA THR D 281 9.05 26.19 23.99
C THR D 281 9.11 26.81 22.61
N ASN D 282 8.48 26.14 21.64
CA ASN D 282 8.25 26.70 20.32
C ASN D 282 6.92 27.47 20.35
N PHE D 283 6.99 28.73 20.79
CA PHE D 283 5.80 29.57 20.88
C PHE D 283 5.23 29.80 19.48
N GLY D 284 3.90 30.00 19.43
CA GLY D 284 3.22 30.37 18.20
C GLY D 284 3.26 29.25 17.17
N PHE D 285 3.74 29.57 15.97
CA PHE D 285 3.74 28.66 14.84
C PHE D 285 5.17 28.25 14.46
N MET D 286 6.12 28.38 15.40
CA MET D 286 7.53 28.40 15.03
C MET D 286 8.17 27.01 15.14
N ASN D 287 7.36 25.97 15.43
CA ASN D 287 7.85 24.60 15.38
C ASN D 287 8.46 24.31 14.01
N GLY D 288 9.39 23.36 13.98
CA GLY D 288 9.97 22.89 12.73
C GLY D 288 9.25 21.66 12.20
N THR D 289 9.77 21.11 11.10
CA THR D 289 9.19 19.95 10.45
C THR D 289 10.30 19.10 9.83
N SER D 290 10.26 17.78 10.07
CA SER D 290 11.18 16.84 9.47
C SER D 290 10.59 16.31 8.16
N ALA D 291 11.46 15.78 7.30
CA ALA D 291 11.03 15.16 6.06
C ALA D 291 11.75 13.83 5.88
N ARG D 292 10.95 12.78 5.58
CA ARG D 292 11.46 11.51 5.08
C ARG D 292 11.04 11.36 3.62
N LYS D 293 12.02 11.46 2.72
CA LYS D 293 11.77 11.53 1.28
C LYS D 293 10.87 12.74 1.00
N ASP D 294 9.60 12.51 0.63
CA ASP D 294 8.70 13.59 0.28
C ASP D 294 7.61 13.77 1.35
N HIS D 295 7.69 12.97 2.43
CA HIS D 295 6.69 13.00 3.48
C HIS D 295 7.18 13.85 4.65
N ASP D 296 6.40 14.88 5.01
CA ASP D 296 6.72 15.80 6.09
C ASP D 296 6.18 15.25 7.42
N LEU D 297 6.91 15.56 8.50
CA LEU D 297 6.56 15.12 9.85
C LEU D 297 6.74 16.28 10.81
N PRO D 298 5.68 17.03 11.17
CA PRO D 298 5.83 18.22 12.01
C PRO D 298 6.25 17.91 13.44
N GLN D 299 7.08 18.79 14.01
CA GLN D 299 7.56 18.67 15.37
C GLN D 299 6.58 19.36 16.31
N VAL D 300 6.59 18.98 17.59
CA VAL D 300 5.59 19.42 18.55
C VAL D 300 5.94 20.81 19.08
N THR D 301 5.01 21.38 19.86
CA THR D 301 5.18 22.70 20.44
C THR D 301 6.31 22.70 21.48
N SER D 302 6.29 21.71 22.38
CA SER D 302 7.31 21.59 23.41
C SER D 302 8.68 21.36 22.78
N TYR D 303 9.69 22.09 23.25
CA TYR D 303 11.08 21.80 22.96
C TYR D 303 11.79 21.40 24.25
N ASP D 304 11.12 20.57 25.04
CA ASP D 304 11.71 20.01 26.25
C ASP D 304 13.05 19.37 25.89
N TYR D 305 13.01 18.51 24.88
CA TYR D 305 14.19 17.91 24.28
C TYR D 305 14.83 16.88 25.22
N ASP D 306 14.13 16.50 26.30
CA ASP D 306 14.69 15.67 27.35
C ASP D 306 16.04 16.25 27.80
N ALA D 307 16.06 17.58 28.00
CA ALA D 307 17.30 18.29 28.29
C ALA D 307 17.53 18.31 29.81
N PRO D 308 18.76 18.68 30.26
CA PRO D 308 19.04 18.86 31.69
C PRO D 308 18.02 19.72 32.43
N LEU D 309 17.62 20.84 31.81
CA LEU D 309 16.45 21.57 32.28
C LEU D 309 15.24 21.17 31.44
N ASN D 310 14.10 20.94 32.10
CA ASN D 310 12.86 20.64 31.40
C ASN D 310 12.34 21.91 30.75
N GLU D 311 11.21 21.81 30.03
CA GLU D 311 10.65 22.93 29.28
C GLU D 311 10.48 24.12 30.20
N GLN D 312 9.98 23.88 31.42
CA GLN D 312 9.72 24.94 32.38
C GLN D 312 11.03 25.60 32.82
N GLY D 313 12.14 24.85 32.84
CA GLY D 313 13.42 25.38 33.28
C GLY D 313 13.93 24.74 34.58
N ASN D 314 13.26 23.67 35.03
CA ASN D 314 13.58 23.02 36.29
C ASN D 314 14.56 21.87 36.06
N PRO D 315 15.43 21.56 37.05
CA PRO D 315 16.49 20.55 36.86
C PRO D 315 15.95 19.12 36.89
N THR D 316 16.47 18.29 35.99
CA THR D 316 16.07 16.89 35.89
C THR D 316 17.19 15.99 36.40
N PRO D 317 16.91 14.71 36.72
CA PRO D 317 17.96 13.72 36.98
C PRO D 317 19.19 13.84 36.09
N LYS D 318 18.97 14.16 34.80
CA LYS D 318 20.06 14.32 33.85
C LYS D 318 20.98 15.47 34.25
N TYR D 319 20.39 16.56 34.76
CA TYR D 319 21.16 17.70 35.22
C TYR D 319 22.13 17.26 36.31
N PHE D 320 21.59 16.53 37.31
CA PHE D 320 22.35 16.14 38.49
C PHE D 320 23.44 15.13 38.11
N ALA D 321 23.14 14.22 37.18
CA ALA D 321 24.11 13.22 36.75
C ALA D 321 25.28 13.88 36.02
N ILE D 322 25.00 14.94 35.25
CA ILE D 322 26.02 15.69 34.54
C ILE D 322 26.83 16.52 35.53
N GLN D 323 26.15 17.08 36.54
CA GLN D 323 26.81 17.91 37.53
C GLN D 323 27.79 17.06 38.33
N LYS D 324 27.35 15.86 38.72
CA LYS D 324 28.15 14.89 39.43
C LYS D 324 29.35 14.49 38.59
N MET D 325 29.12 14.16 37.31
CA MET D 325 30.16 13.71 36.42
C MET D 325 31.25 14.77 36.28
N LEU D 326 30.83 16.04 36.11
CA LEU D 326 31.77 17.13 35.90
C LEU D 326 32.66 17.34 37.12
N HIS D 327 32.10 17.13 38.33
CA HIS D 327 32.83 17.33 39.56
C HIS D 327 33.83 16.18 39.78
N GLU D 328 33.57 15.03 39.18
CA GLU D 328 34.51 13.93 39.20
C GLU D 328 35.70 14.25 38.28
N VAL D 329 35.42 14.70 37.06
CA VAL D 329 36.45 14.88 36.05
C VAL D 329 37.22 16.18 36.30
N LEU D 330 36.50 17.24 36.70
CA LEU D 330 37.12 18.54 36.93
C LEU D 330 36.73 19.04 38.32
N PRO D 331 37.38 18.54 39.40
CA PRO D 331 36.93 18.80 40.78
C PRO D 331 37.02 20.24 41.27
N ASP D 332 37.86 21.07 40.64
CA ASP D 332 38.08 22.41 41.16
C ASP D 332 37.04 23.40 40.64
N ILE D 333 36.29 23.02 39.59
CA ILE D 333 35.27 23.90 39.03
C ILE D 333 34.14 24.06 40.04
N GLN D 334 33.81 25.33 40.32
CA GLN D 334 32.84 25.67 41.34
C GLN D 334 31.43 25.38 40.83
N GLN D 335 30.61 24.78 41.71
CA GLN D 335 29.24 24.41 41.40
C GLN D 335 28.31 24.99 42.47
N ALA D 336 27.01 24.89 42.20
CA ALA D 336 25.98 25.34 43.13
C ALA D 336 24.72 24.51 42.95
N GLU D 337 23.77 24.69 43.88
CA GLU D 337 22.48 24.04 43.80
C GLU D 337 21.64 24.77 42.74
N PRO D 338 20.95 24.03 41.84
CA PRO D 338 20.09 24.67 40.84
C PRO D 338 18.79 25.22 41.44
N LEU D 339 18.33 26.34 40.89
CA LEU D 339 17.06 26.95 41.28
C LEU D 339 15.89 26.15 40.72
N VAL D 340 14.77 26.13 41.45
CA VAL D 340 13.56 25.44 41.06
C VAL D 340 12.40 26.43 41.14
N LYS D 341 11.62 26.52 40.05
CA LYS D 341 10.46 27.41 39.99
C LYS D 341 9.21 26.64 40.39
N PRO D 342 8.25 27.30 41.10
CA PRO D 342 6.96 26.69 41.41
C PRO D 342 5.99 26.69 40.23
N THR D 343 4.81 26.08 40.44
CA THR D 343 3.76 26.02 39.44
C THR D 343 2.44 26.45 40.09
N LEU D 344 1.54 27.05 39.29
CA LEU D 344 0.19 27.32 39.74
C LEU D 344 -0.45 26.04 40.24
N ALA D 345 -1.26 26.15 41.30
CA ALA D 345 -2.08 25.04 41.74
C ALA D 345 -3.08 24.70 40.65
N PRO D 346 -3.38 23.40 40.43
CA PRO D 346 -4.45 23.00 39.50
C PRO D 346 -5.75 23.76 39.73
N ALA D 347 -6.48 24.00 38.64
CA ALA D 347 -7.76 24.69 38.68
C ALA D 347 -8.50 24.46 37.37
N GLU D 348 -9.82 24.71 37.37
CA GLU D 348 -10.61 24.62 36.16
C GLU D 348 -11.43 25.89 36.02
N HIS D 349 -11.45 26.45 34.80
CA HIS D 349 -12.11 27.72 34.56
C HIS D 349 -13.23 27.50 33.55
N PRO D 350 -14.46 27.96 33.82
CA PRO D 350 -15.60 27.76 32.91
C PRO D 350 -15.46 28.61 31.65
N LEU D 351 -16.13 28.14 30.58
CA LEU D 351 -16.20 28.86 29.32
C LEU D 351 -16.95 30.17 29.53
N THR D 352 -16.34 31.29 29.11
CA THR D 352 -16.93 32.60 29.25
C THR D 352 -17.84 32.88 28.04
N ALA D 353 -17.29 32.69 26.84
CA ALA D 353 -18.00 32.98 25.60
C ALA D 353 -17.37 32.20 24.46
N LYS D 354 -18.08 32.13 23.32
CA LYS D 354 -17.61 31.42 22.15
C LYS D 354 -18.26 31.98 20.89
N VAL D 355 -17.48 31.99 19.80
CA VAL D 355 -17.90 32.58 18.54
C VAL D 355 -17.24 31.81 17.40
N SER D 356 -17.98 31.61 16.30
CA SER D 356 -17.49 30.88 15.14
C SER D 356 -16.60 31.77 14.29
N LEU D 357 -15.60 31.15 13.66
CA LEU D 357 -14.69 31.82 12.75
C LEU D 357 -15.46 32.55 11.65
N PHE D 358 -16.54 31.93 11.13
CA PHE D 358 -17.26 32.47 9.99
C PHE D 358 -17.97 33.78 10.33
N ALA D 359 -18.24 34.00 11.62
CA ALA D 359 -18.98 35.17 12.07
C ALA D 359 -18.08 36.40 12.23
N VAL D 360 -16.76 36.20 12.37
CA VAL D 360 -15.85 37.27 12.76
C VAL D 360 -14.72 37.41 11.74
N LEU D 361 -14.93 36.93 10.51
CA LEU D 361 -13.87 36.81 9.54
C LEU D 361 -13.19 38.15 9.27
N ASP D 362 -13.98 39.23 9.24
CA ASP D 362 -13.50 40.53 8.81
C ASP D 362 -12.80 41.27 9.96
N GLN D 363 -12.86 40.72 11.18
CA GLN D 363 -12.05 41.23 12.28
C GLN D 363 -10.65 40.60 12.25
N LEU D 364 -10.51 39.48 11.52
CA LEU D 364 -9.28 38.69 11.54
C LEU D 364 -8.37 39.02 10.36
N ALA D 365 -8.96 39.46 9.24
CA ALA D 365 -8.20 39.65 8.02
C ALA D 365 -8.92 40.57 7.04
N LYS D 366 -8.13 41.34 6.29
CA LYS D 366 -8.60 42.05 5.11
C LYS D 366 -8.52 41.09 3.92
N PRO D 367 -9.66 40.68 3.33
CA PRO D 367 -9.67 39.72 2.22
C PRO D 367 -9.03 40.30 0.95
N VAL D 368 -8.28 39.44 0.26
CA VAL D 368 -7.71 39.79 -1.04
C VAL D 368 -8.51 39.04 -2.10
N ALA D 369 -9.14 39.81 -3.00
CA ALA D 369 -9.88 39.24 -4.11
C ALA D 369 -8.92 38.84 -5.23
N ALA D 370 -9.18 37.69 -5.86
CA ALA D 370 -8.40 37.24 -7.00
C ALA D 370 -9.21 36.23 -7.80
N ALA D 371 -8.91 36.17 -9.10
CA ALA D 371 -9.53 35.19 -9.99
C ALA D 371 -9.10 33.79 -9.59
N TYR D 372 -7.81 33.65 -9.23
CA TYR D 372 -7.24 32.36 -8.89
C TYR D 372 -6.37 32.53 -7.64
N PRO D 373 -6.17 31.46 -6.84
CA PRO D 373 -5.59 31.59 -5.51
C PRO D 373 -4.07 31.64 -5.51
N GLN D 374 -3.51 32.29 -4.49
CA GLN D 374 -2.08 32.31 -4.24
C GLN D 374 -1.80 31.73 -2.86
N THR D 375 -0.55 31.27 -2.64
CA THR D 375 -0.14 30.80 -1.33
C THR D 375 0.08 32.00 -0.42
N GLN D 376 0.10 31.73 0.89
CA GLN D 376 -0.02 32.76 1.92
C GLN D 376 1.13 33.75 1.84
N GLU D 377 2.30 33.30 1.37
CA GLU D 377 3.48 34.15 1.32
C GLU D 377 3.24 35.34 0.40
N PHE D 378 2.51 35.11 -0.69
CA PHE D 378 2.19 36.15 -1.65
C PHE D 378 1.04 37.04 -1.16
N LEU D 379 0.39 36.65 -0.07
CA LEU D 379 -0.64 37.47 0.58
C LEU D 379 -0.04 38.24 1.75
N GLY D 380 1.26 38.05 2.00
CA GLY D 380 1.97 38.76 3.07
C GLY D 380 1.83 38.05 4.42
N GLN D 381 1.42 36.77 4.39
CA GLN D 381 1.27 35.95 5.58
C GLN D 381 2.35 34.88 5.60
N TYR D 382 3.04 34.75 6.74
CA TYR D 382 4.24 33.93 6.80
C TYR D 382 4.10 32.77 7.79
N THR D 383 2.99 32.75 8.54
CA THR D 383 2.66 31.64 9.43
C THR D 383 1.15 31.57 9.57
N GLY D 384 0.64 30.38 9.95
CA GLY D 384 -0.71 30.26 10.47
C GLY D 384 -1.71 29.78 9.42
N TYR D 385 -2.94 30.30 9.53
CA TYR D 385 -4.08 29.77 8.82
C TYR D 385 -4.52 30.73 7.71
N THR D 386 -4.93 30.18 6.56
CA THR D 386 -5.45 30.97 5.45
C THR D 386 -6.77 30.36 5.00
N LEU D 387 -7.83 31.20 4.99
CA LEU D 387 -9.14 30.76 4.51
C LEU D 387 -9.34 31.25 3.07
N TYR D 388 -9.66 30.30 2.17
CA TYR D 388 -10.05 30.62 0.82
C TYR D 388 -11.56 30.42 0.67
N ARG D 389 -12.23 31.43 0.10
CA ARG D 389 -13.68 31.41 -0.08
C ARG D 389 -14.01 31.56 -1.56
N ALA D 390 -14.91 30.71 -2.06
CA ALA D 390 -15.42 30.83 -3.41
C ALA D 390 -16.94 30.64 -3.42
N GLN D 391 -17.57 30.94 -4.56
CA GLN D 391 -19.01 30.80 -4.72
C GLN D 391 -19.29 29.94 -5.95
N PRO D 392 -18.80 28.68 -5.99
CA PRO D 392 -18.92 27.84 -7.18
C PRO D 392 -20.35 27.41 -7.53
N LEU D 393 -20.63 27.40 -8.83
CA LEU D 393 -21.86 26.83 -9.39
C LEU D 393 -21.77 25.31 -9.32
N ILE D 394 -22.78 24.67 -8.69
CA ILE D 394 -22.85 23.22 -8.62
C ILE D 394 -23.99 22.74 -9.52
N SER D 395 -23.73 21.70 -10.32
CA SER D 395 -24.62 21.28 -11.38
C SER D 395 -24.44 19.79 -11.68
N GLY D 396 -25.36 19.25 -12.50
CA GLY D 396 -25.46 17.82 -12.72
C GLY D 396 -24.22 17.21 -13.35
N THR D 397 -23.99 15.93 -13.04
CA THR D 397 -22.77 15.22 -13.42
C THR D 397 -23.08 14.17 -14.48
N ASP D 398 -22.01 13.61 -15.05
CA ASP D 398 -22.12 12.61 -16.11
C ASP D 398 -22.99 11.45 -15.65
N LYS D 399 -22.65 10.90 -14.48
CA LYS D 399 -23.23 9.64 -14.03
C LYS D 399 -24.42 9.90 -13.10
N GLY D 400 -24.70 11.18 -12.82
CA GLY D 400 -25.79 11.55 -11.92
C GLY D 400 -25.40 11.53 -10.44
N THR D 401 -24.22 10.97 -10.14
CA THR D 401 -23.70 10.88 -8.79
C THR D 401 -23.26 12.26 -8.30
N PRO D 402 -22.96 12.43 -6.99
CA PRO D 402 -22.50 13.71 -6.46
C PRO D 402 -21.29 14.27 -7.18
N ALA D 403 -21.27 15.59 -7.36
CA ALA D 403 -20.16 16.29 -8.00
C ALA D 403 -18.94 16.23 -7.08
N LYS D 404 -17.77 16.01 -7.68
CA LYS D 404 -16.55 15.80 -6.92
C LYS D 404 -15.83 17.12 -6.74
N LEU D 405 -15.40 17.38 -5.50
CA LEU D 405 -14.52 18.49 -5.17
C LEU D 405 -13.11 17.95 -4.99
N ARG D 406 -12.13 18.63 -5.61
CA ARG D 406 -10.73 18.28 -5.46
C ARG D 406 -9.94 19.56 -5.20
N VAL D 407 -9.08 19.53 -4.17
CA VAL D 407 -8.15 20.61 -3.93
C VAL D 407 -6.82 20.25 -4.60
N ILE D 408 -6.35 21.10 -5.52
CA ILE D 408 -5.18 20.81 -6.32
C ILE D 408 -3.99 21.62 -5.79
N ASP D 409 -3.00 20.91 -5.23
CA ASP D 409 -1.70 21.47 -4.87
C ASP D 409 -1.86 22.44 -3.71
N ALA D 410 -2.06 21.87 -2.51
CA ALA D 410 -2.23 22.66 -1.31
C ALA D 410 -1.52 21.96 -0.16
N ARG D 411 -1.11 22.77 0.84
CA ARG D 411 -0.39 22.29 1.99
C ARG D 411 -0.67 23.22 3.17
N ASP D 412 -0.73 22.70 4.40
CA ASP D 412 -0.40 21.33 4.75
C ASP D 412 -1.67 20.52 5.04
N ARG D 413 -2.70 21.20 5.52
CA ARG D 413 -3.93 20.55 5.94
C ARG D 413 -5.11 21.44 5.55
N ILE D 414 -6.12 20.86 4.89
CA ILE D 414 -7.26 21.63 4.41
C ILE D 414 -8.54 21.09 5.04
N GLN D 415 -9.44 22.00 5.40
CA GLN D 415 -10.79 21.67 5.83
C GLN D 415 -11.78 22.33 4.89
N ALA D 416 -12.73 21.54 4.37
CA ALA D 416 -13.66 22.01 3.35
C ALA D 416 -15.07 22.11 3.93
N TYR D 417 -15.74 23.24 3.63
CA TYR D 417 -17.11 23.49 4.04
C TYR D 417 -17.92 23.97 2.85
N LEU D 418 -19.19 23.56 2.81
CA LEU D 418 -20.17 24.10 1.87
C LEU D 418 -21.32 24.72 2.67
N ASP D 419 -21.59 26.01 2.42
CA ASP D 419 -22.55 26.78 3.17
C ASP D 419 -22.29 26.63 4.67
N GLN D 420 -21.01 26.68 5.04
CA GLN D 420 -20.54 26.66 6.42
C GLN D 420 -20.90 25.35 7.12
N HIS D 421 -21.01 24.26 6.34
CA HIS D 421 -21.16 22.91 6.89
C HIS D 421 -19.98 22.04 6.46
N TRP D 422 -19.40 21.32 7.41
CA TRP D 422 -18.20 20.53 7.18
C TRP D 422 -18.44 19.44 6.15
N LEU D 423 -17.48 19.27 5.22
CA LEU D 423 -17.51 18.23 4.21
C LEU D 423 -16.38 17.22 4.45
N ALA D 424 -15.16 17.72 4.66
CA ALA D 424 -13.99 16.85 4.70
C ALA D 424 -12.76 17.60 5.21
N THR D 425 -11.82 16.81 5.73
CA THR D 425 -10.53 17.24 6.21
C THR D 425 -9.48 16.38 5.53
N GLN D 426 -8.47 17.01 4.92
CA GLN D 426 -7.43 16.28 4.21
C GLN D 426 -6.07 16.77 4.70
N TYR D 427 -5.20 15.81 5.07
CA TYR D 427 -3.85 16.10 5.52
C TYR D 427 -2.82 15.63 4.49
N GLN D 428 -1.95 16.57 4.10
CA GLN D 428 -0.78 16.32 3.28
C GLN D 428 -1.17 15.50 2.04
N GLU D 429 -0.78 14.22 1.98
CA GLU D 429 -0.84 13.45 0.75
C GLU D 429 -2.29 13.19 0.34
N ALA D 430 -3.20 13.17 1.32
CA ALA D 430 -4.62 12.94 1.07
C ALA D 430 -5.25 14.10 0.32
N ILE D 431 -4.68 15.31 0.45
CA ILE D 431 -5.16 16.48 -0.26
C ILE D 431 -5.12 16.17 -1.75
N GLY D 432 -6.27 16.34 -2.43
CA GLY D 432 -6.40 16.00 -3.84
C GLY D 432 -7.35 14.82 -4.06
N ASP D 433 -7.64 14.07 -3.00
CA ASP D 433 -8.63 13.00 -3.05
C ASP D 433 -10.02 13.61 -3.23
N ASP D 434 -10.92 12.83 -3.84
CA ASP D 434 -12.27 13.30 -4.14
C ASP D 434 -13.04 13.56 -2.85
N ILE D 435 -13.72 14.72 -2.82
CA ILE D 435 -14.66 15.07 -1.76
C ILE D 435 -16.03 15.21 -2.41
N LEU D 436 -17.00 14.41 -1.93
CA LEU D 436 -18.34 14.39 -2.49
C LEU D 436 -19.11 15.62 -2.00
N LEU D 437 -19.57 16.44 -2.95
CA LEU D 437 -20.38 17.61 -2.63
C LEU D 437 -21.82 17.15 -2.36
N PRO D 438 -22.57 17.86 -1.49
CA PRO D 438 -24.01 17.64 -1.36
C PRO D 438 -24.70 17.70 -2.72
N GLN D 439 -25.74 16.88 -2.88
CA GLN D 439 -26.60 16.93 -4.05
C GLN D 439 -27.48 18.16 -3.95
N VAL D 440 -26.95 19.29 -4.44
CA VAL D 440 -27.61 20.59 -4.40
C VAL D 440 -27.45 21.23 -5.78
N GLU D 441 -27.96 22.46 -5.95
CA GLU D 441 -28.02 23.13 -7.23
C GLU D 441 -27.76 24.63 -7.05
N GLY D 442 -27.23 25.29 -8.08
CA GLY D 442 -26.99 26.72 -8.05
C GLY D 442 -25.63 27.05 -7.43
N HIS D 443 -25.42 28.34 -7.15
CA HIS D 443 -24.20 28.83 -6.50
C HIS D 443 -24.28 28.56 -4.99
N HIS D 444 -23.13 28.21 -4.41
CA HIS D 444 -23.01 27.89 -2.99
C HIS D 444 -21.68 28.38 -2.46
N GLN D 445 -21.61 28.65 -1.15
CA GLN D 445 -20.39 29.15 -0.52
C GLN D 445 -19.46 27.98 -0.19
N LEU D 446 -18.28 27.97 -0.83
CA LEU D 446 -17.24 27.00 -0.53
C LEU D 446 -16.17 27.67 0.33
N ASP D 447 -15.88 27.06 1.48
CA ASP D 447 -14.85 27.57 2.38
C ASP D 447 -13.77 26.50 2.55
N LEU D 448 -12.51 26.91 2.39
CA LEU D 448 -11.37 26.03 2.59
C LEU D 448 -10.42 26.68 3.57
N LEU D 449 -10.39 26.17 4.80
CA LEU D 449 -9.45 26.63 5.80
C LEU D 449 -8.16 25.81 5.69
N VAL D 450 -7.05 26.48 5.38
CA VAL D 450 -5.78 25.81 5.11
C VAL D 450 -4.81 26.16 6.22
N GLU D 451 -4.18 25.13 6.80
CA GLU D 451 -3.24 25.34 7.89
C GLU D 451 -1.81 25.10 7.42
N ASN D 452 -0.93 26.07 7.67
CA ASN D 452 0.51 25.92 7.60
C ASN D 452 0.97 25.29 8.91
N MET D 453 1.48 24.05 8.82
CA MET D 453 1.91 23.30 10.01
C MET D 453 3.43 23.38 10.17
N SER D 454 4.06 24.17 9.27
CA SER D 454 5.42 24.67 9.38
C SER D 454 6.28 24.07 8.26
N ARG D 455 7.25 24.86 7.81
CA ARG D 455 8.07 24.51 6.67
C ARG D 455 9.26 23.67 7.12
N VAL D 456 9.66 22.72 6.28
CA VAL D 456 10.74 21.79 6.57
C VAL D 456 12.00 22.59 6.88
N ASN D 457 12.74 22.13 7.89
CA ASN D 457 13.85 22.88 8.44
C ASN D 457 15.19 22.19 8.19
N TYR D 458 15.19 21.06 7.48
CA TYR D 458 16.43 20.31 7.24
C TYR D 458 16.27 19.40 6.03
N GLY D 459 17.31 19.41 5.18
CA GLY D 459 17.49 18.37 4.18
C GLY D 459 16.99 18.79 2.80
N ALA D 460 16.61 17.79 1.99
CA ALA D 460 16.39 17.98 0.57
C ALA D 460 15.23 18.92 0.29
N LYS D 461 14.27 19.00 1.23
CA LYS D 461 12.99 19.65 0.94
C LYS D 461 12.97 21.10 1.43
N ILE D 462 14.11 21.66 1.82
CA ILE D 462 14.14 23.03 2.29
C ILE D 462 13.58 23.97 1.22
N GLU D 463 13.78 23.62 -0.06
CA GLU D 463 13.24 24.42 -1.17
C GLU D 463 12.23 23.61 -1.96
N ALA D 464 11.53 22.67 -1.31
CA ALA D 464 10.52 21.89 -1.99
C ALA D 464 9.33 22.79 -2.32
N ILE D 465 8.59 22.41 -3.37
CA ILE D 465 7.42 23.17 -3.81
C ILE D 465 6.35 23.15 -2.73
N THR D 466 6.41 22.16 -1.83
CA THR D 466 5.49 22.03 -0.71
C THR D 466 5.82 23.00 0.42
N GLN D 467 6.92 23.76 0.31
CA GLN D 467 7.24 24.77 1.32
C GLN D 467 6.30 25.97 1.20
N PHE D 468 5.66 26.11 0.03
CA PHE D 468 4.59 27.09 -0.15
C PHE D 468 3.32 26.57 0.51
N LYS D 469 2.70 27.39 1.38
CA LYS D 469 1.58 26.95 2.19
C LYS D 469 0.33 27.74 1.78
N GLY D 470 -0.79 27.03 1.68
CA GLY D 470 -2.01 27.55 1.10
C GLY D 470 -2.39 26.74 -0.12
N ILE D 471 -3.21 27.32 -1.01
CA ILE D 471 -3.57 26.66 -2.25
C ILE D 471 -2.74 27.26 -3.38
N ARG D 472 -1.99 26.41 -4.09
CA ARG D 472 -1.05 26.87 -5.10
C ARG D 472 -1.68 26.84 -6.49
N THR D 473 -2.39 25.76 -6.82
CA THR D 473 -2.91 25.60 -8.19
C THR D 473 -4.38 26.02 -8.24
N GLY D 474 -5.26 25.31 -7.52
CA GLY D 474 -6.67 25.66 -7.53
C GLY D 474 -7.57 24.59 -6.93
N VAL D 475 -8.89 24.78 -7.11
CA VAL D 475 -9.92 23.89 -6.63
C VAL D 475 -10.84 23.52 -7.80
N MET D 476 -11.16 22.23 -7.92
CA MET D 476 -11.98 21.72 -9.01
C MET D 476 -13.34 21.29 -8.49
N VAL D 477 -14.38 21.65 -9.23
CA VAL D 477 -15.73 21.10 -9.06
C VAL D 477 -16.07 20.35 -10.34
N ASP D 478 -16.45 19.09 -10.20
CA ASP D 478 -16.58 18.19 -11.35
C ASP D 478 -15.24 18.20 -12.08
N LEU D 479 -15.20 18.68 -13.34
CA LEU D 479 -14.00 18.57 -14.14
C LEU D 479 -13.30 19.92 -14.32
N HIS D 480 -13.83 21.00 -13.71
CA HIS D 480 -13.34 22.33 -14.00
C HIS D 480 -12.80 23.01 -12.73
N PHE D 481 -11.71 23.77 -12.90
CA PHE D 481 -11.22 24.68 -11.89
C PHE D 481 -12.18 25.86 -11.76
N ILE D 482 -12.47 26.26 -10.53
CA ILE D 482 -13.36 27.38 -10.29
C ILE D 482 -12.58 28.69 -10.36
N LYS D 483 -13.30 29.78 -10.63
CA LYS D 483 -12.76 31.13 -10.68
C LYS D 483 -13.49 31.99 -9.65
N GLY D 484 -12.76 32.90 -9.01
CA GLY D 484 -13.34 33.83 -8.06
C GLY D 484 -13.10 33.38 -6.62
N TYR D 485 -12.08 33.96 -5.99
CA TYR D 485 -11.74 33.65 -4.60
C TYR D 485 -11.71 34.94 -3.79
N GLN D 486 -12.13 34.83 -2.52
CA GLN D 486 -11.74 35.78 -1.49
C GLN D 486 -10.76 35.05 -0.57
N GLN D 487 -9.59 35.68 -0.35
CA GLN D 487 -8.49 35.05 0.35
C GLN D 487 -8.26 35.81 1.66
N TYR D 488 -8.46 35.10 2.79
CA TYR D 488 -8.37 35.69 4.10
C TYR D 488 -7.08 35.22 4.79
N PRO D 489 -6.01 36.06 4.85
CA PRO D 489 -4.86 35.75 5.68
C PRO D 489 -5.13 36.07 7.15
N LEU D 490 -5.48 35.04 7.92
CA LEU D 490 -6.00 35.22 9.27
C LEU D 490 -4.87 35.62 10.22
N ASP D 491 -5.09 36.71 10.96
CA ASP D 491 -4.21 37.12 12.03
C ASP D 491 -4.88 36.82 13.37
N LEU D 492 -4.52 35.69 13.97
CA LEU D 492 -5.15 35.24 15.21
C LEU D 492 -4.76 36.14 16.39
N ASN D 493 -3.76 37.01 16.22
CA ASN D 493 -3.39 37.94 17.27
C ASN D 493 -4.48 39.01 17.42
N GLN D 494 -5.48 39.00 16.54
CA GLN D 494 -6.65 39.85 16.66
C GLN D 494 -7.71 39.19 17.55
N ALA D 495 -7.45 37.97 18.04
CA ALA D 495 -8.45 37.19 18.75
C ALA D 495 -9.04 37.96 19.94
N PRO D 496 -8.24 38.70 20.74
CA PRO D 496 -8.80 39.45 21.87
C PRO D 496 -9.73 40.62 21.51
N GLU D 497 -9.71 41.04 20.23
CA GLU D 497 -10.58 42.12 19.76
C GLU D 497 -11.93 41.58 19.28
N LEU D 498 -12.08 40.26 19.21
CA LEU D 498 -13.26 39.66 18.61
C LEU D 498 -14.50 39.98 19.44
N ASP D 499 -15.64 40.10 18.76
CA ASP D 499 -16.94 40.24 19.38
C ASP D 499 -17.55 38.85 19.59
N PHE D 500 -17.46 38.34 20.83
CA PHE D 500 -17.86 36.97 21.15
C PHE D 500 -19.38 36.85 21.35
N SER D 501 -20.08 37.99 21.39
CA SER D 501 -21.54 37.99 21.47
C SER D 501 -22.17 37.58 20.14
N LYS D 502 -21.35 37.45 19.08
CA LYS D 502 -21.83 36.94 17.80
C LYS D 502 -21.96 35.42 17.86
N ASP D 503 -22.57 34.85 16.83
CA ASP D 503 -23.16 33.53 16.87
C ASP D 503 -22.08 32.44 16.85
N TRP D 504 -22.41 31.30 17.46
CA TRP D 504 -21.59 30.09 17.39
C TRP D 504 -22.41 28.96 16.80
N GLN D 505 -21.74 28.09 16.03
CA GLN D 505 -22.36 26.92 15.41
C GLN D 505 -21.49 25.71 15.67
N PRO D 506 -22.06 24.50 15.85
CA PRO D 506 -21.26 23.29 16.08
C PRO D 506 -20.55 22.81 14.81
N GLU D 507 -19.52 21.97 15.01
CA GLU D 507 -18.75 21.39 13.91
C GLU D 507 -18.27 22.50 12.98
N THR D 508 -17.44 23.37 13.53
CA THR D 508 -17.07 24.62 12.90
C THR D 508 -15.84 25.20 13.62
N PRO D 509 -14.85 25.77 12.90
CA PRO D 509 -13.75 26.48 13.54
C PRO D 509 -14.33 27.62 14.40
N ALA D 510 -13.82 27.76 15.63
CA ALA D 510 -14.38 28.73 16.55
C ALA D 510 -13.33 29.16 17.57
N PHE D 511 -13.59 30.31 18.19
CA PHE D 511 -12.81 30.81 19.30
C PHE D 511 -13.58 30.57 20.60
N TYR D 512 -12.87 30.15 21.65
CA TYR D 512 -13.45 29.89 22.95
C TYR D 512 -12.67 30.66 24.01
N LYS D 513 -13.35 31.56 24.73
CA LYS D 513 -12.71 32.44 25.69
C LYS D 513 -12.90 31.89 27.10
N TYR D 514 -11.80 31.83 27.86
CA TYR D 514 -11.85 31.47 29.27
C TYR D 514 -11.22 32.61 30.07
N THR D 515 -12.07 33.32 30.84
CA THR D 515 -11.62 34.35 31.76
C THR D 515 -11.39 33.77 33.16
N PHE D 516 -10.32 34.22 33.83
CA PHE D 516 -10.02 33.76 35.16
C PHE D 516 -9.14 34.77 35.88
N ASP D 517 -9.21 34.76 37.22
CA ASP D 517 -8.50 35.72 38.05
C ASP D 517 -7.29 35.03 38.68
N LEU D 518 -6.20 35.79 38.82
CA LEU D 518 -5.01 35.35 39.54
C LEU D 518 -4.67 36.36 40.62
N THR D 519 -4.36 35.86 41.82
CA THR D 519 -3.80 36.71 42.88
C THR D 519 -2.32 36.91 42.61
N GLU D 520 -1.63 35.83 42.19
CA GLU D 520 -0.21 35.87 41.89
C GLU D 520 0.09 34.97 40.69
N PRO D 521 0.77 35.49 39.63
CA PRO D 521 1.14 34.66 38.48
C PRO D 521 2.29 33.68 38.75
N HIS D 522 2.12 32.44 38.27
CA HIS D 522 3.16 31.44 38.29
C HIS D 522 3.14 30.65 36.98
N ASP D 523 4.21 29.88 36.74
CA ASP D 523 4.27 28.96 35.61
C ASP D 523 3.09 27.99 35.70
N THR D 524 2.58 27.55 34.54
CA THR D 524 1.44 26.65 34.51
C THR D 524 1.38 25.87 33.20
N TYR D 525 0.51 24.86 33.17
CA TYR D 525 0.26 24.06 31.99
C TYR D 525 -1.22 24.09 31.65
N LEU D 526 -1.53 24.37 30.38
CA LEU D 526 -2.90 24.32 29.88
C LEU D 526 -3.21 22.89 29.43
N ASP D 527 -4.28 22.32 29.98
CA ASP D 527 -4.72 20.98 29.62
C ASP D 527 -5.55 21.07 28.34
N CYS D 528 -5.09 20.37 27.28
CA CYS D 528 -5.66 20.50 25.96
C CYS D 528 -6.57 19.31 25.63
N ARG D 529 -6.83 18.43 26.61
CA ARG D 529 -7.35 17.10 26.32
C ARG D 529 -8.70 17.05 25.60
N GLY D 530 -9.68 17.92 25.93
CA GLY D 530 -10.99 17.83 25.28
C GLY D 530 -11.13 18.70 24.03
N PHE D 531 -9.98 19.20 23.53
CA PHE D 531 -9.95 20.04 22.34
C PHE D 531 -9.33 19.25 21.20
N GLY D 532 -9.79 19.51 19.96
CA GLY D 532 -9.42 18.72 18.81
C GLY D 532 -8.04 19.11 18.26
N LYS D 533 -7.95 20.32 17.71
CA LYS D 533 -6.72 20.83 17.15
C LYS D 533 -6.81 22.35 17.02
N GLY D 534 -5.67 23.03 17.20
CA GLY D 534 -5.60 24.47 17.03
C GLY D 534 -4.46 25.10 17.83
N VAL D 535 -4.69 26.33 18.31
CA VAL D 535 -3.71 27.06 19.11
C VAL D 535 -4.44 27.72 20.28
N MET D 536 -3.65 28.11 21.30
CA MET D 536 -4.17 28.84 22.44
C MET D 536 -3.38 30.14 22.62
N LEU D 537 -4.11 31.24 22.88
CA LEU D 537 -3.51 32.54 23.12
C LEU D 537 -3.75 32.95 24.57
N VAL D 538 -2.66 33.28 25.28
CA VAL D 538 -2.71 33.70 26.67
C VAL D 538 -2.46 35.21 26.72
N ASN D 539 -3.48 35.98 27.11
CA ASN D 539 -3.43 37.43 27.16
C ASN D 539 -2.91 37.98 25.84
N GLY D 540 -3.37 37.39 24.73
CA GLY D 540 -3.10 37.89 23.39
C GLY D 540 -1.84 37.30 22.76
N VAL D 541 -1.19 36.34 23.44
CA VAL D 541 0.06 35.77 22.98
C VAL D 541 -0.13 34.27 22.70
N ASN D 542 0.13 33.88 21.44
CA ASN D 542 -0.03 32.51 20.98
C ASN D 542 1.10 31.66 21.55
N VAL D 543 0.75 30.73 22.46
CA VAL D 543 1.75 29.94 23.17
C VAL D 543 2.01 28.61 22.46
N GLY D 544 1.27 28.33 21.37
CA GLY D 544 1.62 27.23 20.51
C GLY D 544 0.42 26.36 20.14
N ARG D 545 0.71 25.24 19.46
CA ARG D 545 -0.30 24.37 18.88
C ARG D 545 -0.66 23.26 19.86
N PHE D 546 -1.88 22.74 19.71
CA PHE D 546 -2.29 21.51 20.36
C PHE D 546 -2.96 20.59 19.34
N TRP D 547 -2.98 19.30 19.67
CA TRP D 547 -3.57 18.29 18.80
C TRP D 547 -3.86 17.04 19.63
N GLU D 548 -5.10 16.55 19.54
CA GLU D 548 -5.50 15.34 20.25
C GLU D 548 -4.63 14.14 19.87
N LYS D 549 -4.00 14.20 18.69
CA LYS D 549 -3.13 13.14 18.20
C LYS D 549 -2.05 12.79 19.23
N GLY D 550 -1.47 13.79 19.88
CA GLY D 550 -0.47 13.55 20.93
C GLY D 550 0.94 13.41 20.35
N PRO D 551 1.96 13.05 21.18
CA PRO D 551 1.78 12.64 22.57
C PRO D 551 1.62 13.76 23.60
N THR D 552 2.07 14.98 23.25
CA THR D 552 1.90 16.14 24.11
C THR D 552 0.44 16.60 24.10
N LEU D 553 -0.16 16.66 25.30
CA LEU D 553 -1.57 17.00 25.46
C LEU D 553 -1.74 18.21 26.38
N SER D 554 -0.73 19.08 26.43
CA SER D 554 -0.80 20.31 27.19
C SER D 554 0.10 21.37 26.56
N LEU D 555 -0.01 22.61 27.05
CA LEU D 555 0.80 23.73 26.60
C LEU D 555 1.40 24.42 27.81
N TYR D 556 2.74 24.53 27.85
CA TYR D 556 3.41 25.27 28.88
C TYR D 556 3.11 26.76 28.72
N VAL D 557 2.86 27.43 29.86
CA VAL D 557 2.66 28.87 29.89
C VAL D 557 3.55 29.44 30.98
N PRO D 558 4.58 30.24 30.65
CA PRO D 558 5.44 30.83 31.68
C PRO D 558 4.71 31.92 32.45
N ALA D 559 5.19 32.20 33.67
CA ALA D 559 4.56 33.16 34.57
C ALA D 559 4.51 34.54 33.93
N GLY D 560 5.56 34.87 33.17
CA GLY D 560 5.69 36.20 32.57
C GLY D 560 4.58 36.57 31.60
N LEU D 561 3.84 35.57 31.07
CA LEU D 561 2.72 35.84 30.18
C LEU D 561 1.42 36.08 30.98
N LEU D 562 1.49 35.91 32.30
CA LEU D 562 0.34 36.07 33.18
C LEU D 562 0.57 37.28 34.08
N HIS D 563 -0.51 37.75 34.71
CA HIS D 563 -0.42 38.86 35.66
C HIS D 563 -1.44 38.65 36.77
N ALA D 564 -1.23 39.37 37.88
CA ALA D 564 -2.23 39.56 38.90
C ALA D 564 -3.44 40.28 38.30
N GLY D 565 -4.64 39.80 38.64
CA GLY D 565 -5.85 40.36 38.08
C GLY D 565 -6.56 39.39 37.14
N GLN D 566 -7.31 39.95 36.19
CA GLN D 566 -8.18 39.17 35.31
C GLN D 566 -7.40 38.81 34.05
N ASN D 567 -7.17 37.50 33.86
CA ASN D 567 -6.42 36.98 32.74
C ASN D 567 -7.39 36.35 31.75
N GLU D 568 -6.88 36.02 30.55
CA GLU D 568 -7.72 35.56 29.47
C GLU D 568 -6.98 34.55 28.60
N VAL D 569 -7.60 33.38 28.41
CA VAL D 569 -7.13 32.42 27.43
C VAL D 569 -8.19 32.34 26.32
N ILE D 570 -7.73 32.42 25.07
CA ILE D 570 -8.59 32.24 23.91
C ILE D 570 -8.08 31.03 23.12
N VAL D 571 -8.94 30.05 22.91
CA VAL D 571 -8.63 28.86 22.15
C VAL D 571 -9.22 29.00 20.76
N PHE D 572 -8.37 28.87 19.74
CA PHE D 572 -8.83 28.67 18.38
C PHE D 572 -8.76 27.18 18.06
N GLU D 573 -9.91 26.60 17.72
CA GLU D 573 -10.06 25.17 17.57
C GLU D 573 -10.82 24.89 16.29
N THR D 574 -10.32 23.93 15.50
CA THR D 574 -10.72 23.79 14.11
C THR D 574 -11.56 22.54 13.84
N GLU D 575 -11.54 21.55 14.74
CA GLU D 575 -12.17 20.26 14.49
C GLU D 575 -13.62 20.24 14.96
N GLY D 576 -13.97 21.13 15.89
CA GLY D 576 -15.30 21.15 16.47
C GLY D 576 -15.40 20.42 17.81
N ARG D 577 -14.24 20.06 18.39
CA ARG D 577 -14.20 19.42 19.70
C ARG D 577 -13.57 20.40 20.70
N TYR D 578 -14.31 20.73 21.76
CA TYR D 578 -13.86 21.68 22.77
C TYR D 578 -14.34 21.24 24.15
N ALA D 579 -13.75 21.83 25.19
CA ALA D 579 -14.10 21.52 26.56
C ALA D 579 -14.85 22.69 27.17
N GLU D 580 -15.86 22.38 27.98
CA GLU D 580 -16.71 23.38 28.61
C GLU D 580 -15.92 24.12 29.69
N SER D 581 -14.81 23.54 30.15
CA SER D 581 -13.94 24.23 31.10
C SER D 581 -12.47 23.98 30.76
N LEU D 582 -11.68 25.06 30.82
CA LEU D 582 -10.25 24.99 30.59
C LEU D 582 -9.56 24.64 31.90
N LYS D 583 -8.87 23.49 31.92
CA LYS D 583 -8.19 23.02 33.11
C LYS D 583 -6.71 23.42 33.03
N MET D 584 -6.17 23.88 34.17
CA MET D 584 -4.76 24.21 34.28
C MET D 584 -4.13 23.26 35.29
N ALA D 585 -3.02 22.62 34.88
CA ALA D 585 -2.39 21.57 35.66
C ALA D 585 -0.98 22.00 36.07
N ASP D 586 -0.39 21.30 37.04
CA ASP D 586 0.90 21.65 37.60
C ASP D 586 2.02 20.82 36.97
N HIS D 587 1.67 20.00 35.97
CA HIS D 587 2.65 19.15 35.28
C HIS D 587 2.26 19.03 33.81
N PRO D 588 3.19 18.71 32.89
CA PRO D 588 2.83 18.45 31.50
C PRO D 588 2.08 17.12 31.34
N ILE D 589 0.97 17.16 30.60
CA ILE D 589 0.13 15.99 30.38
C ILE D 589 0.58 15.29 29.11
N PHE D 590 0.61 13.95 29.14
CA PHE D 590 0.99 13.16 27.98
C PHE D 590 0.01 12.01 27.79
N GLU D 591 -0.14 11.59 26.53
CA GLU D 591 -0.91 10.40 26.17
C GLU D 591 -0.11 9.62 25.12
N GLU D 592 -0.39 8.32 25.04
CA GLU D 592 0.22 7.47 24.03
C GLU D 592 -0.53 7.66 22.71
N PRO D 593 0.16 7.97 21.58
CA PRO D 593 -0.51 8.24 20.31
C PRO D 593 -0.92 6.94 19.60
#